data_8A19
#
_entry.id   8A19
#
_cell.length_a   192.757
_cell.length_b   192.757
_cell.length_c   122.834
_cell.angle_alpha   90
_cell.angle_beta   90
_cell.angle_gamma   120
#
_symmetry.space_group_name_H-M   'P 65'
#
loop_
_entity.id
_entity.type
_entity.pdbx_description
1 polymer L1E4v1
2 polymer 6-(2-methoxyethoxy)-11,15-dimethyl-8-oxa-2,11,15,19,21,23-hexazatetracyclo[15.6.1.13,7.020,24]pentacosa-1(23),3(25),4,6,17,20(24),21-heptaen-10-one
3 non-polymer 'MANGANESE (II) ION'
4 non-polymer (4S)-2-METHYL-2,4-PENTANEDIOL
5 non-polymer '2-(N-MORPHOLINO)-ETHANESULFONIC ACID'
6 non-polymer 'CHLORIDE ION'
7 water water
#
loop_
_entity_poly.entity_id
_entity_poly.type
_entity_poly.pdbx_seq_one_letter_code
_entity_poly.pdbx_strand_id
1 'polypeptide(L)'
;SMVACETLKTKKMEVQIKKNFPSVLQYTMTDGKVMYGQSKDVRTVEINGTNIELGDDDVTFKKVSDTEATYTLKVKDEAK
KIDAVITVQITVKANQLHLNVTKIKNNLSEGIPEGNGVEENAIQTLSFPNQSLVSVRSSQENAQFTGARMSSNTQKPGDT
NFAVTEDTNVTDSDYTYGFISGAGLSAGLWSNSEHDGTYVAAPVRGGSQNTRVYATTQQTGDATSLGLASAPWYYHRTVT
DSKGKKYTVAETALPQMAVAIAGDENEDGAVNWQDGAIAYRDIMNNPYKSEEVPELVAWRIAMNFGSQAQNPFLTTLDNV
KKVALNTDGLGQSVLLKGYGNEGHDSGHPDYGDIGQRLGGADDMNTMMEEGSKYGARFGVHVNASEMYPEAKAFSEDMVR
RNSAGGLSYGWNWLDQGVGIDGIYDLASGSRVSRFADLSKEVGDNMDFIYLDVWGNLTSSGSEDSWETRKMSKMINDNGW
RMTTEWGSGNEYDSTFQHWAADLTYGGYTSKGENSEVMRFLRNHQKDSWVGDYPQYGGAANAPLLGGYNMKDFEGWQGRN
DYAAYIKNLYTHDVSTKFIQHFKVTRWVNNPLLTADNGNAAAVSDPNTNNGNEQITLKDSNGNVVVVSRGSNDTSSAAYR
QRTITFNGVKVASGVVSAGDGSATGDESYLLPWMWDSFTGKLVKDSEQKLYHWNTKGGTTTWTLPDSWKNLSSVKVYQLT
DQGKTNEQTVAVSGGKVTLTADAETPYVVYKGEAKQIQVNWSEGMHVVDAGFNGGSNTLTDNWTVSGSGKAEVEGDNNAM
LRLTGKVDVSQRLTDLKAGQKYALYVGVDNRSTGDASVTVTSGGKVLATNSTGKSIAKNYIKAYGHNTNSNTENGSSYFQ
NMYVFFTAPENGDATVTLSHKSTDGAHTYFDDVRIVENQYSGITYEKDGTLKSLTNGFENNAQGIWPFVVSGSEGVEDNR
IHLSELHAPFTRAGWDVKKMDDVLDGTWSVKVNGLTQKGTLVYQTIPQNVKFEAGAKYKVSFDYQSGSDDIYAIAVGQGE
YSAGSVKLTNLKKALGETGKAEFELTGGVNGDSWFGIYSTATAPDLQGSTGNAQDFGGYKDFVLDNLKIERIESQTRTKA
EAQDKVKEIRGKYDSKRAELSDAAWQQYQDTLVKARVLINKNGATAEDFTKAYDILVALDEYMKLKDLDRKLLEAAWVGH
DDEVRILMANGADVNARDMYGQTPLHLAAFRGHLEIVEVLLKTGADVNAQDVTGTTPLHLAAAVGHLDIVEVLLKAGADV
NAQDWHGETPLHLAAHRGHLEFVEVLLKHGADVNAQDCFGKTPFDLAIDNGNEDIAEVLQKAAKLGS
;
A
2 'polypeptide(L)' (1Y6)P(HPE)L(AIB)LL(AIB)(AIB)(BAL)(KQ9) B
#
loop_
_chem_comp.id
_chem_comp.type
_chem_comp.name
_chem_comp.formula
1Y6 non-polymer '4-fluorobenzoic acid' 'C7 H5 F O2'
BAL peptide-like BETA-ALANINE 'C3 H7 N O2'
CL non-polymer 'CHLORIDE ION' 'Cl -1'
KQ9 non-polymer 1-[(dimethylamino)methyl]cyclobutan-1-amine 'C7 H16 N2'
MES non-polymer '2-(N-MORPHOLINO)-ETHANESULFONIC ACID' 'C6 H13 N O4 S'
MN non-polymer 'MANGANESE (II) ION' 'Mn 2'
MPD non-polymer (4S)-2-METHYL-2,4-PENTANEDIOL 'C6 H14 O2'
#
# COMPACT_ATOMS: atom_id res chain seq x y z
N SER A 1 -16.87 40.13 49.96
CA SER A 1 -15.81 39.49 50.76
C SER A 1 -16.37 38.23 51.43
N MET A 2 -17.58 38.33 51.99
CA MET A 2 -18.24 37.19 52.62
C MET A 2 -19.15 36.39 51.65
N VAL A 3 -19.40 36.94 50.44
CA VAL A 3 -20.19 36.32 49.38
C VAL A 3 -19.38 35.13 48.86
N ALA A 4 -20.00 33.92 48.80
CA ALA A 4 -19.35 32.68 48.40
C ALA A 4 -19.35 32.39 46.90
N CYS A 5 -19.51 33.43 46.09
CA CYS A 5 -19.48 33.33 44.65
C CYS A 5 -18.83 34.60 44.05
N GLU A 6 -18.38 34.49 42.81
CA GLU A 6 -17.81 35.63 42.07
C GLU A 6 -18.40 35.69 40.65
N THR A 7 -18.14 36.76 39.91
CA THR A 7 -18.66 36.90 38.56
C THR A 7 -17.56 37.21 37.55
N LEU A 8 -17.44 36.34 36.54
CA LEU A 8 -16.53 36.61 35.44
C LEU A 8 -17.40 37.13 34.27
N LYS A 9 -16.90 38.12 33.51
CA LYS A 9 -17.67 38.77 32.45
C LYS A 9 -16.95 38.96 31.14
N THR A 10 -17.71 38.76 30.05
CA THR A 10 -17.30 39.07 28.67
C THR A 10 -18.41 39.96 28.07
N LYS A 11 -18.27 40.43 26.81
CA LYS A 11 -19.37 41.19 26.18
C LYS A 11 -20.54 40.28 25.76
N LYS A 12 -20.33 38.94 25.78
CA LYS A 12 -21.34 37.97 25.40
C LYS A 12 -22.04 37.33 26.58
N MET A 13 -21.41 37.29 27.75
CA MET A 13 -22.02 36.62 28.89
C MET A 13 -21.41 37.00 30.23
N GLU A 14 -22.11 36.65 31.30
CA GLU A 14 -21.62 36.76 32.67
C GLU A 14 -21.79 35.40 33.29
N VAL A 15 -20.78 34.96 34.04
CA VAL A 15 -20.78 33.63 34.63
C VAL A 15 -20.57 33.75 36.13
N GLN A 16 -21.42 33.06 36.92
CA GLN A 16 -21.22 33.03 38.36
C GLN A 16 -20.42 31.80 38.68
N ILE A 17 -19.34 31.96 39.42
CA ILE A 17 -18.50 30.82 39.81
C ILE A 17 -18.45 30.72 41.34
N LYS A 18 -18.33 29.50 41.86
CA LYS A 18 -18.26 29.28 43.30
C LYS A 18 -16.83 29.56 43.81
N LYS A 19 -16.67 30.13 45.01
CA LYS A 19 -15.36 30.37 45.57
C LYS A 19 -14.78 29.12 46.23
N ASN A 20 -15.64 28.17 46.69
CA ASN A 20 -15.15 26.99 47.40
C ASN A 20 -14.77 25.81 46.51
N PHE A 21 -14.93 25.95 45.19
CA PHE A 21 -14.59 24.90 44.22
C PHE A 21 -14.59 25.50 42.83
N PRO A 22 -13.76 25.04 41.85
CA PRO A 22 -13.89 25.55 40.46
C PRO A 22 -15.18 25.02 39.81
N SER A 23 -16.32 25.63 40.17
N SER A 23 -16.30 25.64 40.14
CA SER A 23 -17.64 25.24 39.68
CA SER A 23 -17.61 25.23 39.67
C SER A 23 -18.34 26.45 39.13
C SER A 23 -18.40 26.41 39.18
N VAL A 24 -19.17 26.24 38.10
CA VAL A 24 -19.99 27.32 37.56
C VAL A 24 -21.38 27.13 38.16
N LEU A 25 -22.02 28.20 38.58
CA LEU A 25 -23.39 28.18 39.07
C LEU A 25 -24.33 28.32 37.82
N GLN A 26 -24.14 29.40 37.03
CA GLN A 26 -24.90 29.60 35.80
C GLN A 26 -24.19 30.58 34.85
N TYR A 27 -24.57 30.53 33.56
CA TYR A 27 -24.11 31.41 32.48
C TYR A 27 -25.35 32.23 32.07
N THR A 28 -25.21 33.55 31.98
CA THR A 28 -26.30 34.40 31.55
C THR A 28 -25.78 35.13 30.34
N MET A 29 -26.41 34.93 29.19
CA MET A 29 -25.99 35.59 27.96
C MET A 29 -26.55 37.00 27.94
N THR A 30 -26.04 37.85 27.05
CA THR A 30 -26.48 39.24 26.93
C THR A 30 -28.01 39.38 26.79
N ASP A 31 -28.66 38.46 26.06
CA ASP A 31 -30.11 38.48 25.89
C ASP A 31 -30.90 37.91 27.08
N GLY A 32 -30.23 37.63 28.21
CA GLY A 32 -30.88 37.11 29.39
C GLY A 32 -31.11 35.61 29.47
N LYS A 33 -30.77 34.82 28.41
CA LYS A 33 -30.95 33.37 28.50
C LYS A 33 -29.92 32.79 29.47
N VAL A 34 -30.31 31.76 30.22
CA VAL A 34 -29.49 31.15 31.25
C VAL A 34 -29.22 29.69 30.99
N MET A 35 -27.98 29.26 31.27
CA MET A 35 -27.59 27.86 31.21
C MET A 35 -27.01 27.51 32.56
N TYR A 36 -27.45 26.42 33.18
CA TYR A 36 -26.93 26.04 34.49
C TYR A 36 -25.56 25.38 34.40
N GLY A 37 -24.89 25.31 35.53
CA GLY A 37 -23.65 24.59 35.69
C GLY A 37 -23.89 23.49 36.69
N GLN A 38 -23.28 23.60 37.87
CA GLN A 38 -23.42 22.64 38.94
C GLN A 38 -24.16 23.33 40.07
N SER A 39 -25.47 23.12 40.11
CA SER A 39 -26.34 23.75 41.11
C SER A 39 -26.19 23.16 42.52
N LYS A 40 -25.62 21.95 42.63
CA LYS A 40 -25.46 21.28 43.91
C LYS A 40 -24.04 21.40 44.48
N ASP A 41 -23.90 21.15 45.79
CA ASP A 41 -22.58 21.22 46.43
C ASP A 41 -21.79 19.96 46.14
N VAL A 42 -21.15 19.92 44.98
CA VAL A 42 -20.34 18.76 44.60
C VAL A 42 -18.89 19.25 44.56
N ARG A 43 -18.03 18.67 45.39
CA ARG A 43 -16.65 19.10 45.49
C ARG A 43 -15.69 17.91 45.38
N THR A 44 -16.01 16.94 44.51
CA THR A 44 -15.19 15.75 44.35
C THR A 44 -14.00 15.87 43.39
N VAL A 45 -12.83 15.41 43.81
CA VAL A 45 -11.62 15.36 43.01
C VAL A 45 -11.19 13.88 43.04
N GLU A 46 -10.97 13.26 41.88
CA GLU A 46 -10.53 11.89 41.81
C GLU A 46 -9.06 11.92 41.48
N ILE A 47 -8.24 11.19 42.23
CA ILE A 47 -6.83 11.01 41.91
C ILE A 47 -6.58 9.52 42.04
N ASN A 48 -6.01 8.89 41.00
CA ASN A 48 -5.65 7.47 41.03
C ASN A 48 -6.81 6.57 41.38
N GLY A 49 -8.00 6.95 40.95
CA GLY A 49 -9.20 6.14 41.19
C GLY A 49 -9.89 6.37 42.52
N THR A 50 -9.36 7.26 43.36
CA THR A 50 -9.94 7.51 44.67
C THR A 50 -10.67 8.84 44.72
N ASN A 51 -11.95 8.83 45.11
CA ASN A 51 -12.72 10.07 45.21
C ASN A 51 -12.46 10.73 46.53
N ILE A 52 -12.10 12.02 46.52
CA ILE A 52 -11.86 12.81 47.73
C ILE A 52 -12.75 14.04 47.70
N GLU A 53 -13.56 14.25 48.75
CA GLU A 53 -14.46 15.38 48.82
C GLU A 53 -13.75 16.50 49.53
N LEU A 54 -13.75 17.68 48.91
CA LEU A 54 -13.03 18.82 49.45
C LEU A 54 -13.90 19.68 50.36
N GLY A 55 -13.30 20.13 51.45
CA GLY A 55 -13.92 21.00 52.42
C GLY A 55 -13.48 22.44 52.23
N ASP A 56 -14.07 23.37 53.00
CA ASP A 56 -13.77 24.80 52.88
C ASP A 56 -12.29 25.11 53.06
N ASP A 57 -11.64 24.37 53.95
CA ASP A 57 -10.24 24.59 54.24
C ASP A 57 -9.29 24.04 53.17
N ASP A 58 -9.78 23.19 52.26
CA ASP A 58 -8.99 22.61 51.19
C ASP A 58 -8.91 23.47 49.94
N VAL A 59 -9.68 24.57 49.84
CA VAL A 59 -9.66 25.40 48.63
C VAL A 59 -9.41 26.85 48.89
N THR A 60 -8.48 27.47 48.15
CA THR A 60 -8.30 28.91 48.19
C THR A 60 -8.68 29.48 46.82
N PHE A 61 -9.31 30.65 46.84
CA PHE A 61 -9.79 31.29 45.63
C PHE A 61 -9.17 32.67 45.46
N LYS A 62 -8.95 33.09 44.23
CA LYS A 62 -8.39 34.39 43.93
C LYS A 62 -8.97 34.86 42.59
N LYS A 63 -9.63 36.02 42.54
CA LYS A 63 -10.13 36.55 41.28
C LYS A 63 -9.04 37.41 40.67
N VAL A 64 -8.44 36.95 39.57
CA VAL A 64 -7.33 37.66 38.94
C VAL A 64 -7.84 38.89 38.22
N SER A 65 -8.88 38.73 37.43
CA SER A 65 -9.47 39.84 36.69
C SER A 65 -10.93 39.52 36.43
N ASP A 66 -11.63 40.36 35.64
CA ASP A 66 -13.01 40.07 35.28
C ASP A 66 -13.11 38.84 34.38
N THR A 67 -12.00 38.33 33.81
CA THR A 67 -12.05 37.17 32.94
C THR A 67 -11.30 35.95 33.50
N GLU A 68 -10.77 36.01 34.74
CA GLU A 68 -9.97 34.91 35.26
C GLU A 68 -10.01 34.76 36.76
N ALA A 69 -9.96 33.51 37.26
CA ALA A 69 -9.92 33.17 38.68
C ALA A 69 -9.07 31.94 38.85
N THR A 70 -8.27 31.90 39.93
CA THR A 70 -7.38 30.78 40.22
C THR A 70 -7.83 30.08 41.48
N TYR A 71 -7.76 28.75 41.50
CA TYR A 71 -8.10 27.94 42.65
C TYR A 71 -6.89 27.13 43.06
N THR A 72 -6.73 26.90 44.35
CA THR A 72 -5.68 26.03 44.87
C THR A 72 -6.40 24.99 45.68
N LEU A 73 -6.33 23.71 45.28
CA LEU A 73 -7.05 22.60 45.90
C LEU A 73 -6.12 21.62 46.63
N LYS A 74 -6.37 21.37 47.92
CA LYS A 74 -5.57 20.41 48.69
C LYS A 74 -6.28 19.08 48.62
N VAL A 75 -5.75 18.15 47.85
CA VAL A 75 -6.36 16.85 47.64
C VAL A 75 -5.54 15.82 48.41
N LYS A 76 -6.10 15.31 49.52
CA LYS A 76 -5.36 14.41 50.42
C LYS A 76 -6.15 13.19 50.95
N ASP A 77 -5.50 12.04 50.92
CA ASP A 77 -6.01 10.78 51.44
C ASP A 77 -4.79 9.95 51.85
N GLU A 78 -4.47 9.97 53.16
CA GLU A 78 -3.34 9.26 53.78
C GLU A 78 -3.30 7.76 53.48
N ALA A 79 -4.44 7.06 53.66
CA ALA A 79 -4.54 5.62 53.44
C ALA A 79 -4.28 5.23 52.00
N LYS A 80 -4.72 6.08 51.06
CA LYS A 80 -4.55 5.78 49.64
C LYS A 80 -3.29 6.40 49.03
N LYS A 81 -2.40 6.98 49.86
CA LYS A 81 -1.13 7.53 49.39
C LYS A 81 -1.34 8.65 48.37
N ILE A 82 -2.15 9.64 48.76
CA ILE A 82 -2.43 10.83 47.96
C ILE A 82 -2.22 12.06 48.81
N ASP A 83 -1.37 12.99 48.37
CA ASP A 83 -1.14 14.27 49.04
C ASP A 83 -0.71 15.23 47.93
N ALA A 84 -1.69 15.95 47.33
CA ALA A 84 -1.47 16.81 46.18
C ALA A 84 -2.05 18.21 46.33
N VAL A 85 -1.49 19.16 45.56
CA VAL A 85 -1.99 20.53 45.48
C VAL A 85 -2.23 20.80 44.00
N ILE A 86 -3.51 20.88 43.61
CA ILE A 86 -3.93 21.10 42.24
C ILE A 86 -4.26 22.58 42.08
N THR A 87 -3.67 23.26 41.08
CA THR A 87 -4.00 24.64 40.78
C THR A 87 -4.91 24.61 39.52
N VAL A 88 -6.08 25.25 39.60
CA VAL A 88 -7.06 25.26 38.53
C VAL A 88 -7.36 26.69 38.12
N GLN A 89 -7.32 26.95 36.82
CA GLN A 89 -7.61 28.26 36.25
C GLN A 89 -8.97 28.22 35.53
N ILE A 90 -9.85 29.21 35.78
CA ILE A 90 -11.09 29.34 35.04
C ILE A 90 -11.00 30.66 34.28
N THR A 91 -11.08 30.62 32.94
CA THR A 91 -11.06 31.85 32.13
C THR A 91 -12.28 31.93 31.21
N VAL A 92 -12.65 33.15 30.82
CA VAL A 92 -13.76 33.35 29.91
C VAL A 92 -13.36 34.28 28.79
N LYS A 93 -13.85 34.01 27.59
CA LYS A 93 -13.65 34.89 26.44
C LYS A 93 -14.81 34.67 25.52
N ALA A 94 -15.52 35.75 25.14
CA ALA A 94 -16.70 35.65 24.28
C ALA A 94 -17.77 34.67 24.95
N ASN A 95 -18.30 33.61 24.29
CA ASN A 95 -19.22 32.66 24.87
C ASN A 95 -18.49 31.41 25.35
N GLN A 96 -17.18 31.50 25.62
CA GLN A 96 -16.40 30.36 26.03
C GLN A 96 -15.96 30.43 27.46
N LEU A 97 -15.90 29.28 28.12
CA LEU A 97 -15.37 29.18 29.47
C LEU A 97 -14.36 28.04 29.44
N HIS A 98 -13.16 28.26 29.97
CA HIS A 98 -12.08 27.29 29.98
C HIS A 98 -11.74 26.95 31.41
N LEU A 99 -11.48 25.68 31.68
CA LEU A 99 -11.08 25.21 32.98
C LEU A 99 -9.79 24.43 32.71
N ASN A 100 -8.67 24.92 33.22
CA ASN A 100 -7.37 24.32 32.96
C ASN A 100 -6.70 23.99 34.26
N VAL A 101 -6.07 22.83 34.38
CA VAL A 101 -5.30 22.49 35.57
C VAL A 101 -3.90 23.01 35.22
N THR A 102 -3.49 24.13 35.83
CA THR A 102 -2.21 24.76 35.45
C THR A 102 -0.99 24.26 36.21
N LYS A 103 -1.21 23.54 37.33
CA LYS A 103 -0.12 23.04 38.15
C LYS A 103 -0.58 21.88 39.02
N ILE A 104 0.25 20.83 39.11
CA ILE A 104 -0.02 19.68 39.96
C ILE A 104 1.22 19.46 40.82
N LYS A 105 1.10 19.68 42.13
CA LYS A 105 2.22 19.48 43.04
C LYS A 105 2.02 18.16 43.81
N ASN A 106 3.02 17.28 43.82
CA ASN A 106 2.91 16.02 44.56
C ASN A 106 3.82 16.10 45.81
N ASN A 107 3.20 16.16 47.00
CA ASN A 107 3.97 16.23 48.25
C ASN A 107 4.59 14.89 48.61
N LEU A 108 4.06 13.78 48.09
CA LEU A 108 4.60 12.44 48.33
C LEU A 108 5.64 12.01 47.30
N SER A 109 6.21 12.96 46.53
CA SER A 109 7.15 12.58 45.48
C SER A 109 8.13 13.65 45.08
N GLU A 110 9.31 13.22 44.70
CA GLU A 110 10.36 14.09 44.20
C GLU A 110 10.35 14.27 42.66
N GLY A 111 9.52 13.49 41.96
CA GLY A 111 9.35 13.58 40.51
C GLY A 111 9.67 12.28 39.82
N ILE A 112 9.70 12.32 38.49
CA ILE A 112 10.05 11.15 37.70
C ILE A 112 11.57 11.01 37.72
N PRO A 113 12.11 9.89 38.25
CA PRO A 113 13.57 9.70 38.23
C PRO A 113 14.10 9.64 36.79
N GLU A 114 15.33 10.09 36.54
CA GLU A 114 15.95 10.08 35.22
C GLU A 114 15.72 8.80 34.42
N GLY A 115 15.48 8.97 33.12
CA GLY A 115 15.26 7.86 32.22
C GLY A 115 13.88 7.24 32.35
N ASN A 116 12.91 8.05 32.83
CA ASN A 116 11.53 7.63 33.01
C ASN A 116 11.44 6.46 33.97
N GLY A 117 12.18 6.55 35.06
CA GLY A 117 12.09 5.54 36.11
C GLY A 117 10.74 5.63 36.80
N VAL A 118 10.38 4.60 37.58
CA VAL A 118 9.10 4.60 38.29
C VAL A 118 9.05 5.69 39.35
N GLU A 119 8.00 6.53 39.30
CA GLU A 119 7.78 7.57 40.28
C GLU A 119 6.86 6.96 41.31
N GLU A 120 7.32 6.79 42.56
CA GLU A 120 6.47 6.22 43.59
C GLU A 120 5.43 7.25 44.01
N ASN A 121 4.17 6.81 44.06
CA ASN A 121 3.01 7.63 44.44
C ASN A 121 2.64 8.69 43.40
N ALA A 122 3.00 8.44 42.13
CA ALA A 122 2.70 9.33 41.02
C ALA A 122 1.21 9.59 40.89
N ILE A 123 0.88 10.83 40.51
CA ILE A 123 -0.51 11.19 40.29
C ILE A 123 -0.71 10.79 38.84
N GLN A 124 -1.36 9.66 38.63
CA GLN A 124 -1.54 9.06 37.32
C GLN A 124 -2.78 9.56 36.58
N THR A 125 -3.89 9.68 37.28
CA THR A 125 -5.14 10.15 36.71
C THR A 125 -5.73 11.19 37.62
N LEU A 126 -6.52 12.09 37.03
CA LEU A 126 -7.19 13.17 37.72
C LEU A 126 -8.51 13.43 37.01
N SER A 127 -9.55 13.75 37.77
CA SER A 127 -10.86 14.09 37.22
C SER A 127 -11.70 14.77 38.28
N PHE A 128 -12.79 15.37 37.87
CA PHE A 128 -13.72 16.00 38.78
C PHE A 128 -15.04 15.31 38.61
N PRO A 129 -15.27 14.21 39.38
CA PRO A 129 -16.53 13.45 39.23
C PRO A 129 -17.80 14.28 39.34
N ASN A 130 -18.70 14.15 38.33
CA ASN A 130 -19.96 14.89 38.24
C ASN A 130 -19.76 16.40 38.43
N GLN A 131 -18.74 16.97 37.74
CA GLN A 131 -18.51 18.40 37.86
C GLN A 131 -19.63 19.25 37.25
N SER A 132 -20.44 18.69 36.34
CA SER A 132 -21.55 19.41 35.70
C SER A 132 -21.18 20.85 35.28
N LEU A 133 -20.17 20.99 34.38
CA LEU A 133 -19.71 22.31 33.93
C LEU A 133 -20.83 23.07 33.21
N VAL A 134 -21.65 22.33 32.45
CA VAL A 134 -22.88 22.77 31.80
C VAL A 134 -23.93 21.71 32.09
N SER A 135 -25.20 22.13 32.20
CA SER A 135 -26.28 21.19 32.46
C SER A 135 -27.62 21.68 31.91
N VAL A 136 -28.52 20.72 31.61
CA VAL A 136 -29.90 21.00 31.21
C VAL A 136 -30.83 20.22 32.14
N ARG A 137 -32.07 20.66 32.29
CA ARG A 137 -33.02 20.02 33.17
C ARG A 137 -34.26 19.62 32.43
N SER A 138 -34.92 18.51 32.86
CA SER A 138 -36.21 18.03 32.32
C SER A 138 -37.33 19.10 32.36
N SER A 139 -37.23 20.09 33.28
CA SER A 139 -38.19 21.18 33.38
C SER A 139 -38.00 22.30 32.34
N GLN A 140 -36.90 22.25 31.54
CA GLN A 140 -36.62 23.26 30.52
C GLN A 140 -37.25 22.90 29.19
N GLU A 141 -37.60 23.90 28.40
CA GLU A 141 -38.16 23.69 27.09
C GLU A 141 -37.13 23.04 26.17
N ASN A 142 -37.53 21.96 25.51
CA ASN A 142 -36.78 21.14 24.55
C ASN A 142 -35.44 20.66 25.07
N ALA A 143 -35.40 20.21 26.35
CA ALA A 143 -34.17 19.71 26.93
C ALA A 143 -33.73 18.43 26.22
N GLN A 144 -32.50 18.41 25.68
CA GLN A 144 -32.01 17.26 24.95
C GLN A 144 -30.51 17.05 25.05
N PHE A 145 -30.08 15.82 24.77
CA PHE A 145 -28.69 15.42 24.72
C PHE A 145 -28.42 14.82 23.35
N THR A 146 -27.27 15.13 22.76
CA THR A 146 -26.77 14.52 21.54
C THR A 146 -25.35 14.07 21.80
N GLY A 147 -25.09 12.80 21.60
CA GLY A 147 -23.75 12.27 21.82
C GLY A 147 -23.21 11.56 20.61
N ALA A 148 -21.89 11.39 20.56
CA ALA A 148 -21.24 10.68 19.46
C ALA A 148 -20.23 9.72 19.99
N ARG A 149 -20.23 8.52 19.45
CA ARG A 149 -19.24 7.48 19.75
C ARG A 149 -18.68 7.01 18.40
N MET A 150 -17.55 6.29 18.42
CA MET A 150 -16.91 5.83 17.21
C MET A 150 -17.62 4.65 16.52
N SER A 151 -17.83 4.79 15.21
CA SER A 151 -18.36 3.70 14.41
C SER A 151 -17.70 3.66 13.06
N SER A 152 -17.04 2.56 12.78
CA SER A 152 -16.48 2.28 11.48
C SER A 152 -17.47 1.44 10.62
N ASN A 153 -18.68 1.12 11.14
CA ASN A 153 -19.69 0.29 10.49
C ASN A 153 -20.68 1.18 9.79
N THR A 154 -20.80 1.03 8.45
CA THR A 154 -21.69 1.84 7.62
C THR A 154 -23.19 1.65 7.93
N GLN A 155 -23.54 0.56 8.62
N GLN A 155 -23.55 0.57 8.63
CA GLN A 155 -24.92 0.25 8.99
CA GLN A 155 -24.94 0.29 9.01
C GLN A 155 -25.23 0.47 10.47
C GLN A 155 -25.30 0.74 10.42
N LYS A 156 -24.32 1.12 11.24
CA LYS A 156 -24.50 1.45 12.64
C LYS A 156 -24.04 2.85 12.96
N PRO A 157 -24.97 3.82 13.09
CA PRO A 157 -24.56 5.20 13.39
C PRO A 157 -23.88 5.33 14.74
N GLY A 158 -22.90 6.22 14.85
CA GLY A 158 -22.22 6.46 16.12
C GLY A 158 -22.95 7.44 17.02
N ASP A 159 -24.00 8.09 16.55
CA ASP A 159 -24.73 9.07 17.36
C ASP A 159 -25.93 8.58 18.15
N THR A 160 -26.26 9.36 19.18
CA THR A 160 -27.43 9.22 20.02
C THR A 160 -28.06 10.62 20.12
N ASN A 161 -29.38 10.70 20.05
CA ASN A 161 -30.09 11.97 20.17
C ASN A 161 -31.32 11.68 20.99
N PHE A 162 -31.44 12.25 22.20
CA PHE A 162 -32.64 11.98 23.02
C PHE A 162 -33.07 13.14 23.91
N ALA A 163 -34.36 13.17 24.25
CA ALA A 163 -34.92 14.18 25.15
C ALA A 163 -34.51 13.88 26.58
N VAL A 164 -34.19 14.93 27.34
CA VAL A 164 -33.85 14.82 28.75
C VAL A 164 -35.16 14.96 29.50
N THR A 165 -35.63 13.86 30.09
CA THR A 165 -36.89 13.77 30.85
C THR A 165 -36.63 13.36 32.33
N GLU A 166 -37.68 13.34 33.18
CA GLU A 166 -37.54 12.92 34.58
C GLU A 166 -36.93 11.53 34.72
N ASP A 167 -37.18 10.64 33.73
CA ASP A 167 -36.72 9.25 33.71
C ASP A 167 -35.29 9.07 33.22
N THR A 168 -34.65 10.15 32.70
CA THR A 168 -33.28 10.09 32.22
C THR A 168 -32.38 9.76 33.37
N ASN A 169 -31.60 8.70 33.22
CA ASN A 169 -30.72 8.26 34.28
C ASN A 169 -29.44 7.79 33.69
N VAL A 170 -28.37 8.60 33.82
CA VAL A 170 -27.04 8.25 33.30
C VAL A 170 -25.97 8.57 34.36
N THR A 171 -24.89 7.82 34.39
CA THR A 171 -23.80 8.05 35.35
C THR A 171 -22.48 7.83 34.66
N ASP A 172 -21.71 8.90 34.40
CA ASP A 172 -20.44 8.82 33.70
C ASP A 172 -20.55 8.12 32.34
N SER A 173 -21.65 8.42 31.63
CA SER A 173 -21.91 7.87 30.32
C SER A 173 -20.97 8.61 29.36
N ASP A 174 -20.01 7.89 28.80
CA ASP A 174 -18.92 8.47 28.05
C ASP A 174 -19.09 8.57 26.54
N TYR A 175 -18.71 9.73 26.00
CA TYR A 175 -18.84 10.02 24.57
C TYR A 175 -17.61 10.73 24.04
N THR A 176 -17.35 10.59 22.73
CA THR A 176 -16.25 11.33 22.09
C THR A 176 -16.63 12.83 22.12
N TYR A 177 -17.91 13.13 21.77
CA TYR A 177 -18.55 14.45 21.75
C TYR A 177 -19.94 14.35 22.42
N GLY A 178 -20.31 15.36 23.19
CA GLY A 178 -21.59 15.41 23.87
C GLY A 178 -22.06 16.85 23.94
N PHE A 179 -23.33 17.07 23.61
CA PHE A 179 -23.95 18.39 23.57
C PHE A 179 -25.25 18.32 24.30
N ILE A 180 -25.54 19.36 25.11
CA ILE A 180 -26.82 19.48 25.80
C ILE A 180 -27.50 20.78 25.33
N SER A 181 -28.85 20.78 25.22
CA SER A 181 -29.63 21.93 24.78
C SER A 181 -30.88 22.05 25.60
N GLY A 182 -31.27 23.26 25.89
CA GLY A 182 -32.46 23.51 26.69
C GLY A 182 -32.62 24.98 26.97
N ALA A 183 -33.88 25.46 26.90
CA ALA A 183 -34.25 26.83 27.23
C ALA A 183 -33.53 27.87 26.40
N GLY A 184 -33.42 27.59 25.11
CA GLY A 184 -32.88 28.51 24.12
C GLY A 184 -31.38 28.53 23.95
N LEU A 185 -30.67 27.66 24.67
CA LEU A 185 -29.20 27.61 24.60
C LEU A 185 -28.69 26.19 24.37
N SER A 186 -27.46 26.06 23.83
CA SER A 186 -26.84 24.75 23.55
C SER A 186 -25.37 24.81 23.87
N ALA A 187 -24.79 23.70 24.29
CA ALA A 187 -23.35 23.68 24.59
C ALA A 187 -22.77 22.29 24.52
N GLY A 188 -21.55 22.20 24.00
CA GLY A 188 -20.76 20.99 24.01
C GLY A 188 -19.60 21.14 24.98
N LEU A 189 -19.03 20.01 25.41
CA LEU A 189 -17.89 20.02 26.32
C LEU A 189 -16.70 19.52 25.57
N TRP A 190 -15.61 20.27 25.61
CA TRP A 190 -14.38 19.83 24.97
C TRP A 190 -13.40 19.48 26.09
N SER A 191 -12.63 18.42 25.93
CA SER A 191 -11.58 18.06 26.86
C SER A 191 -10.42 17.43 26.09
N ASN A 192 -9.19 17.62 26.59
CA ASN A 192 -8.04 16.96 26.00
C ASN A 192 -7.79 15.56 26.64
N SER A 193 -8.77 15.01 27.42
CA SER A 193 -8.68 13.71 28.06
C SER A 193 -8.28 12.61 27.09
N GLU A 194 -7.36 11.75 27.51
CA GLU A 194 -6.94 10.59 26.73
C GLU A 194 -7.69 9.31 27.14
N HIS A 195 -8.85 9.46 27.82
CA HIS A 195 -9.61 8.32 28.28
C HIS A 195 -10.13 7.49 27.12
N ASP A 196 -10.12 6.18 27.26
CA ASP A 196 -10.68 5.26 26.27
C ASP A 196 -11.91 4.58 26.86
N GLY A 197 -13.01 4.57 26.11
CA GLY A 197 -14.24 3.96 26.59
C GLY A 197 -15.16 3.33 25.56
N THR A 198 -16.45 3.62 25.69
CA THR A 198 -17.52 3.05 24.89
C THR A 198 -17.41 3.44 23.41
N TYR A 199 -17.67 2.49 22.54
CA TYR A 199 -17.64 2.71 21.10
C TYR A 199 -18.71 1.86 20.45
N VAL A 200 -19.18 2.29 19.28
CA VAL A 200 -20.21 1.57 18.55
C VAL A 200 -19.58 0.42 17.75
N ALA A 201 -18.51 0.68 17.00
CA ALA A 201 -17.86 -0.31 16.15
C ALA A 201 -16.49 0.18 15.78
N ALA A 202 -15.48 -0.66 15.90
CA ALA A 202 -14.09 -0.32 15.55
C ALA A 202 -13.31 -1.62 15.48
N PRO A 203 -12.56 -1.85 14.41
CA PRO A 203 -11.80 -3.11 14.31
C PRO A 203 -10.49 -3.13 15.08
N VAL A 204 -10.05 -1.97 15.65
CA VAL A 204 -8.75 -1.76 16.26
C VAL A 204 -8.84 -0.82 17.51
N ARG A 205 -7.70 -0.61 18.19
CA ARG A 205 -7.55 0.31 19.29
C ARG A 205 -6.95 1.59 18.61
N GLY A 206 -5.73 2.00 18.95
CA GLY A 206 -5.04 3.11 18.32
C GLY A 206 -5.79 4.42 18.36
N GLY A 207 -6.44 4.69 19.47
CA GLY A 207 -7.15 5.96 19.63
C GLY A 207 -8.55 6.00 19.08
N SER A 208 -9.07 4.86 18.60
CA SER A 208 -10.43 4.76 18.09
C SER A 208 -11.45 5.03 19.21
N GLN A 209 -11.15 4.53 20.43
CA GLN A 209 -12.06 4.59 21.59
C GLN A 209 -11.93 5.84 22.47
N ASN A 210 -11.27 6.91 21.99
CA ASN A 210 -11.14 8.13 22.80
C ASN A 210 -12.52 8.76 23.08
N THR A 211 -12.97 8.71 24.34
CA THR A 211 -14.23 9.32 24.79
C THR A 211 -13.83 10.29 25.88
N ARG A 212 -14.14 11.57 25.68
CA ARG A 212 -13.69 12.67 26.49
C ARG A 212 -14.76 13.37 27.32
N VAL A 213 -16.04 13.03 27.11
CA VAL A 213 -17.16 13.69 27.79
C VAL A 213 -17.90 12.64 28.63
N TYR A 214 -18.25 13.00 29.89
CA TYR A 214 -18.97 12.12 30.83
C TYR A 214 -20.30 12.82 31.11
N ALA A 215 -21.42 12.16 30.85
CA ALA A 215 -22.73 12.70 31.17
C ALA A 215 -23.24 11.98 32.44
N THR A 216 -23.78 12.76 33.40
CA THR A 216 -24.32 12.26 34.66
C THR A 216 -25.60 13.02 35.01
N THR A 217 -26.63 12.31 35.49
CA THR A 217 -27.86 12.94 35.96
C THR A 217 -27.84 13.08 37.49
N GLN A 218 -28.59 14.05 37.98
CA GLN A 218 -28.78 14.33 39.40
C GLN A 218 -30.12 15.02 39.61
N GLN A 219 -30.67 14.97 40.83
CA GLN A 219 -31.93 15.63 41.12
C GLN A 219 -31.66 17.06 41.52
N THR A 220 -32.28 17.99 40.84
CA THR A 220 -32.15 19.39 41.18
C THR A 220 -33.58 19.80 41.45
N GLY A 221 -33.99 19.59 42.70
CA GLY A 221 -35.36 19.87 43.11
C GLY A 221 -36.33 18.92 42.45
N ASP A 222 -37.34 19.48 41.79
CA ASP A 222 -38.36 18.67 41.14
C ASP A 222 -37.96 18.10 39.78
N ALA A 223 -36.85 18.61 39.19
CA ALA A 223 -36.39 18.20 37.87
C ALA A 223 -35.16 17.27 37.91
N THR A 224 -34.94 16.52 36.81
CA THR A 224 -33.76 15.71 36.59
C THR A 224 -32.81 16.61 35.76
N SER A 225 -31.57 16.74 36.20
CA SER A 225 -30.57 17.55 35.53
C SER A 225 -29.54 16.63 34.90
N LEU A 226 -29.20 16.83 33.63
CA LEU A 226 -28.15 16.06 32.97
C LEU A 226 -26.94 17.01 32.84
N GLY A 227 -25.83 16.66 33.48
CA GLY A 227 -24.65 17.49 33.45
C GLY A 227 -23.49 16.87 32.71
N LEU A 228 -22.66 17.72 32.09
CA LEU A 228 -21.49 17.28 31.34
C LEU A 228 -20.20 17.56 32.13
N ALA A 229 -19.32 16.57 32.18
CA ALA A 229 -18.00 16.69 32.83
C ALA A 229 -16.93 16.14 31.86
N SER A 230 -15.64 16.41 32.11
CA SER A 230 -14.57 15.82 31.32
C SER A 230 -14.32 14.39 31.84
N ALA A 231 -13.89 13.49 30.95
CA ALA A 231 -13.49 12.15 31.35
C ALA A 231 -12.10 12.29 32.03
N PRO A 232 -11.59 11.29 32.78
CA PRO A 232 -10.30 11.49 33.45
C PRO A 232 -9.12 11.84 32.52
N TRP A 233 -8.17 12.56 33.09
CA TRP A 233 -6.96 12.96 32.39
C TRP A 233 -5.80 12.16 32.93
N TYR A 234 -4.82 11.85 32.07
CA TYR A 234 -3.61 11.18 32.52
C TYR A 234 -2.58 12.26 32.81
N TYR A 235 -1.87 12.11 33.94
CA TYR A 235 -0.84 13.04 34.31
C TYR A 235 0.52 12.32 34.24
N HIS A 236 0.99 11.67 35.34
CA HIS A 236 2.23 10.90 35.32
C HIS A 236 1.86 9.42 35.34
N ARG A 237 1.63 8.86 34.17
CA ARG A 237 1.22 7.49 34.02
C ARG A 237 2.37 6.49 34.09
N THR A 238 2.17 5.39 34.87
CA THR A 238 3.14 4.31 35.07
C THR A 238 2.76 3.15 34.16
N VAL A 239 3.68 2.75 33.29
CA VAL A 239 3.43 1.70 32.30
C VAL A 239 4.47 0.57 32.40
N THR A 240 4.16 -0.57 31.80
CA THR A 240 5.05 -1.75 31.82
C THR A 240 5.33 -2.20 30.37
N ASP A 241 6.60 -2.50 30.06
CA ASP A 241 6.93 -2.99 28.72
C ASP A 241 6.76 -4.54 28.65
N SER A 242 7.10 -5.17 27.51
CA SER A 242 6.92 -6.60 27.34
C SER A 242 7.87 -7.47 28.18
N LYS A 243 8.91 -6.87 28.76
CA LYS A 243 9.84 -7.58 29.63
C LYS A 243 9.48 -7.43 31.12
N GLY A 244 8.38 -6.75 31.44
CA GLY A 244 7.99 -6.48 32.81
C GLY A 244 8.62 -5.25 33.41
N LYS A 245 9.47 -4.53 32.65
CA LYS A 245 10.11 -3.32 33.17
C LYS A 245 9.09 -2.17 33.25
N LYS A 246 9.11 -1.40 34.35
CA LYS A 246 8.18 -0.32 34.62
C LYS A 246 8.78 1.05 34.41
N TYR A 247 7.95 2.00 33.94
CA TYR A 247 8.38 3.38 33.67
C TYR A 247 7.30 4.34 34.14
N THR A 248 7.67 5.60 34.42
CA THR A 248 6.68 6.65 34.66
C THR A 248 6.95 7.69 33.56
N VAL A 249 5.92 8.01 32.76
CA VAL A 249 6.11 8.93 31.65
C VAL A 249 5.29 10.19 31.90
N ALA A 250 5.88 11.38 31.67
CA ALA A 250 5.21 12.66 31.91
C ALA A 250 3.96 12.86 31.01
N GLU A 251 3.12 13.84 31.34
CA GLU A 251 1.89 14.14 30.65
C GLU A 251 2.13 14.58 29.22
N THR A 252 1.22 14.22 28.31
CA THR A 252 1.29 14.69 26.92
C THR A 252 1.06 16.21 26.92
N ALA A 253 0.12 16.67 27.77
CA ALA A 253 -0.26 18.04 28.01
C ALA A 253 -0.92 18.10 29.38
N LEU A 254 -0.97 19.29 29.98
CA LEU A 254 -1.65 19.46 31.25
C LEU A 254 -3.17 19.35 31.01
N PRO A 255 -3.97 18.93 32.04
CA PRO A 255 -5.42 18.81 31.83
C PRO A 255 -6.10 20.10 31.37
N GLN A 256 -6.92 20.02 30.33
CA GLN A 256 -7.64 21.17 29.77
C GLN A 256 -9.06 20.75 29.39
N MET A 257 -10.00 21.68 29.53
CA MET A 257 -11.38 21.46 29.14
C MET A 257 -12.05 22.82 28.92
N ALA A 258 -13.17 22.84 28.18
CA ALA A 258 -13.85 24.09 27.89
C ALA A 258 -15.29 23.87 27.44
N VAL A 259 -16.13 24.90 27.47
CA VAL A 259 -17.50 24.91 26.95
C VAL A 259 -17.69 26.21 26.14
N ALA A 260 -18.58 26.20 25.18
CA ALA A 260 -18.90 27.39 24.38
C ALA A 260 -20.44 27.43 24.30
N ILE A 261 -21.03 28.47 24.87
CA ILE A 261 -22.50 28.58 24.98
C ILE A 261 -23.08 29.20 23.71
N ALA A 262 -23.97 28.47 23.05
CA ALA A 262 -24.56 28.92 21.81
C ALA A 262 -26.05 29.21 21.94
N GLY A 263 -26.55 30.13 21.13
CA GLY A 263 -27.96 30.38 20.99
C GLY A 263 -28.37 29.74 19.67
N ASP A 264 -29.23 30.39 18.90
CA ASP A 264 -29.63 29.87 17.60
C ASP A 264 -28.60 30.33 16.55
N GLU A 265 -27.42 29.68 16.56
CA GLU A 265 -26.27 30.02 15.71
C GLU A 265 -26.54 29.89 14.22
N ASN A 266 -27.31 28.89 13.80
CA ASN A 266 -27.63 28.75 12.38
C ASN A 266 -28.94 29.46 11.97
N GLU A 267 -29.58 30.20 12.91
CA GLU A 267 -30.77 31.02 12.66
C GLU A 267 -31.90 30.25 11.99
N ASP A 268 -32.11 28.99 12.39
CA ASP A 268 -33.17 28.19 11.79
C ASP A 268 -34.43 28.09 12.64
N GLY A 269 -34.47 28.77 13.78
CA GLY A 269 -35.64 28.78 14.65
C GLY A 269 -35.68 27.69 15.71
N ALA A 270 -34.69 26.80 15.71
CA ALA A 270 -34.62 25.74 16.71
C ALA A 270 -33.25 25.82 17.39
N VAL A 271 -33.18 25.44 18.66
CA VAL A 271 -31.91 25.41 19.36
C VAL A 271 -31.64 23.97 19.70
N ASN A 272 -30.58 23.40 19.10
CA ASN A 272 -30.22 22.00 19.33
C ASN A 272 -28.69 21.84 19.26
N TRP A 273 -28.18 20.60 19.28
CA TRP A 273 -26.74 20.32 19.19
C TRP A 273 -26.03 20.99 18.01
N GLN A 274 -26.74 21.24 16.89
CA GLN A 274 -26.11 21.86 15.73
C GLN A 274 -25.67 23.28 16.02
N ASP A 275 -26.40 24.00 16.86
CA ASP A 275 -26.00 25.34 17.28
C ASP A 275 -24.78 25.24 18.20
N GLY A 276 -24.82 24.32 19.17
CA GLY A 276 -23.69 24.06 20.06
C GLY A 276 -22.46 23.58 19.32
N ALA A 277 -22.63 22.83 18.23
CA ALA A 277 -21.55 22.29 17.38
C ALA A 277 -20.86 23.40 16.61
N ILE A 278 -21.61 24.40 16.14
CA ILE A 278 -21.02 25.57 15.49
C ILE A 278 -20.13 26.32 16.51
N ALA A 279 -20.65 26.59 17.71
CA ALA A 279 -19.86 27.26 18.75
C ALA A 279 -18.66 26.40 19.19
N TYR A 280 -18.83 25.07 19.23
CA TYR A 280 -17.82 24.11 19.64
C TYR A 280 -16.54 24.20 18.81
N ARG A 281 -16.67 24.58 17.54
CA ARG A 281 -15.51 24.73 16.68
C ARG A 281 -14.54 25.79 17.16
N ASP A 282 -15.03 26.76 17.97
CA ASP A 282 -14.18 27.82 18.52
C ASP A 282 -13.32 27.35 19.69
N ILE A 283 -13.63 26.20 20.34
CA ILE A 283 -12.86 25.71 21.48
C ILE A 283 -12.20 24.35 21.23
N MET A 284 -12.71 23.56 20.26
CA MET A 284 -12.18 22.23 20.00
C MET A 284 -10.75 22.22 19.48
N ASN A 285 -10.05 21.08 19.74
CA ASN A 285 -8.74 20.81 19.21
C ASN A 285 -8.89 20.68 17.69
N ASN A 286 -7.87 21.09 16.95
CA ASN A 286 -7.88 20.98 15.51
C ASN A 286 -6.65 20.20 15.15
N PRO A 287 -6.79 19.05 14.46
CA PRO A 287 -5.59 18.31 14.05
C PRO A 287 -4.57 19.21 13.36
N TYR A 288 -3.28 18.97 13.64
CA TYR A 288 -2.21 19.76 13.05
C TYR A 288 -2.22 19.66 11.53
N LYS A 289 -2.21 20.84 10.87
CA LYS A 289 -2.20 21.05 9.42
C LYS A 289 -3.53 20.66 8.74
N SER A 290 -4.63 20.52 9.50
CA SER A 290 -5.92 20.19 8.94
C SER A 290 -6.48 21.31 8.01
N GLU A 291 -5.96 22.54 8.13
CA GLU A 291 -6.38 23.66 7.26
C GLU A 291 -6.03 23.40 5.77
N GLU A 292 -5.10 22.49 5.47
CA GLU A 292 -4.71 22.19 4.10
C GLU A 292 -5.50 21.06 3.46
N VAL A 293 -6.29 20.30 4.27
CA VAL A 293 -7.01 19.13 3.79
C VAL A 293 -7.91 19.45 2.58
N PRO A 294 -8.68 20.55 2.52
CA PRO A 294 -9.51 20.80 1.32
C PRO A 294 -8.73 20.91 -0.01
N GLU A 295 -7.44 21.19 0.09
CA GLU A 295 -6.59 21.36 -1.08
C GLU A 295 -6.06 20.07 -1.64
N LEU A 296 -6.14 18.95 -0.90
CA LEU A 296 -5.54 17.69 -1.29
C LEU A 296 -6.45 16.90 -2.19
N VAL A 297 -6.66 17.40 -3.41
CA VAL A 297 -7.56 16.75 -4.36
C VAL A 297 -7.04 15.41 -4.86
N ALA A 298 -5.73 15.33 -5.18
CA ALA A 298 -5.13 14.11 -5.72
C ALA A 298 -4.25 13.33 -4.75
N TRP A 299 -4.88 12.44 -3.96
CA TRP A 299 -4.15 11.52 -3.08
C TRP A 299 -3.73 10.31 -3.94
N ARG A 300 -2.58 9.73 -3.61
CA ARG A 300 -2.12 8.48 -4.25
C ARG A 300 -0.84 7.99 -3.59
N ILE A 301 -0.46 6.75 -3.86
CA ILE A 301 0.74 6.11 -3.34
C ILE A 301 1.76 5.87 -4.48
N ALA A 302 3.04 6.21 -4.23
CA ALA A 302 4.13 5.94 -5.16
C ALA A 302 4.91 4.84 -4.46
N MET A 303 4.99 3.66 -5.09
CA MET A 303 5.63 2.52 -4.44
C MET A 303 7.02 2.09 -4.92
N ASN A 304 7.83 1.61 -3.97
CA ASN A 304 9.15 1.02 -4.14
C ASN A 304 9.18 -0.23 -3.28
N PHE A 305 9.83 -1.29 -3.76
CA PHE A 305 9.81 -2.55 -3.04
C PHE A 305 10.93 -3.46 -3.52
N GLY A 306 11.57 -4.13 -2.58
CA GLY A 306 12.58 -5.16 -2.82
C GLY A 306 13.78 -4.81 -3.67
N SER A 307 14.34 -3.60 -3.45
CA SER A 307 15.54 -3.11 -4.11
C SER A 307 15.36 -2.67 -5.54
N GLN A 308 14.20 -2.89 -6.14
CA GLN A 308 13.93 -2.60 -7.54
C GLN A 308 13.95 -1.14 -7.96
N ALA A 309 13.68 -0.19 -7.03
CA ALA A 309 13.61 1.24 -7.34
C ALA A 309 12.62 1.51 -8.50
N GLN A 310 11.41 0.93 -8.40
CA GLN A 310 10.33 1.07 -9.38
C GLN A 310 9.96 2.53 -9.60
N ASN A 311 10.02 3.34 -8.52
CA ASN A 311 9.65 4.74 -8.52
C ASN A 311 10.69 5.66 -7.87
N PRO A 312 11.85 5.95 -8.51
CA PRO A 312 12.82 6.86 -7.88
C PRO A 312 12.21 8.25 -7.71
N PHE A 313 12.65 9.02 -6.69
CA PHE A 313 12.08 10.30 -6.35
C PHE A 313 11.91 11.27 -7.52
N LEU A 314 12.86 11.34 -8.47
CA LEU A 314 12.72 12.29 -9.59
C LEU A 314 11.70 11.81 -10.65
N THR A 315 11.33 10.52 -10.65
CA THR A 315 10.24 10.02 -11.50
C THR A 315 8.88 10.42 -10.84
N THR A 316 8.78 10.32 -9.51
CA THR A 316 7.60 10.75 -8.78
C THR A 316 7.33 12.26 -9.02
N LEU A 317 8.39 13.07 -9.16
CA LEU A 317 8.22 14.49 -9.46
C LEU A 317 7.61 14.67 -10.86
N ASP A 318 8.08 13.89 -11.85
CA ASP A 318 7.50 13.94 -13.17
C ASP A 318 6.00 13.55 -13.17
N ASN A 319 5.62 12.50 -12.41
CA ASN A 319 4.22 12.07 -12.31
C ASN A 319 3.34 13.13 -11.63
N VAL A 320 3.94 13.93 -10.71
CA VAL A 320 3.25 15.06 -10.09
C VAL A 320 2.95 16.09 -11.18
N LYS A 321 3.92 16.39 -12.07
CA LYS A 321 3.70 17.35 -13.15
C LYS A 321 2.70 16.82 -14.18
N LYS A 322 2.64 15.50 -14.39
CA LYS A 322 1.66 14.87 -15.29
C LYS A 322 0.23 15.10 -14.73
N VAL A 323 0.00 14.81 -13.41
CA VAL A 323 -1.29 15.02 -12.72
C VAL A 323 -1.64 16.51 -12.59
N ALA A 324 -0.62 17.38 -12.45
CA ALA A 324 -0.84 18.82 -12.39
C ALA A 324 -1.40 19.30 -13.74
N LEU A 325 -0.83 18.83 -14.85
CA LEU A 325 -1.37 19.17 -16.19
C LEU A 325 -2.83 18.69 -16.37
N ASN A 326 -3.12 17.44 -15.96
CA ASN A 326 -4.43 16.82 -16.16
C ASN A 326 -5.56 17.36 -15.26
N THR A 327 -5.21 17.98 -14.12
CA THR A 327 -6.17 18.58 -13.17
C THR A 327 -6.09 20.12 -13.14
N ASP A 328 -5.27 20.74 -14.01
CA ASP A 328 -5.06 22.17 -14.03
C ASP A 328 -4.49 22.69 -12.71
N GLY A 329 -3.58 21.92 -12.12
CA GLY A 329 -2.89 22.34 -10.92
C GLY A 329 -3.63 22.23 -9.60
N LEU A 330 -4.57 21.27 -9.46
CA LEU A 330 -5.21 21.06 -8.17
C LEU A 330 -4.16 20.44 -7.23
N GLY A 331 -4.28 20.66 -5.93
CA GLY A 331 -3.35 20.15 -4.95
C GLY A 331 -3.26 18.65 -4.95
N GLN A 332 -2.12 18.12 -4.51
CA GLN A 332 -1.90 16.67 -4.48
C GLN A 332 -1.33 16.23 -3.13
N SER A 333 -1.43 14.94 -2.83
CA SER A 333 -0.88 14.39 -1.60
C SER A 333 -0.33 13.01 -1.94
N VAL A 334 1.00 12.92 -2.12
CA VAL A 334 1.66 11.68 -2.51
C VAL A 334 2.25 10.95 -1.31
N LEU A 335 1.81 9.72 -1.07
N LEU A 335 1.79 9.73 -1.06
CA LEU A 335 2.26 8.89 0.02
CA LEU A 335 2.29 8.91 0.03
C LEU A 335 3.39 7.99 -0.51
C LEU A 335 3.40 8.01 -0.51
N LEU A 336 4.63 8.21 0.00
CA LEU A 336 5.80 7.45 -0.42
C LEU A 336 5.91 6.16 0.34
N LYS A 337 5.34 5.10 -0.21
CA LYS A 337 5.36 3.78 0.43
C LYS A 337 6.61 3.07 -0.09
N GLY A 338 7.62 2.94 0.75
CA GLY A 338 8.91 2.40 0.34
C GLY A 338 9.97 3.46 0.09
N TYR A 339 9.79 4.66 0.65
CA TYR A 339 10.75 5.76 0.52
C TYR A 339 12.12 5.37 1.12
N GLY A 340 12.13 4.47 2.11
CA GLY A 340 13.32 4.15 2.85
C GLY A 340 13.90 2.79 2.60
N ASN A 341 15.19 2.66 2.96
CA ASN A 341 15.93 1.41 2.88
C ASN A 341 15.77 0.75 1.50
N GLU A 342 15.38 -0.54 1.41
CA GLU A 342 15.19 -1.24 0.15
C GLU A 342 13.78 -1.10 -0.45
N GLY A 343 12.87 -0.41 0.27
CA GLY A 343 11.51 -0.23 -0.21
C GLY A 343 10.45 -0.53 0.84
N HIS A 344 9.26 -0.86 0.38
CA HIS A 344 8.12 -1.10 1.27
C HIS A 344 8.35 -2.33 2.11
N ASP A 345 8.19 -2.21 3.42
CA ASP A 345 8.37 -3.32 4.36
C ASP A 345 9.80 -3.88 4.29
N SER A 346 10.73 -2.93 4.32
CA SER A 346 12.17 -3.12 4.40
C SER A 346 12.66 -2.00 5.31
N GLY A 347 13.61 -2.31 6.16
CA GLY A 347 14.27 -1.33 7.01
C GLY A 347 13.48 -0.74 8.16
N HIS A 348 12.24 -1.21 8.42
CA HIS A 348 11.48 -0.71 9.57
C HIS A 348 12.26 -1.05 10.85
N PRO A 349 12.49 -0.11 11.78
CA PRO A 349 11.89 1.22 11.87
C PRO A 349 12.92 2.35 11.71
N ASP A 350 13.85 2.22 10.77
CA ASP A 350 14.89 3.24 10.54
C ASP A 350 14.32 4.40 9.72
N TYR A 351 13.56 5.28 10.37
CA TYR A 351 12.89 6.40 9.71
C TYR A 351 13.83 7.32 8.95
N GLY A 352 15.05 7.50 9.45
CA GLY A 352 16.03 8.36 8.80
C GLY A 352 16.76 7.77 7.61
N ASP A 353 16.55 6.49 7.32
CA ASP A 353 17.25 5.83 6.21
C ASP A 353 16.46 5.95 4.93
N ILE A 354 16.69 7.01 4.17
CA ILE A 354 16.04 7.27 2.90
C ILE A 354 16.72 6.43 1.81
N GLY A 355 15.93 5.75 1.00
CA GLY A 355 16.40 4.83 -0.03
C GLY A 355 17.48 5.38 -0.92
N GLN A 356 18.70 4.82 -0.80
CA GLN A 356 19.82 5.27 -1.64
C GLN A 356 19.60 4.98 -3.10
N ARG A 357 18.99 3.82 -3.43
CA ARG A 357 18.66 3.48 -4.81
C ARG A 357 17.57 4.36 -5.42
N LEU A 358 16.83 5.13 -4.60
CA LEU A 358 15.81 6.04 -5.13
C LEU A 358 16.35 7.45 -5.42
N GLY A 359 17.58 7.72 -4.96
CA GLY A 359 18.25 9.00 -5.07
C GLY A 359 18.56 9.65 -3.74
N GLY A 360 18.22 8.97 -2.63
CA GLY A 360 18.46 9.42 -1.26
C GLY A 360 17.77 10.70 -0.82
N ALA A 361 18.24 11.28 0.28
CA ALA A 361 17.66 12.51 0.80
C ALA A 361 17.74 13.65 -0.22
N ASP A 362 18.81 13.72 -1.00
CA ASP A 362 18.98 14.78 -1.99
C ASP A 362 17.91 14.80 -3.04
N ASP A 363 17.57 13.63 -3.59
CA ASP A 363 16.52 13.56 -4.59
C ASP A 363 15.13 13.69 -3.96
N MET A 364 14.96 13.21 -2.73
CA MET A 364 13.68 13.32 -2.03
C MET A 364 13.39 14.80 -1.75
N ASN A 365 14.41 15.57 -1.34
CA ASN A 365 14.26 17.01 -1.11
C ASN A 365 13.99 17.79 -2.40
N THR A 366 14.63 17.42 -3.52
CA THR A 366 14.40 18.09 -4.81
C THR A 366 12.95 17.84 -5.23
N MET A 367 12.49 16.57 -5.12
CA MET A 367 11.13 16.18 -5.45
C MET A 367 10.12 16.99 -4.60
N MET A 368 10.36 17.13 -3.27
CA MET A 368 9.46 17.83 -2.36
C MET A 368 9.45 19.35 -2.56
N GLU A 369 10.64 19.97 -2.77
CA GLU A 369 10.76 21.39 -3.02
C GLU A 369 10.13 21.76 -4.35
N GLU A 370 10.48 21.05 -5.44
CA GLU A 370 9.90 21.32 -6.77
C GLU A 370 8.42 20.96 -6.84
N GLY A 371 8.05 19.85 -6.23
CA GLY A 371 6.66 19.37 -6.22
C GLY A 371 5.72 20.33 -5.55
N SER A 372 6.21 21.06 -4.53
CA SER A 372 5.40 22.03 -3.81
C SER A 372 4.94 23.19 -4.65
N LYS A 373 5.70 23.53 -5.70
CA LYS A 373 5.33 24.58 -6.64
C LYS A 373 4.10 24.17 -7.47
N TYR A 374 3.76 22.86 -7.54
CA TYR A 374 2.59 22.31 -8.22
C TYR A 374 1.42 21.97 -7.23
N GLY A 375 1.55 22.42 -5.98
CA GLY A 375 0.61 22.16 -4.90
C GLY A 375 0.70 20.74 -4.39
N ALA A 376 1.81 20.03 -4.63
CA ALA A 376 1.93 18.64 -4.20
C ALA A 376 2.63 18.51 -2.87
N ARG A 377 1.99 17.79 -1.94
CA ARG A 377 2.44 17.49 -0.58
C ARG A 377 3.00 16.05 -0.59
N PHE A 378 4.04 15.77 0.18
CA PHE A 378 4.64 14.44 0.24
C PHE A 378 4.70 13.97 1.69
N GLY A 379 4.64 12.68 1.86
CA GLY A 379 4.71 12.06 3.16
C GLY A 379 5.19 10.63 3.02
N VAL A 380 5.72 10.07 4.08
CA VAL A 380 6.32 8.74 4.03
C VAL A 380 5.55 7.72 4.87
N HIS A 381 5.55 6.46 4.42
CA HIS A 381 4.95 5.37 5.16
C HIS A 381 6.01 4.88 6.20
N VAL A 382 5.65 4.91 7.50
CA VAL A 382 6.51 4.42 8.57
C VAL A 382 5.79 3.33 9.41
N ASN A 383 6.57 2.55 10.18
CA ASN A 383 6.01 1.50 11.02
C ASN A 383 6.64 1.60 12.41
N ALA A 384 5.82 1.67 13.46
CA ALA A 384 6.30 1.68 14.83
C ALA A 384 5.86 0.44 15.59
N SER A 385 5.48 -0.64 14.87
CA SER A 385 4.97 -1.89 15.44
C SER A 385 5.75 -3.13 15.00
N GLU A 386 6.53 -3.06 13.90
CA GLU A 386 7.26 -4.24 13.42
C GLU A 386 8.60 -3.82 12.82
N MET A 387 9.63 -4.64 13.04
CA MET A 387 10.97 -4.33 12.57
C MET A 387 11.66 -5.54 11.94
N TYR A 388 12.74 -5.30 11.19
CA TYR A 388 13.50 -6.38 10.56
C TYR A 388 14.92 -6.37 11.08
N PRO A 389 15.54 -7.56 11.23
CA PRO A 389 16.96 -7.62 11.68
C PRO A 389 17.93 -6.61 11.04
N GLU A 390 17.77 -6.28 9.74
CA GLU A 390 18.62 -5.34 8.99
C GLU A 390 18.58 -3.90 9.49
N ALA A 391 17.52 -3.53 10.20
CA ALA A 391 17.36 -2.17 10.69
C ALA A 391 18.36 -1.96 11.81
N LYS A 392 19.13 -0.88 11.73
CA LYS A 392 20.11 -0.53 12.75
C LYS A 392 19.48 -0.28 14.13
N ALA A 393 18.17 0.06 14.17
CA ALA A 393 17.42 0.23 15.42
C ALA A 393 17.13 -1.12 16.08
N PHE A 394 17.15 -2.24 15.31
CA PHE A 394 16.93 -3.59 15.83
C PHE A 394 17.91 -3.89 16.97
N SER A 395 17.35 -4.18 18.14
CA SER A 395 18.08 -4.46 19.37
C SER A 395 17.21 -5.35 20.24
N GLU A 396 17.80 -5.99 21.27
CA GLU A 396 17.02 -6.84 22.19
C GLU A 396 16.02 -6.04 23.01
N ASP A 397 16.35 -4.77 23.34
CA ASP A 397 15.42 -3.91 24.06
C ASP A 397 14.23 -3.54 23.16
N MET A 398 14.46 -3.37 21.84
CA MET A 398 13.39 -3.07 20.88
C MET A 398 12.45 -4.24 20.66
N VAL A 399 12.94 -5.48 20.82
CA VAL A 399 12.18 -6.70 20.59
C VAL A 399 10.97 -6.85 21.53
N ARG A 400 9.78 -7.14 20.98
CA ARG A 400 8.62 -7.43 21.81
C ARG A 400 8.74 -8.91 22.17
N ARG A 401 8.60 -9.26 23.45
CA ARG A 401 8.61 -10.66 23.85
C ARG A 401 7.26 -11.10 24.43
N ASN A 402 6.95 -12.39 24.32
CA ASN A 402 5.68 -12.90 24.89
C ASN A 402 5.89 -13.31 26.36
N SER A 403 4.81 -13.72 27.07
CA SER A 403 4.94 -14.09 28.50
C SER A 403 5.91 -15.24 28.78
N ALA A 404 6.30 -15.98 27.73
CA ALA A 404 7.26 -17.08 27.84
C ALA A 404 8.73 -16.68 27.56
N GLY A 405 8.97 -15.41 27.20
CA GLY A 405 10.31 -14.94 26.86
C GLY A 405 10.69 -15.12 25.39
N GLY A 406 9.78 -15.60 24.56
CA GLY A 406 10.04 -15.78 23.13
C GLY A 406 9.75 -14.53 22.31
N LEU A 407 10.25 -14.48 21.05
CA LEU A 407 9.99 -13.34 20.18
C LEU A 407 8.52 -13.28 19.85
N SER A 408 7.99 -12.07 19.72
CA SER A 408 6.64 -11.87 19.27
C SER A 408 6.80 -11.65 17.77
N TYR A 409 6.70 -12.72 16.97
CA TYR A 409 6.91 -12.67 15.53
C TYR A 409 5.84 -11.92 14.77
N GLY A 410 6.28 -11.32 13.66
CA GLY A 410 5.46 -10.61 12.69
C GLY A 410 5.33 -11.40 11.40
N TRP A 411 5.27 -10.72 10.27
N TRP A 411 5.25 -10.72 10.27
CA TRP A 411 5.09 -11.32 8.94
CA TRP A 411 5.10 -11.38 8.99
C TRP A 411 6.43 -11.65 8.30
C TRP A 411 6.44 -11.69 8.35
N ASN A 412 6.51 -12.80 7.63
CA ASN A 412 7.72 -13.16 6.90
C ASN A 412 7.37 -12.97 5.43
N TRP A 413 8.18 -12.20 4.67
CA TRP A 413 7.95 -12.00 3.24
C TRP A 413 9.33 -11.92 2.55
N LEU A 414 10.05 -10.77 2.67
CA LEU A 414 11.44 -10.60 2.20
C LEU A 414 12.36 -11.08 3.33
N ASP A 415 12.01 -10.75 4.59
CA ASP A 415 12.68 -11.10 5.84
C ASP A 415 11.61 -11.34 6.90
N GLN A 416 12.01 -11.83 8.08
CA GLN A 416 11.07 -12.07 9.17
C GLN A 416 10.91 -10.82 9.99
N GLY A 417 9.68 -10.34 10.11
CA GLY A 417 9.36 -9.19 10.94
C GLY A 417 9.26 -9.63 12.39
N VAL A 418 9.64 -8.76 13.31
CA VAL A 418 9.59 -9.02 14.74
C VAL A 418 8.86 -7.81 15.33
N GLY A 419 7.89 -8.03 16.21
CA GLY A 419 7.16 -6.93 16.83
C GLY A 419 8.07 -6.00 17.62
N ILE A 420 7.74 -4.70 17.65
CA ILE A 420 8.50 -3.72 18.42
C ILE A 420 7.83 -3.58 19.80
N ASP A 421 8.59 -3.50 20.89
CA ASP A 421 8.03 -3.28 22.23
C ASP A 421 7.62 -1.82 22.24
N GLY A 422 6.32 -1.55 22.09
CA GLY A 422 5.79 -0.20 21.98
C GLY A 422 6.00 0.67 23.18
N ILE A 423 5.88 0.08 24.37
CA ILE A 423 6.07 0.83 25.61
C ILE A 423 7.54 1.20 25.80
N TYR A 424 8.47 0.27 25.48
CA TYR A 424 9.90 0.57 25.54
C TYR A 424 10.23 1.69 24.52
N ASP A 425 9.70 1.55 23.30
CA ASP A 425 10.00 2.50 22.23
C ASP A 425 9.59 3.94 22.62
N LEU A 426 8.44 4.08 23.30
CA LEU A 426 8.02 5.38 23.80
C LEU A 426 8.86 5.84 25.05
N ALA A 427 8.87 5.04 26.13
CA ALA A 427 9.49 5.46 27.39
C ALA A 427 11.02 5.58 27.36
N SER A 428 11.68 4.91 26.43
CA SER A 428 13.14 5.02 26.31
C SER A 428 13.60 6.25 25.52
N GLY A 429 12.73 6.88 24.75
CA GLY A 429 13.11 7.99 23.89
C GLY A 429 13.63 7.52 22.52
N SER A 430 13.56 6.20 22.26
CA SER A 430 14.03 5.62 21.00
C SER A 430 13.22 6.07 19.78
N ARG A 431 11.89 5.92 19.81
CA ARG A 431 11.07 6.31 18.67
C ARG A 431 11.22 7.77 18.29
N VAL A 432 11.19 8.65 19.30
N VAL A 432 11.18 8.66 19.30
CA VAL A 432 11.29 10.08 19.07
CA VAL A 432 11.28 10.09 19.05
C VAL A 432 12.65 10.45 18.46
C VAL A 432 12.66 10.48 18.48
N SER A 433 13.71 9.68 18.77
CA SER A 433 15.04 9.94 18.24
C SER A 433 15.18 9.47 16.81
N ARG A 434 14.47 8.39 16.40
CA ARG A 434 14.46 7.97 15.01
C ARG A 434 13.67 8.96 14.16
N PHE A 435 12.60 9.57 14.70
CA PHE A 435 11.84 10.60 13.98
C PHE A 435 12.73 11.83 13.78
N ALA A 436 13.60 12.12 14.74
CA ALA A 436 14.57 13.23 14.69
C ALA A 436 15.62 12.97 13.61
N ASP A 437 15.99 11.71 13.38
CA ASP A 437 16.91 11.30 12.31
C ASP A 437 16.32 11.68 10.97
N LEU A 438 15.02 11.40 10.78
CA LEU A 438 14.28 11.73 9.57
C LEU A 438 14.16 13.27 9.43
N SER A 439 13.81 13.97 10.53
CA SER A 439 13.73 15.44 10.54
C SER A 439 15.04 16.11 10.03
N LYS A 440 16.21 15.52 10.39
CA LYS A 440 17.48 16.07 9.94
C LYS A 440 17.64 15.99 8.42
N GLU A 441 17.11 14.94 7.80
CA GLU A 441 17.19 14.70 6.36
C GLU A 441 16.21 15.54 5.55
N VAL A 442 14.95 15.63 6.00
CA VAL A 442 13.89 16.33 5.27
C VAL A 442 13.68 17.78 5.69
N GLY A 443 14.18 18.20 6.84
CA GLY A 443 13.99 19.58 7.30
C GLY A 443 12.53 19.94 7.45
N ASP A 444 12.08 21.02 6.76
CA ASP A 444 10.66 21.41 6.76
C ASP A 444 9.99 21.15 5.40
N ASN A 445 10.57 20.28 4.56
CA ASN A 445 10.04 20.02 3.23
C ASN A 445 8.90 19.01 3.19
N MET A 446 8.92 18.04 4.11
CA MET A 446 7.91 16.98 4.09
C MET A 446 6.63 17.39 4.79
N ASP A 447 5.50 17.06 4.17
CA ASP A 447 4.20 17.42 4.71
C ASP A 447 3.66 16.50 5.82
N PHE A 448 3.68 15.17 5.60
CA PHE A 448 3.02 14.28 6.53
C PHE A 448 3.74 13.00 6.81
N ILE A 449 3.28 12.31 7.87
CA ILE A 449 3.72 10.95 8.19
C ILE A 449 2.49 10.08 7.99
N TYR A 450 2.69 8.90 7.40
CA TYR A 450 1.62 7.92 7.29
C TYR A 450 2.02 6.82 8.25
N LEU A 451 1.32 6.68 9.39
CA LEU A 451 1.66 5.62 10.33
C LEU A 451 0.87 4.35 10.05
N ASP A 452 1.55 3.30 9.58
CA ASP A 452 0.88 2.04 9.27
C ASP A 452 0.51 1.28 10.54
N VAL A 453 -0.47 0.35 10.44
CA VAL A 453 -0.97 -0.68 11.37
C VAL A 453 -1.28 -0.24 12.83
N TRP A 454 -0.88 0.97 13.31
CA TRP A 454 -1.11 1.43 14.67
C TRP A 454 -2.56 1.22 15.13
N GLY A 455 -2.70 0.37 16.14
CA GLY A 455 -3.99 0.02 16.71
C GLY A 455 -4.32 -1.45 16.59
N ASN A 456 -3.56 -2.22 15.82
CA ASN A 456 -3.81 -3.65 15.64
C ASN A 456 -3.15 -4.54 16.72
N LEU A 457 -2.60 -3.93 17.78
CA LEU A 457 -2.01 -4.58 18.94
C LEU A 457 -0.75 -5.43 18.61
N THR A 458 0.03 -4.99 17.62
CA THR A 458 1.27 -5.64 17.22
C THR A 458 2.45 -5.18 18.11
N SER A 459 2.44 -3.93 18.59
CA SER A 459 3.51 -3.40 19.43
C SER A 459 3.30 -3.66 20.92
N SER A 460 2.04 -3.82 21.35
CA SER A 460 1.62 -4.16 22.71
C SER A 460 0.13 -4.46 22.68
N GLY A 461 -0.41 -4.98 23.77
CA GLY A 461 -1.83 -5.24 23.86
C GLY A 461 -2.64 -4.00 24.17
N SER A 462 -2.00 -2.81 24.17
CA SER A 462 -2.70 -1.57 24.52
C SER A 462 -2.91 -0.61 23.33
N GLU A 463 -1.85 0.14 22.92
CA GLU A 463 -1.90 1.13 21.83
C GLU A 463 -3.10 2.06 22.00
N ASP A 464 -3.31 2.53 23.21
CA ASP A 464 -4.46 3.33 23.57
C ASP A 464 -4.37 4.77 23.05
N SER A 465 -5.35 5.62 23.42
CA SER A 465 -5.38 7.02 23.04
C SER A 465 -4.24 7.82 23.66
N TRP A 466 -3.72 7.41 24.83
CA TRP A 466 -2.60 8.06 25.50
C TRP A 466 -1.33 7.78 24.68
N GLU A 467 -1.12 6.53 24.24
CA GLU A 467 0.04 6.19 23.40
C GLU A 467 -0.05 6.86 22.02
N THR A 468 -1.26 6.89 21.45
CA THR A 468 -1.50 7.48 20.14
C THR A 468 -1.34 9.01 20.19
N ARG A 469 -1.76 9.64 21.30
CA ARG A 469 -1.62 11.06 21.50
C ARG A 469 -0.16 11.44 21.57
N LYS A 470 0.65 10.63 22.25
CA LYS A 470 2.08 10.87 22.37
C LYS A 470 2.79 10.64 21.03
N MET A 471 2.32 9.63 20.25
CA MET A 471 2.79 9.28 18.91
C MET A 471 2.54 10.41 17.93
N SER A 472 1.32 10.95 17.91
CA SER A 472 0.97 12.03 17.02
C SER A 472 1.75 13.28 17.35
N LYS A 473 2.02 13.54 18.65
CA LYS A 473 2.75 14.71 19.13
C LYS A 473 4.17 14.73 18.66
N MET A 474 4.92 13.61 18.80
CA MET A 474 6.29 13.59 18.33
C MET A 474 6.37 13.76 16.80
N ILE A 475 5.34 13.35 16.08
CA ILE A 475 5.22 13.52 14.62
C ILE A 475 4.89 15.00 14.32
N ASN A 476 3.83 15.55 14.93
CA ASN A 476 3.41 16.94 14.75
C ASN A 476 4.48 17.93 15.13
N ASP A 477 5.27 17.60 16.14
CA ASP A 477 6.38 18.42 16.65
C ASP A 477 7.48 18.63 15.63
N ASN A 478 7.58 17.73 14.63
CA ASN A 478 8.53 17.89 13.56
C ASN A 478 7.92 18.58 12.32
N GLY A 479 6.74 19.19 12.47
CA GLY A 479 6.04 19.89 11.40
C GLY A 479 5.28 18.97 10.46
N TRP A 480 5.01 17.72 10.88
CA TRP A 480 4.31 16.76 10.03
C TRP A 480 2.84 16.54 10.39
N ARG A 481 1.98 16.57 9.37
CA ARG A 481 0.56 16.30 9.49
C ARG A 481 0.42 14.79 9.77
N MET A 482 -0.54 14.42 10.63
CA MET A 482 -0.73 13.01 11.01
C MET A 482 -1.76 12.29 10.10
N THR A 483 -1.40 11.12 9.62
CA THR A 483 -2.27 10.27 8.80
C THR A 483 -2.03 8.83 9.26
N THR A 484 -3.03 7.94 9.13
CA THR A 484 -2.84 6.56 9.61
C THR A 484 -3.66 5.53 8.81
N GLU A 485 -3.50 4.22 9.10
CA GLU A 485 -4.16 3.17 8.33
C GLU A 485 -5.65 2.96 8.59
N TRP A 486 -6.03 2.54 9.80
CA TRP A 486 -7.39 2.10 10.09
C TRP A 486 -8.38 3.23 10.08
N GLY A 487 -9.61 2.96 9.61
CA GLY A 487 -10.64 3.96 9.45
C GLY A 487 -11.08 4.64 10.73
N SER A 488 -11.13 3.86 11.82
CA SER A 488 -11.56 4.37 13.14
C SER A 488 -10.44 4.95 14.00
N GLY A 489 -9.19 4.67 13.65
CA GLY A 489 -8.03 5.05 14.43
C GLY A 489 -7.80 6.53 14.58
N ASN A 490 -7.18 6.88 15.70
CA ASN A 490 -6.69 8.21 16.02
C ASN A 490 -7.69 9.34 15.74
N GLU A 491 -8.86 9.32 16.41
CA GLU A 491 -9.88 10.34 16.25
C GLU A 491 -9.34 11.73 16.58
N TYR A 492 -8.47 11.85 17.58
CA TYR A 492 -7.97 13.16 17.99
C TYR A 492 -7.09 13.92 17.01
N ASP A 493 -6.16 13.23 16.34
CA ASP A 493 -5.14 13.92 15.55
C ASP A 493 -4.98 13.55 14.06
N SER A 494 -5.60 12.47 13.60
CA SER A 494 -5.40 12.02 12.24
C SER A 494 -6.24 12.81 11.26
N THR A 495 -5.66 13.20 10.11
CA THR A 495 -6.37 13.95 9.07
C THR A 495 -6.73 13.03 7.86
N PHE A 496 -6.34 11.74 7.89
CA PHE A 496 -6.54 10.79 6.82
C PHE A 496 -6.43 9.37 7.35
N GLN A 497 -7.33 8.50 6.89
CA GLN A 497 -7.25 7.07 7.21
C GLN A 497 -7.22 6.34 5.86
N HIS A 498 -6.26 5.43 5.65
CA HIS A 498 -6.22 4.73 4.38
C HIS A 498 -7.44 3.84 4.18
N TRP A 499 -7.93 3.20 5.25
CA TRP A 499 -9.09 2.34 5.16
C TRP A 499 -10.41 3.13 5.23
N ALA A 500 -10.35 4.47 5.16
CA ALA A 500 -11.53 5.32 5.03
C ALA A 500 -11.53 5.87 3.58
N ALA A 501 -10.37 6.38 3.13
CA ALA A 501 -10.18 6.99 1.82
C ALA A 501 -10.13 5.96 0.71
N ASP A 502 -9.58 4.77 0.95
CA ASP A 502 -9.66 3.68 -0.05
C ASP A 502 -10.87 2.83 0.40
N LEU A 503 -11.98 3.04 -0.27
CA LEU A 503 -13.24 2.42 0.08
C LEU A 503 -13.33 0.91 -0.22
N THR A 504 -12.44 0.36 -1.04
CA THR A 504 -12.47 -1.08 -1.37
C THR A 504 -12.04 -1.98 -0.21
N TYR A 505 -11.22 -1.47 0.72
CA TYR A 505 -10.68 -2.29 1.79
C TYR A 505 -11.63 -2.56 2.96
N GLY A 506 -11.46 -3.72 3.56
CA GLY A 506 -12.12 -4.06 4.81
C GLY A 506 -13.58 -4.45 4.89
N GLY A 507 -14.40 -3.98 3.96
CA GLY A 507 -15.81 -4.27 4.02
C GLY A 507 -16.56 -3.26 4.86
N TYR A 508 -17.90 -3.33 4.85
CA TYR A 508 -18.78 -2.37 5.50
C TYR A 508 -18.55 -2.15 7.02
N THR A 509 -17.94 -3.10 7.75
CA THR A 509 -17.75 -2.91 9.20
C THR A 509 -16.46 -2.17 9.56
N SER A 510 -15.55 -1.93 8.58
CA SER A 510 -14.24 -1.43 8.85
C SER A 510 -13.82 -0.22 8.01
N LYS A 511 -14.74 0.74 7.83
CA LYS A 511 -14.52 1.93 7.05
C LYS A 511 -14.26 3.17 7.95
N GLY A 512 -14.46 4.38 7.41
CA GLY A 512 -14.29 5.61 8.17
C GLY A 512 -15.40 5.89 9.17
N GLU A 513 -15.34 7.05 9.83
CA GLU A 513 -16.24 7.47 10.89
C GLU A 513 -17.68 7.70 10.44
N ASN A 514 -18.59 6.80 10.86
CA ASN A 514 -20.01 6.89 10.54
C ASN A 514 -20.72 7.64 11.66
N SER A 515 -20.58 8.97 11.65
CA SER A 515 -21.19 9.83 12.65
C SER A 515 -21.61 11.15 12.02
N GLU A 516 -22.82 11.59 12.30
CA GLU A 516 -23.32 12.87 11.80
C GLU A 516 -22.68 14.00 12.63
N VAL A 517 -22.56 13.81 13.97
CA VAL A 517 -21.94 14.78 14.87
C VAL A 517 -20.46 15.02 14.46
N MET A 518 -19.66 13.95 14.27
CA MET A 518 -18.24 14.06 13.93
C MET A 518 -18.04 14.68 12.56
N ARG A 519 -18.82 14.26 11.56
CA ARG A 519 -18.68 14.80 10.21
C ARG A 519 -19.20 16.22 10.10
N PHE A 520 -20.21 16.59 10.91
CA PHE A 520 -20.75 17.97 10.95
C PHE A 520 -19.59 18.88 11.46
N LEU A 521 -18.96 18.48 12.54
CA LEU A 521 -17.88 19.23 13.15
C LEU A 521 -16.61 19.33 12.31
N ARG A 522 -16.15 18.19 11.74
CA ARG A 522 -14.83 18.08 11.14
C ARG A 522 -14.73 17.63 9.71
N ASN A 523 -15.82 17.57 8.92
CA ASN A 523 -15.71 17.14 7.51
C ASN A 523 -14.59 17.89 6.71
N HIS A 524 -14.39 19.18 6.98
CA HIS A 524 -13.42 19.99 6.26
C HIS A 524 -11.96 19.78 6.70
N GLN A 525 -11.74 19.00 7.78
CA GLN A 525 -10.45 18.81 8.42
C GLN A 525 -9.83 17.44 8.21
N LYS A 526 -10.60 16.47 7.67
CA LYS A 526 -10.12 15.10 7.52
C LYS A 526 -10.70 14.41 6.29
N ASP A 527 -10.00 13.38 5.80
CA ASP A 527 -10.44 12.42 4.80
C ASP A 527 -10.52 11.12 5.60
N SER A 528 -11.44 11.07 6.58
CA SER A 528 -11.62 9.96 7.52
C SER A 528 -13.09 9.53 7.64
N TRP A 529 -13.89 9.76 6.59
CA TRP A 529 -15.34 9.55 6.56
C TRP A 529 -15.77 8.38 5.70
N VAL A 530 -17.07 8.24 5.45
CA VAL A 530 -17.58 7.19 4.58
C VAL A 530 -18.02 7.85 3.26
N GLY A 531 -17.38 7.46 2.17
CA GLY A 531 -17.80 7.94 0.85
C GLY A 531 -18.72 6.94 0.16
N ASP A 532 -19.08 7.22 -1.11
CA ASP A 532 -19.92 6.33 -1.89
C ASP A 532 -19.28 4.97 -2.20
N TYR A 533 -19.89 3.89 -1.72
CA TYR A 533 -19.52 2.51 -2.00
C TYR A 533 -20.83 1.72 -1.75
N PRO A 534 -21.79 1.81 -2.70
CA PRO A 534 -23.14 1.32 -2.43
C PRO A 534 -23.29 -0.08 -1.90
N GLN A 535 -22.40 -1.03 -2.25
CA GLN A 535 -22.55 -2.39 -1.74
C GLN A 535 -22.47 -2.48 -0.23
N TYR A 536 -21.87 -1.48 0.44
CA TYR A 536 -21.82 -1.48 1.91
C TYR A 536 -23.16 -0.99 2.55
N GLY A 537 -23.96 -0.26 1.77
CA GLY A 537 -25.21 0.32 2.22
C GLY A 537 -25.01 1.35 3.31
N GLY A 538 -26.13 1.81 3.85
CA GLY A 538 -26.19 2.77 4.93
C GLY A 538 -25.46 4.05 4.63
N ALA A 539 -24.43 4.31 5.40
CA ALA A 539 -23.62 5.52 5.25
C ALA A 539 -22.92 5.61 3.88
N ALA A 540 -22.70 4.46 3.22
CA ALA A 540 -22.00 4.36 1.95
C ALA A 540 -22.92 4.43 0.70
N ASN A 541 -24.21 4.62 0.89
CA ASN A 541 -25.11 4.76 -0.23
C ASN A 541 -25.27 6.24 -0.45
N ALA A 542 -24.44 6.78 -1.34
CA ALA A 542 -24.47 8.18 -1.75
C ALA A 542 -24.53 9.18 -0.61
N PRO A 543 -23.49 9.26 0.22
CA PRO A 543 -23.45 10.33 1.25
C PRO A 543 -23.49 11.70 0.56
N LEU A 544 -24.31 12.64 1.05
CA LEU A 544 -24.42 13.95 0.43
C LEU A 544 -23.07 14.69 0.38
N LEU A 545 -22.22 14.54 1.42
CA LEU A 545 -20.92 15.24 1.43
C LEU A 545 -19.83 14.56 0.60
N GLY A 546 -20.18 13.48 -0.11
CA GLY A 546 -19.21 12.71 -0.85
C GLY A 546 -18.33 11.95 0.12
N GLY A 547 -17.04 11.99 -0.11
CA GLY A 547 -16.05 11.33 0.73
C GLY A 547 -14.92 10.84 -0.16
N TYR A 548 -13.68 10.95 0.33
CA TYR A 548 -12.54 10.59 -0.49
C TYR A 548 -12.59 9.14 -1.02
N ASN A 549 -12.40 9.00 -2.34
CA ASN A 549 -12.33 7.74 -3.04
C ASN A 549 -10.91 7.72 -3.66
N MET A 550 -10.00 6.96 -3.04
CA MET A 550 -8.61 6.90 -3.45
C MET A 550 -8.27 5.75 -4.37
N LYS A 551 -7.64 6.07 -5.50
CA LYS A 551 -7.07 5.14 -6.46
C LYS A 551 -5.57 5.49 -6.60
N ASP A 552 -4.82 4.66 -7.32
CA ASP A 552 -3.38 4.87 -7.50
C ASP A 552 -2.96 4.41 -8.88
N PHE A 553 -1.83 4.93 -9.36
CA PHE A 553 -1.29 4.48 -10.63
C PHE A 553 0.21 4.20 -10.56
N GLU A 554 0.85 4.27 -9.38
CA GLU A 554 2.27 4.08 -9.25
C GLU A 554 2.69 2.85 -8.44
N GLY A 555 2.08 1.71 -8.76
CA GLY A 555 2.56 0.41 -8.28
C GLY A 555 2.00 -0.18 -7.02
N TRP A 556 1.30 0.62 -6.23
CA TRP A 556 0.69 0.13 -5.00
C TRP A 556 -0.37 -0.94 -5.34
N GLN A 557 -0.18 -2.19 -4.86
CA GLN A 557 -1.07 -3.33 -5.17
C GLN A 557 -1.21 -3.57 -6.69
N GLY A 558 -0.12 -3.28 -7.42
CA GLY A 558 -0.08 -3.45 -8.86
C GLY A 558 -0.87 -2.40 -9.62
N ARG A 559 -1.41 -1.37 -8.94
CA ARG A 559 -2.20 -0.34 -9.59
C ARG A 559 -1.35 0.51 -10.51
N ASN A 560 -1.74 0.58 -11.79
CA ASN A 560 -0.98 1.31 -12.78
C ASN A 560 -1.88 2.07 -13.77
N ASP A 561 -3.21 2.03 -13.61
CA ASP A 561 -4.14 2.65 -14.56
C ASP A 561 -4.29 4.15 -14.32
N TYR A 562 -3.49 4.94 -15.05
CA TYR A 562 -3.52 6.39 -14.97
C TYR A 562 -4.88 7.01 -15.39
N ALA A 563 -5.50 6.51 -16.47
CA ALA A 563 -6.79 7.04 -16.94
C ALA A 563 -7.90 6.79 -15.91
N ALA A 564 -7.93 5.58 -15.31
CA ALA A 564 -8.92 5.27 -14.28
C ALA A 564 -8.68 6.14 -13.06
N TYR A 565 -7.42 6.45 -12.71
CA TYR A 565 -7.06 7.31 -11.59
C TYR A 565 -7.62 8.75 -11.77
N ILE A 566 -7.38 9.36 -12.94
CA ILE A 566 -7.86 10.69 -13.26
C ILE A 566 -9.38 10.70 -13.32
N LYS A 567 -9.99 9.68 -13.93
CA LYS A 567 -11.44 9.60 -14.04
C LYS A 567 -12.07 9.61 -12.64
N ASN A 568 -11.46 8.85 -11.72
CA ASN A 568 -11.95 8.74 -10.36
C ASN A 568 -11.84 10.06 -9.58
N LEU A 569 -10.77 10.86 -9.79
CA LEU A 569 -10.61 12.17 -9.14
C LEU A 569 -11.80 13.06 -9.50
N TYR A 570 -12.19 13.05 -10.77
CA TYR A 570 -13.27 13.88 -11.22
C TYR A 570 -14.62 13.37 -10.85
N THR A 571 -14.80 12.04 -10.78
CA THR A 571 -16.07 11.41 -10.42
C THR A 571 -16.45 11.74 -8.99
N HIS A 572 -15.49 11.59 -8.03
CA HIS A 572 -15.82 11.76 -6.62
C HIS A 572 -15.04 12.79 -5.82
N ASP A 573 -13.76 12.99 -6.15
CA ASP A 573 -12.85 13.76 -5.30
C ASP A 573 -12.87 15.27 -5.52
N VAL A 574 -13.13 15.76 -6.74
CA VAL A 574 -13.24 17.20 -6.97
C VAL A 574 -14.43 17.76 -6.19
N SER A 575 -15.61 17.09 -6.23
CA SER A 575 -16.79 17.58 -5.50
C SER A 575 -16.66 17.43 -3.98
N THR A 576 -16.03 16.34 -3.52
CA THR A 576 -15.75 16.09 -2.11
C THR A 576 -14.85 17.18 -1.59
N LYS A 577 -13.79 17.56 -2.36
CA LYS A 577 -12.86 18.58 -1.95
C LYS A 577 -13.48 19.96 -2.01
N PHE A 578 -14.35 20.21 -2.99
CA PHE A 578 -15.09 21.47 -3.10
C PHE A 578 -15.93 21.67 -1.84
N ILE A 579 -16.64 20.61 -1.38
CA ILE A 579 -17.54 20.65 -0.22
C ILE A 579 -16.75 20.93 1.07
N GLN A 580 -15.50 20.45 1.15
CA GLN A 580 -14.59 20.67 2.29
C GLN A 580 -14.12 22.13 2.42
N HIS A 581 -14.37 23.00 1.42
CA HIS A 581 -14.02 24.42 1.55
C HIS A 581 -15.08 25.22 2.32
N PHE A 582 -16.09 24.53 2.88
CA PHE A 582 -17.20 25.10 3.61
C PHE A 582 -17.40 24.24 4.86
N LYS A 583 -17.98 24.84 5.89
CA LYS A 583 -18.20 24.16 7.16
C LYS A 583 -19.68 23.95 7.39
N VAL A 584 -20.07 22.75 7.84
CA VAL A 584 -21.49 22.44 8.01
C VAL A 584 -22.14 23.35 9.03
N THR A 585 -23.29 23.95 8.70
CA THR A 585 -24.03 24.80 9.63
C THR A 585 -25.42 24.23 9.97
N ARG A 586 -25.97 23.38 9.11
CA ARG A 586 -27.27 22.78 9.34
C ARG A 586 -27.33 21.42 8.64
N TRP A 587 -27.95 20.42 9.26
CA TRP A 587 -28.03 19.08 8.71
C TRP A 587 -29.36 18.45 9.20
N VAL A 588 -30.38 18.41 8.32
CA VAL A 588 -31.68 17.87 8.68
C VAL A 588 -32.05 16.64 7.87
N ASN A 589 -33.05 15.86 8.38
CA ASN A 589 -33.70 14.72 7.77
C ASN A 589 -32.75 13.62 7.39
N ASN A 590 -31.83 13.28 8.30
CA ASN A 590 -30.85 12.24 8.06
C ASN A 590 -31.53 10.88 8.08
N PRO A 591 -31.59 10.16 6.94
CA PRO A 591 -32.30 8.88 6.92
C PRO A 591 -31.70 7.77 7.76
N LEU A 592 -30.41 7.90 8.10
CA LEU A 592 -29.71 6.88 8.86
C LEU A 592 -30.06 6.85 10.35
N LEU A 593 -30.64 7.95 10.86
CA LEU A 593 -30.97 8.11 12.27
C LEU A 593 -32.45 7.89 12.47
N THR A 594 -32.80 6.98 13.36
CA THR A 594 -34.21 6.67 13.64
C THR A 594 -34.40 6.52 15.16
N ALA A 595 -35.66 6.43 15.62
CA ALA A 595 -35.98 6.20 17.04
C ALA A 595 -35.47 4.81 17.49
N ASP A 596 -35.49 3.81 16.61
CA ASP A 596 -34.99 2.47 16.92
C ASP A 596 -33.50 2.37 17.17
N ASN A 597 -32.68 3.23 16.51
CA ASN A 597 -31.24 3.16 16.73
C ASN A 597 -30.71 4.24 17.71
N GLY A 598 -31.59 4.76 18.56
CA GLY A 598 -31.23 5.68 19.61
C GLY A 598 -31.20 7.15 19.25
N ASN A 599 -31.88 7.49 18.15
CA ASN A 599 -31.87 8.85 17.64
C ASN A 599 -33.27 9.43 17.44
N ALA A 600 -34.19 9.20 18.41
CA ALA A 600 -35.57 9.71 18.30
C ALA A 600 -35.65 11.23 18.21
N ALA A 601 -34.70 11.94 18.81
CA ALA A 601 -34.71 13.38 18.81
C ALA A 601 -33.86 13.98 17.71
N ALA A 602 -33.44 13.19 16.70
CA ALA A 602 -32.64 13.70 15.60
C ALA A 602 -33.37 14.80 14.86
N VAL A 603 -32.58 15.80 14.47
CA VAL A 603 -32.94 17.04 13.83
C VAL A 603 -33.71 16.81 12.50
N SER A 604 -35.00 17.12 12.55
CA SER A 604 -35.90 16.95 11.42
C SER A 604 -36.46 18.33 10.96
N ASP A 605 -37.16 18.33 9.78
CA ASP A 605 -37.82 19.48 9.18
C ASP A 605 -38.56 19.08 7.90
N PRO A 606 -39.90 18.97 7.95
CA PRO A 606 -40.66 18.66 6.74
C PRO A 606 -40.80 19.82 5.76
N ASN A 607 -40.41 21.03 6.18
CA ASN A 607 -40.43 22.19 5.32
C ASN A 607 -39.12 22.43 4.56
N THR A 608 -38.12 21.54 4.74
CA THR A 608 -36.84 21.59 4.06
C THR A 608 -36.76 20.40 3.10
N ASN A 609 -36.56 20.66 1.81
CA ASN A 609 -36.31 19.60 0.83
C ASN A 609 -37.32 18.42 0.89
N ASN A 610 -38.61 18.73 1.08
CA ASN A 610 -39.70 17.75 1.15
C ASN A 610 -39.53 16.76 2.30
N GLY A 611 -38.88 17.17 3.37
CA GLY A 611 -38.61 16.26 4.47
C GLY A 611 -37.52 15.25 4.18
N ASN A 612 -36.71 15.49 3.12
CA ASN A 612 -35.58 14.64 2.74
C ASN A 612 -34.26 15.31 3.16
N GLU A 613 -33.20 14.53 3.23
CA GLU A 613 -31.91 14.97 3.73
C GLU A 613 -31.38 16.18 3.02
N GLN A 614 -30.88 17.13 3.80
CA GLN A 614 -30.27 18.34 3.29
C GLN A 614 -29.21 18.84 4.26
N ILE A 615 -28.06 19.29 3.70
CA ILE A 615 -26.97 19.85 4.49
C ILE A 615 -26.61 21.27 3.97
N THR A 616 -26.44 22.24 4.87
CA THR A 616 -26.05 23.61 4.51
C THR A 616 -24.64 23.83 5.08
N LEU A 617 -23.75 24.42 4.27
CA LEU A 617 -22.38 24.68 4.67
C LEU A 617 -22.06 26.12 4.33
N LYS A 618 -21.18 26.77 5.11
CA LYS A 618 -20.78 28.15 4.81
C LYS A 618 -19.29 28.36 5.01
N ASP A 619 -18.71 29.30 4.27
CA ASP A 619 -17.31 29.67 4.50
C ASP A 619 -17.22 30.98 5.31
N SER A 620 -16.03 31.44 5.67
CA SER A 620 -15.88 32.69 6.44
C SER A 620 -16.24 33.93 5.66
N ASN A 621 -16.43 33.85 4.34
CA ASN A 621 -16.86 34.98 3.52
C ASN A 621 -18.37 35.00 3.29
N GLY A 622 -19.13 34.15 3.99
CA GLY A 622 -20.57 34.08 3.81
C GLY A 622 -21.08 33.35 2.59
N ASN A 623 -20.22 32.63 1.86
CA ASN A 623 -20.69 31.83 0.71
C ASN A 623 -21.47 30.64 1.25
N VAL A 624 -22.59 30.28 0.61
CA VAL A 624 -23.44 29.20 1.09
C VAL A 624 -23.52 28.07 0.10
N VAL A 625 -23.31 26.83 0.57
CA VAL A 625 -23.46 25.62 -0.24
C VAL A 625 -24.61 24.80 0.37
N VAL A 626 -25.54 24.34 -0.47
CA VAL A 626 -26.64 23.50 -0.01
C VAL A 626 -26.61 22.20 -0.80
N VAL A 627 -26.53 21.07 -0.08
N VAL A 627 -26.49 21.05 -0.10
CA VAL A 627 -26.49 19.75 -0.68
CA VAL A 627 -26.53 19.75 -0.75
C VAL A 627 -27.81 19.01 -0.35
C VAL A 627 -27.82 19.05 -0.38
N SER A 628 -28.58 18.58 -1.38
CA SER A 628 -29.88 17.96 -1.15
C SER A 628 -30.03 16.55 -1.71
N ARG A 629 -30.73 15.67 -0.96
CA ARG A 629 -31.06 14.30 -1.40
C ARG A 629 -32.42 14.33 -2.11
N GLY A 630 -32.52 13.63 -3.24
CA GLY A 630 -33.76 13.59 -4.01
C GLY A 630 -34.92 13.00 -3.24
N SER A 631 -34.64 11.90 -2.52
CA SER A 631 -35.59 11.15 -1.71
C SER A 631 -34.86 10.46 -0.55
N ASN A 632 -35.53 10.28 0.58
CA ASN A 632 -34.97 9.52 1.70
C ASN A 632 -35.29 8.02 1.65
N ASP A 633 -35.98 7.56 0.61
CA ASP A 633 -36.33 6.16 0.47
C ASP A 633 -35.25 5.44 -0.37
N THR A 634 -34.53 4.46 0.23
CA THR A 634 -33.45 3.77 -0.50
C THR A 634 -33.96 2.94 -1.68
N SER A 635 -35.27 2.68 -1.76
CA SER A 635 -35.83 1.96 -2.92
C SER A 635 -36.21 2.90 -4.07
N SER A 636 -36.07 4.21 -3.87
CA SER A 636 -36.35 5.19 -4.87
C SER A 636 -35.06 5.47 -5.67
N ALA A 637 -35.21 5.76 -6.96
CA ALA A 637 -34.07 6.16 -7.78
C ALA A 637 -33.51 7.52 -7.28
N ALA A 638 -34.37 8.36 -6.69
CA ALA A 638 -33.99 9.66 -6.21
C ALA A 638 -33.16 9.63 -4.94
N TYR A 639 -32.99 8.47 -4.27
CA TYR A 639 -32.15 8.41 -3.07
C TYR A 639 -30.70 8.80 -3.42
N ARG A 640 -30.22 8.36 -4.60
CA ARG A 640 -28.89 8.68 -5.06
C ARG A 640 -28.81 9.98 -5.87
N GLN A 641 -29.93 10.71 -6.03
CA GLN A 641 -29.93 11.99 -6.73
C GLN A 641 -29.48 13.07 -5.74
N ARG A 642 -28.52 13.89 -6.15
CA ARG A 642 -28.01 14.96 -5.33
C ARG A 642 -27.95 16.23 -6.13
N THR A 643 -28.37 17.34 -5.52
CA THR A 643 -28.13 18.64 -6.13
C THR A 643 -27.23 19.44 -5.19
N ILE A 644 -26.29 20.20 -5.75
CA ILE A 644 -25.43 21.11 -5.01
C ILE A 644 -25.71 22.51 -5.53
N THR A 645 -25.98 23.46 -4.66
CA THR A 645 -26.11 24.87 -5.05
C THR A 645 -24.99 25.67 -4.37
N PHE A 646 -24.46 26.69 -5.04
CA PHE A 646 -23.44 27.59 -4.51
C PHE A 646 -24.08 28.98 -4.63
N ASN A 647 -24.37 29.60 -3.50
CA ASN A 647 -25.05 30.90 -3.44
C ASN A 647 -26.38 30.90 -4.16
N GLY A 648 -27.14 29.83 -3.97
CA GLY A 648 -28.46 29.67 -4.55
C GLY A 648 -28.49 29.18 -5.97
N VAL A 649 -27.32 29.04 -6.62
CA VAL A 649 -27.25 28.59 -8.01
C VAL A 649 -26.81 27.11 -8.14
N LYS A 650 -27.54 26.31 -8.94
CA LYS A 650 -27.19 24.91 -9.14
C LYS A 650 -25.82 24.75 -9.80
N VAL A 651 -24.88 24.06 -9.12
CA VAL A 651 -23.54 23.79 -9.63
C VAL A 651 -23.28 22.26 -9.86
N ALA A 652 -24.21 21.39 -9.46
CA ALA A 652 -24.07 19.94 -9.63
C ALA A 652 -25.41 19.29 -9.52
N SER A 653 -25.64 18.25 -10.33
CA SER A 653 -26.90 17.54 -10.28
C SER A 653 -26.76 16.14 -10.80
N GLY A 654 -27.46 15.22 -10.16
CA GLY A 654 -27.50 13.85 -10.61
C GLY A 654 -27.00 12.78 -9.68
N VAL A 655 -26.82 11.60 -10.24
CA VAL A 655 -26.39 10.40 -9.54
C VAL A 655 -24.94 10.18 -9.89
N VAL A 656 -24.05 10.04 -8.87
N VAL A 656 -24.08 10.05 -8.87
CA VAL A 656 -22.64 9.77 -9.15
CA VAL A 656 -22.66 9.80 -9.12
C VAL A 656 -22.49 8.33 -9.64
C VAL A 656 -22.47 8.33 -9.59
N SER A 657 -21.40 8.04 -10.35
CA SER A 657 -21.10 6.67 -10.76
C SER A 657 -20.72 5.93 -9.45
N ALA A 658 -21.31 4.76 -9.19
CA ALA A 658 -21.11 4.02 -7.96
C ALA A 658 -19.62 3.89 -7.59
N GLY A 659 -19.29 4.34 -6.39
CA GLY A 659 -17.92 4.34 -5.91
C GLY A 659 -17.29 2.96 -5.86
N ASP A 660 -18.11 1.91 -6.04
CA ASP A 660 -17.64 0.55 -6.06
C ASP A 660 -17.44 0.00 -7.50
N GLY A 661 -17.47 0.88 -8.50
CA GLY A 661 -17.28 0.49 -9.90
C GLY A 661 -18.43 -0.25 -10.56
N SER A 662 -19.54 -0.44 -9.85
CA SER A 662 -20.64 -1.27 -10.31
C SER A 662 -21.68 -0.62 -11.24
N ALA A 663 -21.77 0.71 -11.36
CA ALA A 663 -22.80 1.33 -12.20
C ALA A 663 -22.44 2.74 -12.52
N THR A 664 -22.32 3.11 -13.81
CA THR A 664 -22.05 4.52 -14.14
C THR A 664 -23.32 5.36 -13.87
N GLY A 665 -23.15 6.61 -13.47
CA GLY A 665 -24.27 7.47 -13.16
C GLY A 665 -24.57 8.50 -14.23
N ASP A 666 -25.16 9.62 -13.83
CA ASP A 666 -25.49 10.68 -14.78
C ASP A 666 -25.08 12.07 -14.30
N GLU A 667 -24.38 12.16 -13.16
CA GLU A 667 -24.02 13.45 -12.62
C GLU A 667 -23.22 14.35 -13.55
N SER A 668 -23.62 15.61 -13.61
N SER A 668 -23.61 15.62 -13.61
CA SER A 668 -22.88 16.66 -14.26
CA SER A 668 -22.90 16.65 -14.30
C SER A 668 -22.64 17.76 -13.23
C SER A 668 -22.71 17.84 -13.32
N TYR A 669 -21.58 18.55 -13.43
CA TYR A 669 -21.31 19.68 -12.56
C TYR A 669 -20.54 20.77 -13.28
N LEU A 670 -20.59 21.97 -12.73
CA LEU A 670 -19.84 23.11 -13.19
C LEU A 670 -19.44 23.78 -11.88
N LEU A 671 -18.40 23.23 -11.25
CA LEU A 671 -17.98 23.68 -9.92
C LEU A 671 -17.04 24.88 -9.95
N PRO A 672 -17.40 25.99 -9.26
CA PRO A 672 -16.47 27.13 -9.22
C PRO A 672 -15.28 26.83 -8.32
N TRP A 673 -14.08 26.72 -8.88
CA TRP A 673 -12.87 26.49 -8.07
C TRP A 673 -12.19 27.83 -7.81
N MET A 674 -12.47 28.44 -6.66
CA MET A 674 -12.06 29.79 -6.31
C MET A 674 -10.74 29.93 -5.57
N TRP A 675 -10.09 28.82 -5.26
CA TRP A 675 -8.97 28.82 -4.37
C TRP A 675 -7.69 28.40 -5.03
N ASP A 676 -6.57 28.88 -4.46
CA ASP A 676 -5.28 28.45 -4.95
C ASP A 676 -4.99 27.05 -4.40
N SER A 677 -3.95 26.39 -4.91
CA SER A 677 -3.58 25.06 -4.47
C SER A 677 -2.56 25.04 -3.34
N PHE A 678 -2.35 26.20 -2.65
CA PHE A 678 -1.37 26.34 -1.58
C PHE A 678 -2.10 26.50 -0.28
N THR A 679 -2.31 27.72 0.23
CA THR A 679 -3.04 27.92 1.47
C THR A 679 -4.58 27.97 1.24
N GLY A 680 -5.05 27.86 0.01
CA GLY A 680 -6.46 27.89 -0.28
C GLY A 680 -7.08 29.27 -0.27
N LYS A 681 -6.27 30.31 -0.45
CA LYS A 681 -6.79 31.66 -0.51
C LYS A 681 -7.51 31.86 -1.84
N LEU A 682 -8.40 32.86 -1.90
CA LEU A 682 -9.09 33.17 -3.14
C LEU A 682 -8.11 33.68 -4.16
N VAL A 683 -8.17 33.12 -5.37
CA VAL A 683 -7.34 33.61 -6.46
C VAL A 683 -7.94 34.96 -6.96
N LYS A 684 -7.15 35.77 -7.67
CA LYS A 684 -7.65 37.05 -8.19
C LYS A 684 -8.84 36.85 -9.15
N ASP A 685 -9.81 37.77 -9.12
CA ASP A 685 -11.05 37.71 -9.89
C ASP A 685 -10.90 37.25 -11.34
N SER A 686 -9.84 37.65 -12.01
CA SER A 686 -9.60 37.25 -13.38
C SER A 686 -9.05 35.82 -13.54
N GLU A 687 -8.37 35.26 -12.52
CA GLU A 687 -7.81 33.87 -12.51
C GLU A 687 -8.80 32.79 -12.03
N GLN A 688 -10.04 33.18 -11.77
CA GLN A 688 -11.07 32.29 -11.30
C GLN A 688 -11.54 31.33 -12.39
N LYS A 689 -11.76 30.06 -12.05
CA LYS A 689 -12.17 29.08 -13.04
C LYS A 689 -13.26 28.12 -12.54
N LEU A 690 -13.90 27.40 -13.48
CA LEU A 690 -14.93 26.42 -13.19
C LEU A 690 -14.47 25.05 -13.74
N TYR A 691 -14.77 23.93 -13.04
CA TYR A 691 -14.47 22.61 -13.56
C TYR A 691 -15.78 22.03 -14.08
N HIS A 692 -15.80 21.49 -15.33
CA HIS A 692 -16.95 20.85 -15.92
C HIS A 692 -16.74 19.36 -16.17
N TRP A 693 -17.75 18.57 -15.76
CA TRP A 693 -17.75 17.12 -15.89
C TRP A 693 -19.16 16.71 -16.20
N ASN A 694 -19.34 15.82 -17.17
CA ASN A 694 -20.64 15.32 -17.56
C ASN A 694 -20.46 13.81 -17.65
N THR A 695 -21.00 13.02 -16.70
CA THR A 695 -20.81 11.55 -16.66
C THR A 695 -21.17 10.85 -17.97
N LYS A 696 -22.41 11.04 -18.48
CA LYS A 696 -22.82 10.38 -19.72
C LYS A 696 -22.42 11.11 -20.97
N GLY A 697 -21.96 12.35 -20.86
CA GLY A 697 -21.66 13.16 -22.02
C GLY A 697 -22.93 13.78 -22.57
N GLY A 698 -22.79 14.91 -23.25
CA GLY A 698 -23.93 15.58 -23.84
C GLY A 698 -23.85 17.08 -23.72
N THR A 699 -25.00 17.72 -23.81
CA THR A 699 -25.11 19.16 -23.77
C THR A 699 -25.97 19.55 -22.59
N THR A 700 -25.43 20.39 -21.70
CA THR A 700 -26.11 20.90 -20.50
C THR A 700 -25.92 22.42 -20.43
N THR A 701 -26.89 23.13 -19.85
CA THR A 701 -26.88 24.59 -19.67
C THR A 701 -26.83 24.93 -18.20
N TRP A 702 -26.04 25.94 -17.83
CA TRP A 702 -25.77 26.35 -16.46
C TRP A 702 -25.80 27.85 -16.28
N THR A 703 -26.13 28.33 -15.08
CA THR A 703 -26.06 29.74 -14.74
C THR A 703 -24.68 29.93 -14.13
N LEU A 704 -23.85 30.80 -14.71
CA LEU A 704 -22.51 31.08 -14.19
C LEU A 704 -22.60 31.78 -12.84
N PRO A 705 -21.56 31.75 -11.98
CA PRO A 705 -21.66 32.47 -10.70
C PRO A 705 -21.84 33.98 -10.91
N ASP A 706 -22.27 34.68 -9.86
CA ASP A 706 -22.53 36.11 -9.90
C ASP A 706 -21.47 36.97 -10.58
N SER A 707 -20.18 36.78 -10.24
CA SER A 707 -19.09 37.58 -10.83
C SER A 707 -18.83 37.32 -12.30
N TRP A 708 -19.51 36.35 -12.91
CA TRP A 708 -19.39 36.03 -14.33
C TRP A 708 -20.65 36.51 -15.11
N LYS A 709 -21.71 36.98 -14.42
CA LYS A 709 -23.00 37.31 -15.04
C LYS A 709 -22.92 38.32 -16.20
N ASN A 710 -21.91 39.20 -16.22
CA ASN A 710 -21.79 40.19 -17.29
C ASN A 710 -20.82 39.82 -18.41
N LEU A 711 -20.16 38.66 -18.34
CA LEU A 711 -19.26 38.25 -19.41
C LEU A 711 -20.07 37.98 -20.68
N SER A 712 -19.48 38.18 -21.85
CA SER A 712 -20.18 37.87 -23.09
C SER A 712 -19.70 36.52 -23.70
N SER A 713 -18.56 36.00 -23.22
CA SER A 713 -18.03 34.72 -23.63
C SER A 713 -17.11 34.16 -22.55
N VAL A 714 -16.81 32.84 -22.61
CA VAL A 714 -15.89 32.15 -21.69
C VAL A 714 -14.96 31.28 -22.54
N LYS A 715 -13.81 30.87 -21.96
CA LYS A 715 -12.89 30.00 -22.69
C LYS A 715 -12.95 28.63 -22.06
N VAL A 716 -13.17 27.59 -22.86
CA VAL A 716 -13.29 26.23 -22.33
C VAL A 716 -12.16 25.38 -22.86
N TYR A 717 -11.47 24.63 -21.99
CA TYR A 717 -10.36 23.78 -22.39
C TYR A 717 -10.61 22.37 -21.95
N GLN A 718 -10.22 21.40 -22.79
CA GLN A 718 -10.30 20.00 -22.43
C GLN A 718 -8.99 19.65 -21.73
N LEU A 719 -9.05 19.05 -20.53
CA LEU A 719 -7.83 18.72 -19.79
C LEU A 719 -7.38 17.34 -20.14
N THR A 720 -6.08 17.18 -20.48
CA THR A 720 -5.45 15.90 -20.86
C THR A 720 -4.10 15.78 -20.10
N ASP A 721 -3.34 14.67 -20.26
CA ASP A 721 -2.01 14.57 -19.64
C ASP A 721 -1.00 15.62 -20.18
N GLN A 722 -1.42 16.43 -21.19
CA GLN A 722 -0.65 17.51 -21.79
C GLN A 722 -1.11 18.89 -21.36
N GLY A 723 -2.17 18.98 -20.54
CA GLY A 723 -2.66 20.26 -20.08
C GLY A 723 -3.92 20.67 -20.82
N LYS A 724 -4.13 21.98 -20.96
CA LYS A 724 -5.29 22.58 -21.61
C LYS A 724 -5.20 22.40 -23.12
N THR A 725 -6.23 21.79 -23.72
CA THR A 725 -6.27 21.55 -25.15
C THR A 725 -7.64 21.98 -25.71
N ASN A 726 -7.80 21.97 -27.07
CA ASN A 726 -9.07 22.23 -27.76
C ASN A 726 -9.81 23.44 -27.24
N GLU A 727 -9.13 24.58 -27.19
CA GLU A 727 -9.78 25.81 -26.73
C GLU A 727 -11.06 26.15 -27.50
N GLN A 728 -12.14 26.41 -26.79
CA GLN A 728 -13.39 26.80 -27.38
C GLN A 728 -13.83 28.11 -26.81
N THR A 729 -14.41 28.98 -27.63
CA THR A 729 -14.97 30.23 -27.15
C THR A 729 -16.46 29.98 -27.12
N VAL A 730 -17.04 29.99 -25.92
CA VAL A 730 -18.46 29.71 -25.76
C VAL A 730 -19.16 30.99 -25.34
N ALA A 731 -20.28 31.32 -25.98
CA ALA A 731 -21.03 32.55 -25.67
C ALA A 731 -21.81 32.46 -24.35
N VAL A 732 -21.97 33.61 -23.68
CA VAL A 732 -22.76 33.74 -22.45
C VAL A 732 -24.01 34.55 -22.80
N SER A 733 -25.23 34.08 -22.46
CA SER A 733 -26.45 34.84 -22.71
C SER A 733 -27.23 34.87 -21.44
N GLY A 734 -27.49 36.05 -20.90
CA GLY A 734 -28.25 36.19 -19.68
C GLY A 734 -27.59 35.49 -18.51
N GLY A 735 -26.26 35.52 -18.48
CA GLY A 735 -25.45 34.90 -17.43
C GLY A 735 -25.42 33.38 -17.48
N LYS A 736 -25.86 32.80 -18.61
CA LYS A 736 -25.90 31.36 -18.78
C LYS A 736 -24.97 30.88 -19.86
N VAL A 737 -24.50 29.64 -19.72
CA VAL A 737 -23.60 29.03 -20.67
C VAL A 737 -24.07 27.60 -20.99
N THR A 738 -23.88 27.19 -22.25
CA THR A 738 -24.25 25.84 -22.70
C THR A 738 -22.93 25.14 -23.02
N LEU A 739 -22.73 23.94 -22.47
CA LEU A 739 -21.47 23.22 -22.69
C LEU A 739 -21.73 21.88 -23.30
N THR A 740 -20.93 21.51 -24.31
CA THR A 740 -21.03 20.19 -24.92
C THR A 740 -19.81 19.44 -24.46
N ALA A 741 -20.02 18.30 -23.83
CA ALA A 741 -18.93 17.55 -23.22
C ALA A 741 -18.93 16.11 -23.60
N ASP A 742 -17.75 15.51 -23.81
CA ASP A 742 -17.69 14.06 -24.02
C ASP A 742 -17.92 13.42 -22.64
N ALA A 743 -18.33 12.15 -22.64
CA ALA A 743 -18.57 11.39 -21.41
C ALA A 743 -17.27 11.26 -20.64
N GLU A 744 -17.32 11.57 -19.34
CA GLU A 744 -16.19 11.43 -18.43
C GLU A 744 -14.89 12.05 -18.93
N THR A 745 -14.97 13.28 -19.40
CA THR A 745 -13.84 14.03 -19.91
C THR A 745 -13.83 15.35 -19.16
N PRO A 746 -12.70 15.74 -18.53
CA PRO A 746 -12.69 17.00 -17.79
C PRO A 746 -12.49 18.25 -18.64
N TYR A 747 -13.16 19.34 -18.26
CA TYR A 747 -12.98 20.63 -18.92
C TYR A 747 -12.76 21.69 -17.85
N VAL A 748 -12.08 22.77 -18.21
CA VAL A 748 -11.90 23.89 -17.28
C VAL A 748 -12.34 25.16 -18.01
N VAL A 749 -13.10 26.00 -17.34
CA VAL A 749 -13.64 27.21 -17.93
C VAL A 749 -13.01 28.42 -17.27
N TYR A 750 -12.51 29.36 -18.09
CA TYR A 750 -11.93 30.63 -17.64
C TYR A 750 -12.73 31.80 -18.25
N LYS A 751 -12.57 33.01 -17.68
CA LYS A 751 -13.26 34.20 -18.21
C LYS A 751 -12.63 34.65 -19.54
N GLY A 752 -11.33 34.48 -19.66
CA GLY A 752 -10.60 34.83 -20.86
C GLY A 752 -9.53 33.80 -21.14
N GLU A 753 -8.69 34.10 -22.12
CA GLU A 753 -7.63 33.19 -22.53
C GLU A 753 -6.70 32.80 -21.36
N ALA A 754 -6.31 31.53 -21.28
CA ALA A 754 -5.46 31.06 -20.20
C ALA A 754 -4.17 30.51 -20.74
N LYS A 755 -3.08 30.71 -20.01
CA LYS A 755 -1.78 30.20 -20.41
C LYS A 755 -1.56 28.75 -19.93
N GLN A 756 -0.71 28.04 -20.62
CA GLN A 756 -0.36 26.69 -20.26
C GLN A 756 0.46 26.72 -18.94
N ILE A 757 0.25 25.71 -18.04
CA ILE A 757 1.06 25.54 -16.81
C ILE A 757 2.47 25.18 -17.33
N GLN A 758 3.52 25.89 -16.86
CA GLN A 758 4.87 25.60 -17.33
C GLN A 758 5.44 24.34 -16.69
N VAL A 759 5.87 23.39 -17.56
CA VAL A 759 6.43 22.11 -17.11
C VAL A 759 7.78 21.86 -17.79
N ASN A 760 8.82 21.72 -16.98
CA ASN A 760 10.14 21.37 -17.47
C ASN A 760 10.31 19.92 -17.08
N TRP A 761 10.15 19.01 -18.04
CA TRP A 761 10.23 17.60 -17.74
C TRP A 761 11.60 17.14 -17.28
N SER A 762 11.58 16.28 -16.29
CA SER A 762 12.71 15.59 -15.71
C SER A 762 13.80 16.50 -15.16
N GLU A 763 13.42 17.45 -14.28
CA GLU A 763 14.39 18.30 -13.61
C GLU A 763 15.27 17.43 -12.70
N GLY A 764 16.58 17.64 -12.76
CA GLY A 764 17.54 16.92 -11.95
C GLY A 764 17.97 15.56 -12.47
N MET A 765 17.32 15.12 -13.55
CA MET A 765 17.53 13.80 -14.16
C MET A 765 18.60 13.75 -15.26
N HIS A 766 19.30 14.88 -15.52
CA HIS A 766 20.40 14.99 -16.50
C HIS A 766 19.96 14.90 -17.96
N VAL A 767 18.68 14.77 -18.21
CA VAL A 767 18.10 14.68 -19.53
C VAL A 767 16.66 15.25 -19.42
N VAL A 768 16.13 15.83 -20.49
CA VAL A 768 14.78 16.42 -20.47
C VAL A 768 13.81 15.39 -20.99
N ASP A 769 12.76 15.13 -20.20
CA ASP A 769 11.70 14.17 -20.49
C ASP A 769 12.23 12.75 -20.65
N ALA A 770 12.72 12.21 -19.54
CA ALA A 770 13.27 10.87 -19.37
C ALA A 770 12.20 9.76 -19.40
N GLY A 771 10.96 10.12 -19.12
CA GLY A 771 9.85 9.19 -19.06
C GLY A 771 8.89 9.30 -20.22
N PHE A 772 9.21 10.10 -21.24
CA PHE A 772 8.42 10.25 -22.45
C PHE A 772 6.97 10.69 -22.15
N ASN A 773 6.85 11.67 -21.24
CA ASN A 773 5.61 12.31 -20.80
C ASN A 773 5.26 13.59 -21.59
N GLY A 774 6.14 14.04 -22.47
CA GLY A 774 5.99 15.28 -23.23
C GLY A 774 5.24 15.19 -24.54
N GLY A 775 4.54 14.09 -24.77
CA GLY A 775 3.77 13.92 -26.00
C GLY A 775 4.61 13.78 -27.25
N SER A 776 3.98 13.78 -28.42
CA SER A 776 4.71 13.66 -29.70
C SER A 776 5.79 14.75 -29.86
N ASN A 777 5.50 15.93 -29.30
CA ASN A 777 6.32 17.13 -29.23
C ASN A 777 7.69 16.85 -28.65
N THR A 778 7.81 15.91 -27.71
CA THR A 778 9.09 15.61 -27.06
C THR A 778 10.15 15.12 -28.06
N LEU A 779 9.71 14.47 -29.16
CA LEU A 779 10.63 14.00 -30.18
C LEU A 779 11.08 15.12 -31.15
N THR A 780 10.63 16.36 -30.94
CA THR A 780 11.03 17.51 -31.73
C THR A 780 11.73 18.51 -30.81
N ASP A 781 11.16 18.76 -29.61
CA ASP A 781 11.70 19.73 -28.67
C ASP A 781 12.84 19.25 -27.80
N ASN A 782 12.78 17.99 -27.34
CA ASN A 782 13.74 17.48 -26.35
C ASN A 782 14.72 16.45 -26.88
N TRP A 783 14.21 15.46 -27.61
CA TRP A 783 15.01 14.40 -28.20
C TRP A 783 15.12 14.65 -29.72
N THR A 784 16.24 14.24 -30.33
CA THR A 784 16.52 14.40 -31.76
C THR A 784 16.41 13.04 -32.41
N VAL A 785 15.56 12.95 -33.42
CA VAL A 785 15.33 11.70 -34.12
C VAL A 785 16.08 11.75 -35.46
N SER A 786 16.77 10.67 -35.82
CA SER A 786 17.49 10.56 -37.10
C SER A 786 17.43 9.13 -37.62
N GLY A 787 17.48 8.97 -38.93
CA GLY A 787 17.43 7.65 -39.53
C GLY A 787 16.25 7.48 -40.46
N SER A 788 16.24 6.37 -41.18
CA SER A 788 15.16 6.07 -42.11
C SER A 788 13.91 5.56 -41.41
N GLY A 789 14.07 4.94 -40.25
CA GLY A 789 13.00 4.37 -39.45
C GLY A 789 12.05 5.35 -38.81
N LYS A 790 11.36 4.91 -37.76
CA LYS A 790 10.35 5.72 -37.12
C LYS A 790 10.46 5.70 -35.58
N ALA A 791 10.27 6.87 -34.97
CA ALA A 791 10.29 7.01 -33.52
C ALA A 791 8.97 7.66 -33.12
N GLU A 792 8.25 7.07 -32.16
CA GLU A 792 7.01 7.67 -31.69
C GLU A 792 6.77 7.49 -30.20
N VAL A 793 5.94 8.35 -29.63
CA VAL A 793 5.57 8.25 -28.22
C VAL A 793 4.28 7.43 -28.20
N GLU A 794 4.34 6.21 -27.66
CA GLU A 794 3.20 5.30 -27.69
C GLU A 794 2.79 4.86 -26.30
N GLY A 795 1.51 4.58 -26.13
CA GLY A 795 0.99 4.12 -24.87
C GLY A 795 0.06 5.14 -24.26
N ASP A 796 -1.19 4.76 -24.03
CA ASP A 796 -2.18 5.65 -23.44
C ASP A 796 -2.08 5.75 -21.89
N ASN A 797 -1.43 4.78 -21.29
CA ASN A 797 -1.27 4.71 -19.86
C ASN A 797 0.10 5.33 -19.44
N ASN A 798 1.19 4.55 -19.32
CA ASN A 798 2.53 5.08 -19.04
C ASN A 798 3.21 5.22 -20.43
N ALA A 799 3.31 6.45 -20.96
CA ALA A 799 3.88 6.64 -22.29
C ALA A 799 5.31 6.16 -22.44
N MET A 800 5.64 5.54 -23.57
CA MET A 800 6.96 4.97 -23.87
C MET A 800 7.51 5.49 -25.20
N LEU A 801 8.82 5.25 -25.45
CA LEU A 801 9.41 5.57 -26.74
C LEU A 801 9.32 4.25 -27.57
N ARG A 802 8.68 4.30 -28.76
CA ARG A 802 8.58 3.12 -29.61
C ARG A 802 9.37 3.34 -30.91
N LEU A 803 10.28 2.43 -31.23
CA LEU A 803 11.11 2.52 -32.42
C LEU A 803 10.77 1.39 -33.41
N THR A 804 10.75 1.73 -34.71
CA THR A 804 10.50 0.79 -35.81
C THR A 804 11.55 1.06 -36.90
N GLY A 805 12.16 0.01 -37.44
CA GLY A 805 13.17 0.19 -38.46
C GLY A 805 14.47 0.75 -37.91
N LYS A 806 15.25 1.41 -38.78
CA LYS A 806 16.56 1.93 -38.40
C LYS A 806 16.47 3.38 -37.94
N VAL A 807 16.51 3.63 -36.62
CA VAL A 807 16.31 4.99 -36.09
C VAL A 807 17.16 5.21 -34.83
N ASP A 808 17.57 6.47 -34.59
CA ASP A 808 18.35 6.90 -33.43
C ASP A 808 17.64 8.07 -32.75
N VAL A 809 17.54 8.06 -31.43
CA VAL A 809 16.87 9.12 -30.63
C VAL A 809 17.92 9.55 -29.63
N SER A 810 18.35 10.80 -29.74
N SER A 810 18.37 10.79 -29.76
CA SER A 810 19.46 11.30 -28.94
CA SER A 810 19.48 11.29 -28.95
C SER A 810 19.13 12.54 -28.14
C SER A 810 19.14 12.55 -28.15
N GLN A 811 19.86 12.73 -27.04
CA GLN A 811 19.74 13.90 -26.23
C GLN A 811 21.05 14.14 -25.48
N ARG A 812 21.42 15.41 -25.37
CA ARG A 812 22.58 15.81 -24.61
C ARG A 812 22.29 15.67 -23.08
N LEU A 813 23.31 15.20 -22.35
CA LEU A 813 23.28 15.05 -20.91
C LEU A 813 23.74 16.34 -20.24
N THR A 814 23.04 16.75 -19.19
CA THR A 814 23.37 17.97 -18.48
C THR A 814 23.72 17.70 -17.02
N ASP A 815 24.36 18.66 -16.38
CA ASP A 815 24.64 18.69 -14.96
C ASP A 815 25.42 17.49 -14.46
N LEU A 816 26.33 16.95 -15.27
CA LEU A 816 27.19 15.85 -14.81
C LEU A 816 28.42 16.40 -14.09
N LYS A 817 28.95 15.66 -13.12
CA LYS A 817 30.16 16.06 -12.40
C LYS A 817 31.30 15.44 -13.15
N ALA A 818 32.10 16.26 -13.87
CA ALA A 818 33.23 15.78 -14.66
C ALA A 818 34.19 14.92 -13.86
N GLY A 819 34.53 13.76 -14.42
CA GLY A 819 35.43 12.81 -13.78
C GLY A 819 34.75 11.80 -12.88
N GLN A 820 33.43 11.95 -12.62
CA GLN A 820 32.70 11.01 -11.76
C GLN A 820 32.15 9.83 -12.53
N LYS A 821 32.06 8.68 -11.88
CA LYS A 821 31.52 7.48 -12.51
C LYS A 821 29.99 7.52 -12.45
N TYR A 822 29.35 7.20 -13.59
CA TYR A 822 27.91 7.18 -13.75
C TYR A 822 27.45 5.88 -14.35
N ALA A 823 26.28 5.41 -13.93
CA ALA A 823 25.58 4.32 -14.56
C ALA A 823 24.41 4.99 -15.28
N LEU A 824 24.10 4.50 -16.47
CA LEU A 824 22.95 4.98 -17.21
C LEU A 824 22.18 3.73 -17.58
N TYR A 825 20.96 3.60 -17.04
CA TYR A 825 20.13 2.47 -17.39
C TYR A 825 18.79 2.93 -17.92
N VAL A 826 18.20 2.14 -18.79
CA VAL A 826 16.93 2.46 -19.42
C VAL A 826 16.13 1.16 -19.52
N GLY A 827 14.83 1.22 -19.27
CA GLY A 827 14.00 0.03 -19.42
C GLY A 827 13.86 -0.26 -20.90
N VAL A 828 14.07 -1.52 -21.33
CA VAL A 828 13.92 -1.85 -22.75
C VAL A 828 13.11 -3.13 -22.96
N ASP A 829 12.20 -3.09 -23.94
CA ASP A 829 11.39 -4.25 -24.35
C ASP A 829 11.57 -4.34 -25.86
N ASN A 830 12.38 -5.28 -26.30
CA ASN A 830 12.69 -5.44 -27.71
C ASN A 830 11.96 -6.66 -28.32
N ARG A 831 11.07 -6.37 -29.27
CA ARG A 831 10.30 -7.41 -29.99
C ARG A 831 10.91 -7.79 -31.36
N SER A 832 11.95 -7.07 -31.77
CA SER A 832 12.66 -7.27 -33.00
C SER A 832 13.84 -8.19 -32.78
N THR A 833 14.23 -8.92 -33.84
CA THR A 833 15.43 -9.78 -33.81
C THR A 833 16.72 -8.93 -33.91
N GLY A 834 16.62 -7.74 -34.54
CA GLY A 834 17.71 -6.79 -34.63
C GLY A 834 17.97 -6.12 -33.30
N ASP A 835 19.19 -5.65 -33.10
CA ASP A 835 19.62 -5.06 -31.84
C ASP A 835 18.98 -3.72 -31.49
N ALA A 836 18.68 -3.56 -30.20
CA ALA A 836 18.21 -2.31 -29.60
C ALA A 836 19.39 -1.88 -28.70
N SER A 837 19.82 -0.62 -28.81
CA SER A 837 20.99 -0.16 -28.09
C SER A 837 20.84 1.11 -27.29
N VAL A 838 21.68 1.24 -26.27
CA VAL A 838 21.86 2.46 -25.49
C VAL A 838 23.37 2.81 -25.57
N THR A 839 23.68 4.03 -25.99
CA THR A 839 25.07 4.45 -26.18
C THR A 839 25.31 5.85 -25.63
N VAL A 840 26.42 6.04 -24.94
CA VAL A 840 26.83 7.36 -24.49
C VAL A 840 28.05 7.75 -25.34
N THR A 841 27.98 8.91 -26.01
CA THR A 841 29.07 9.43 -26.82
C THR A 841 29.53 10.79 -26.33
N SER A 842 30.78 11.14 -26.63
CA SER A 842 31.36 12.43 -26.25
C SER A 842 32.21 12.85 -27.42
N GLY A 843 31.85 13.97 -28.03
CA GLY A 843 32.57 14.50 -29.18
C GLY A 843 32.68 13.53 -30.34
N GLY A 844 31.58 12.82 -30.60
CA GLY A 844 31.55 11.84 -31.69
C GLY A 844 32.05 10.45 -31.33
N LYS A 845 32.95 10.35 -30.33
CA LYS A 845 33.49 9.06 -29.94
C LYS A 845 32.62 8.35 -28.86
N VAL A 846 32.48 7.02 -28.95
CA VAL A 846 31.70 6.22 -28.01
C VAL A 846 32.41 6.00 -26.68
N LEU A 847 31.81 6.45 -25.55
CA LEU A 847 32.35 6.19 -24.22
C LEU A 847 31.86 4.82 -23.71
N ALA A 848 30.60 4.47 -24.03
CA ALA A 848 29.99 3.21 -23.59
C ALA A 848 28.83 2.87 -24.46
N THR A 849 28.59 1.58 -24.67
CA THR A 849 27.46 1.10 -25.45
C THR A 849 27.05 -0.29 -24.95
N ASN A 850 25.77 -0.60 -25.13
CA ASN A 850 25.20 -1.90 -24.79
C ASN A 850 24.03 -2.16 -25.73
N SER A 851 23.70 -3.42 -25.94
CA SER A 851 22.66 -3.86 -26.85
C SER A 851 21.92 -5.08 -26.32
N THR A 852 20.70 -5.24 -26.81
CA THR A 852 19.90 -6.42 -26.55
C THR A 852 19.35 -6.89 -27.90
N GLY A 853 19.26 -8.20 -28.03
CA GLY A 853 18.55 -8.78 -29.15
C GLY A 853 17.08 -8.85 -28.75
N LYS A 854 16.33 -9.82 -29.26
CA LYS A 854 14.94 -10.00 -28.86
C LYS A 854 14.91 -10.33 -27.34
N SER A 855 14.04 -9.62 -26.59
CA SER A 855 13.91 -9.79 -25.16
C SER A 855 13.43 -11.20 -24.85
N ILE A 856 14.00 -11.83 -23.81
CA ILE A 856 13.69 -13.22 -23.46
C ILE A 856 13.06 -13.40 -22.07
N ALA A 857 12.94 -12.32 -21.28
CA ALA A 857 12.44 -12.42 -19.91
C ALA A 857 11.30 -11.45 -19.63
N LYS A 858 10.10 -11.97 -19.36
CA LYS A 858 8.93 -11.14 -19.03
C LYS A 858 9.15 -10.39 -17.71
N ASN A 859 8.48 -9.24 -17.54
CA ASN A 859 8.66 -8.46 -16.32
C ASN A 859 7.63 -8.90 -15.26
N TYR A 860 8.08 -9.31 -14.06
CA TYR A 860 7.17 -9.79 -13.01
C TYR A 860 7.14 -8.89 -11.77
N ILE A 861 7.53 -7.61 -11.91
CA ILE A 861 7.62 -6.66 -10.81
C ILE A 861 6.29 -5.94 -10.67
N LYS A 862 5.48 -6.37 -9.72
CA LYS A 862 4.14 -5.81 -9.46
C LYS A 862 4.11 -4.28 -9.32
N ALA A 863 5.00 -3.68 -8.49
CA ALA A 863 5.02 -2.21 -8.28
C ALA A 863 5.63 -1.42 -9.45
N TYR A 864 6.03 -2.09 -10.53
CA TYR A 864 6.67 -1.48 -11.67
C TYR A 864 5.66 -1.15 -12.77
N GLY A 865 5.83 0.02 -13.38
CA GLY A 865 4.97 0.55 -14.42
C GLY A 865 4.89 -0.21 -15.73
N HIS A 866 5.82 -1.16 -15.97
CA HIS A 866 5.80 -1.94 -17.21
C HIS A 866 5.94 -3.45 -16.98
N ASN A 867 5.23 -4.00 -15.99
CA ASN A 867 5.26 -5.45 -15.75
C ASN A 867 4.39 -6.18 -16.83
N THR A 868 4.48 -7.51 -16.92
CA THR A 868 3.82 -8.27 -18.00
C THR A 868 2.28 -8.26 -17.92
N ASN A 869 1.68 -7.60 -16.89
CA ASN A 869 0.22 -7.42 -16.87
C ASN A 869 -0.19 -6.08 -17.47
N SER A 870 0.76 -5.22 -17.90
CA SER A 870 0.46 -3.89 -18.41
C SER A 870 0.38 -3.75 -19.92
N ASN A 871 0.53 -4.84 -20.68
CA ASN A 871 0.38 -4.80 -22.15
C ASN A 871 1.27 -3.80 -22.90
N THR A 872 2.58 -4.08 -23.00
CA THR A 872 3.47 -3.25 -23.82
C THR A 872 3.12 -3.54 -25.29
N GLU A 873 2.97 -4.83 -25.62
CA GLU A 873 2.55 -5.31 -26.92
C GLU A 873 2.15 -6.76 -26.80
N ASN A 874 1.01 -7.11 -27.40
CA ASN A 874 0.54 -8.48 -27.49
C ASN A 874 0.23 -9.16 -26.14
N GLY A 875 -0.23 -8.35 -25.18
CA GLY A 875 -0.59 -8.85 -23.86
C GLY A 875 0.57 -9.29 -23.03
N SER A 876 1.73 -8.65 -23.20
CA SER A 876 2.91 -8.99 -22.40
C SER A 876 3.87 -7.82 -22.29
N SER A 877 4.82 -7.92 -21.37
CA SER A 877 5.86 -6.93 -21.23
C SER A 877 7.13 -7.60 -20.83
N TYR A 878 8.15 -7.35 -21.61
CA TYR A 878 9.49 -7.88 -21.42
C TYR A 878 10.45 -6.80 -20.93
N PHE A 879 9.95 -5.66 -20.40
CA PHE A 879 10.80 -4.56 -19.94
C PHE A 879 11.79 -5.06 -18.90
N GLN A 880 13.07 -4.74 -19.12
CA GLN A 880 14.18 -5.04 -18.21
C GLN A 880 15.19 -3.93 -18.40
N ASN A 881 15.89 -3.52 -17.32
CA ASN A 881 16.84 -2.41 -17.43
C ASN A 881 18.17 -2.78 -18.12
N MET A 882 18.60 -1.94 -19.09
CA MET A 882 19.83 -2.14 -19.85
C MET A 882 20.80 -1.06 -19.42
N TYR A 883 21.99 -1.46 -18.94
CA TYR A 883 22.99 -0.58 -18.38
C TYR A 883 24.16 -0.28 -19.27
N VAL A 884 24.72 0.92 -19.13
CA VAL A 884 25.99 1.36 -19.68
C VAL A 884 26.68 2.09 -18.52
N PHE A 885 28.01 2.01 -18.46
CA PHE A 885 28.77 2.67 -17.42
C PHE A 885 29.79 3.57 -18.07
N PHE A 886 29.90 4.82 -17.60
CA PHE A 886 30.86 5.77 -18.17
C PHE A 886 31.38 6.78 -17.13
N THR A 887 32.48 7.47 -17.45
CA THR A 887 33.01 8.51 -16.59
C THR A 887 32.67 9.80 -17.29
N ALA A 888 32.05 10.77 -16.59
CA ALA A 888 31.64 12.02 -17.23
C ALA A 888 32.88 12.77 -17.76
N PRO A 889 32.89 13.10 -19.06
CA PRO A 889 34.09 13.72 -19.64
C PRO A 889 34.41 15.10 -19.08
N GLU A 890 35.70 15.48 -19.12
CA GLU A 890 36.15 16.80 -18.66
C GLU A 890 35.58 17.93 -19.55
N ASN A 891 35.37 17.64 -20.86
CA ASN A 891 34.75 18.58 -21.79
C ASN A 891 33.30 18.91 -21.46
N GLY A 892 32.64 18.09 -20.62
CA GLY A 892 31.25 18.27 -20.26
C GLY A 892 30.29 18.00 -21.41
N ASP A 893 30.77 17.31 -22.44
CA ASP A 893 29.99 17.01 -23.62
C ASP A 893 29.71 15.52 -23.63
N ALA A 894 28.50 15.10 -23.26
CA ALA A 894 28.05 13.70 -23.30
C ALA A 894 26.61 13.66 -23.83
N THR A 895 26.32 12.65 -24.63
CA THR A 895 25.03 12.50 -25.28
C THR A 895 24.58 11.05 -25.18
N VAL A 896 23.30 10.80 -24.89
CA VAL A 896 22.78 9.44 -24.87
C VAL A 896 21.99 9.19 -26.15
N THR A 897 22.14 8.00 -26.76
CA THR A 897 21.39 7.62 -27.94
C THR A 897 20.72 6.28 -27.68
N LEU A 898 19.42 6.21 -27.98
CA LEU A 898 18.62 4.98 -27.93
C LEU A 898 18.38 4.64 -29.40
N SER A 899 18.68 3.41 -29.82
CA SER A 899 18.51 3.07 -31.23
C SER A 899 18.05 1.65 -31.53
N HIS A 900 17.48 1.48 -32.72
CA HIS A 900 17.11 0.20 -33.27
C HIS A 900 17.95 0.07 -34.55
N LYS A 901 18.81 -0.94 -34.63
CA LYS A 901 19.73 -1.11 -35.76
C LYS A 901 19.07 -1.70 -36.98
N SER A 902 18.34 -2.81 -36.79
CA SER A 902 17.69 -3.54 -37.86
C SER A 902 16.70 -2.69 -38.65
N THR A 903 16.35 -3.14 -39.86
CA THR A 903 15.44 -2.38 -40.72
C THR A 903 14.04 -3.05 -40.85
N ASP A 904 13.77 -4.11 -40.04
CA ASP A 904 12.49 -4.85 -39.99
C ASP A 904 11.34 -4.02 -39.37
N GLY A 905 10.12 -4.54 -39.43
CA GLY A 905 8.95 -3.82 -38.92
C GLY A 905 8.62 -3.98 -37.46
N ALA A 906 9.35 -4.85 -36.74
CA ALA A 906 9.09 -5.09 -35.33
C ALA A 906 9.54 -3.96 -34.43
N HIS A 907 8.86 -3.81 -33.30
CA HIS A 907 9.04 -2.70 -32.38
C HIS A 907 10.05 -2.89 -31.23
N THR A 908 10.65 -1.77 -30.83
CA THR A 908 11.49 -1.69 -29.65
C THR A 908 10.86 -0.62 -28.74
N TYR A 909 10.68 -0.94 -27.47
CA TYR A 909 10.12 -0.01 -26.50
C TYR A 909 11.19 0.36 -25.51
N PHE A 910 11.30 1.63 -25.22
CA PHE A 910 12.22 2.16 -24.23
C PHE A 910 11.44 3.06 -23.30
N ASP A 911 11.89 3.20 -22.05
CA ASP A 911 11.28 4.13 -21.11
C ASP A 911 12.21 4.33 -19.92
N ASP A 912 12.11 5.50 -19.28
CA ASP A 912 12.80 5.86 -18.05
C ASP A 912 14.31 5.86 -18.15
N VAL A 913 14.87 6.86 -18.84
CA VAL A 913 16.30 6.99 -18.96
C VAL A 913 16.81 7.50 -17.63
N ARG A 914 17.65 6.69 -16.95
CA ARG A 914 18.15 7.06 -15.64
C ARG A 914 19.68 7.14 -15.58
N ILE A 915 20.21 8.36 -15.34
CA ILE A 915 21.62 8.64 -15.19
C ILE A 915 21.84 8.85 -13.70
N VAL A 916 22.62 7.97 -13.09
CA VAL A 916 22.84 8.03 -11.66
C VAL A 916 24.32 7.85 -11.33
N GLU A 917 24.83 8.49 -10.27
CA GLU A 917 26.23 8.30 -9.85
C GLU A 917 26.34 6.89 -9.33
N ASN A 918 27.36 6.16 -9.78
CA ASN A 918 27.50 4.77 -9.41
C ASN A 918 28.95 4.39 -9.51
N GLN A 919 29.47 3.66 -8.50
CA GLN A 919 30.89 3.29 -8.47
C GLN A 919 31.18 1.86 -8.93
N TYR A 920 30.20 1.17 -9.53
CA TYR A 920 30.42 -0.21 -9.99
C TYR A 920 31.49 -0.25 -11.08
N SER A 921 32.45 -1.17 -10.97
CA SER A 921 33.50 -1.32 -11.98
C SER A 921 33.94 -2.80 -12.13
N GLY A 922 32.97 -3.71 -12.11
CA GLY A 922 33.27 -5.13 -12.20
C GLY A 922 33.25 -5.77 -13.56
N ILE A 923 33.11 -4.98 -14.66
CA ILE A 923 33.10 -5.54 -16.01
C ILE A 923 34.37 -5.23 -16.80
N THR A 924 35.02 -6.28 -17.33
CA THR A 924 36.20 -6.18 -18.19
C THR A 924 35.84 -6.71 -19.56
N TYR A 925 36.30 -6.05 -20.61
CA TYR A 925 35.99 -6.45 -21.97
C TYR A 925 37.21 -7.01 -22.71
N GLU A 926 36.95 -7.72 -23.81
CA GLU A 926 37.96 -8.15 -24.77
C GLU A 926 38.13 -6.96 -25.80
N LYS A 927 39.07 -7.07 -26.76
CA LYS A 927 39.26 -5.99 -27.74
C LYS A 927 38.01 -5.82 -28.63
N ASP A 928 37.39 -6.94 -29.02
CA ASP A 928 36.17 -6.89 -29.84
C ASP A 928 34.92 -6.42 -29.06
N GLY A 929 35.11 -5.84 -27.87
CA GLY A 929 34.01 -5.35 -27.06
C GLY A 929 33.20 -6.45 -26.39
N THR A 930 33.57 -7.72 -26.59
CA THR A 930 32.86 -8.83 -25.97
C THR A 930 33.26 -8.98 -24.49
N LEU A 931 32.55 -9.83 -23.73
CA LEU A 931 32.81 -10.00 -22.32
C LEU A 931 34.10 -10.78 -22.02
N LYS A 932 34.96 -10.22 -21.17
CA LYS A 932 36.13 -10.92 -20.70
C LYS A 932 35.78 -11.42 -19.30
N SER A 933 35.33 -10.51 -18.41
CA SER A 933 34.89 -10.91 -17.07
C SER A 933 33.85 -9.97 -16.46
N LEU A 934 33.00 -10.50 -15.58
CA LEU A 934 31.99 -9.76 -14.85
C LEU A 934 32.02 -10.25 -13.42
N THR A 935 32.30 -9.36 -12.47
CA THR A 935 32.25 -9.70 -11.06
C THR A 935 31.19 -8.82 -10.38
N ASN A 936 30.50 -9.37 -9.38
CA ASN A 936 29.53 -8.59 -8.62
C ASN A 936 29.37 -9.08 -7.21
N GLY A 937 29.74 -8.23 -6.27
CA GLY A 937 29.55 -8.45 -4.85
C GLY A 937 28.24 -7.81 -4.37
N PHE A 938 27.47 -7.21 -5.29
CA PHE A 938 26.17 -6.58 -5.06
C PHE A 938 26.25 -5.35 -4.13
N GLU A 939 27.47 -4.78 -3.94
CA GLU A 939 27.74 -3.62 -3.07
C GLU A 939 27.45 -2.27 -3.73
N ASN A 940 27.36 -2.24 -5.08
CA ASN A 940 27.13 -0.99 -5.81
C ASN A 940 25.98 -1.10 -6.81
N ASN A 941 24.97 -1.92 -6.50
CA ASN A 941 23.83 -2.09 -7.41
C ASN A 941 22.96 -0.85 -7.47
N ALA A 942 22.87 -0.20 -8.65
CA ALA A 942 22.02 0.98 -8.85
C ALA A 942 20.56 0.67 -8.46
N GLN A 943 20.10 -0.56 -8.75
CA GLN A 943 18.79 -1.09 -8.40
C GLN A 943 18.71 -2.59 -8.78
N GLY A 944 17.76 -3.29 -8.17
CA GLY A 944 17.48 -4.67 -8.49
C GLY A 944 18.61 -5.64 -8.26
N ILE A 945 18.49 -6.84 -8.84
CA ILE A 945 19.46 -7.89 -8.57
C ILE A 945 20.41 -8.15 -9.73
N TRP A 946 20.72 -7.12 -10.53
CA TRP A 946 21.63 -7.13 -11.68
C TRP A 946 22.94 -7.91 -11.36
N PRO A 947 23.48 -8.76 -12.28
CA PRO A 947 23.06 -9.00 -13.67
C PRO A 947 21.84 -9.91 -13.82
N PHE A 948 21.24 -10.35 -12.71
CA PHE A 948 20.03 -11.14 -12.75
C PHE A 948 18.79 -10.23 -12.82
N VAL A 949 17.67 -10.81 -13.27
CA VAL A 949 16.34 -10.21 -13.32
C VAL A 949 15.39 -11.21 -12.71
N VAL A 950 14.40 -10.71 -11.95
CA VAL A 950 13.42 -11.55 -11.28
C VAL A 950 12.58 -12.33 -12.29
N SER A 951 12.43 -13.64 -12.04
CA SER A 951 11.68 -14.53 -12.92
C SER A 951 10.20 -14.73 -12.44
N GLY A 952 9.48 -15.68 -13.04
CA GLY A 952 8.06 -15.84 -12.76
C GLY A 952 7.59 -16.85 -11.76
N SER A 953 8.44 -17.28 -10.80
CA SER A 953 8.03 -18.30 -9.80
C SER A 953 6.83 -17.90 -8.92
N GLU A 954 6.49 -16.60 -8.87
CA GLU A 954 5.33 -16.11 -8.11
C GLU A 954 4.38 -15.26 -9.00
N GLY A 955 4.56 -15.27 -10.32
CA GLY A 955 3.79 -14.43 -11.23
C GLY A 955 4.18 -12.97 -11.04
N VAL A 956 3.30 -12.05 -11.45
CA VAL A 956 3.53 -10.64 -11.21
C VAL A 956 3.29 -10.40 -9.72
N GLU A 957 4.35 -10.18 -8.95
CA GLU A 957 4.26 -10.09 -7.49
C GLU A 957 5.23 -9.05 -6.88
N ASP A 958 5.08 -8.73 -5.60
CA ASP A 958 6.05 -7.97 -4.84
C ASP A 958 6.98 -9.11 -4.42
N ASN A 959 7.82 -9.50 -5.37
CA ASN A 959 8.72 -10.66 -5.33
C ASN A 959 9.57 -10.79 -4.08
N ARG A 960 9.59 -12.00 -3.50
CA ARG A 960 10.33 -12.32 -2.30
C ARG A 960 11.83 -12.54 -2.55
N ILE A 961 12.39 -11.70 -3.42
CA ILE A 961 13.78 -11.68 -3.84
C ILE A 961 14.22 -10.23 -3.74
N HIS A 962 15.35 -9.95 -3.09
CA HIS A 962 15.85 -8.58 -2.95
C HIS A 962 17.31 -8.58 -2.51
N LEU A 963 17.89 -7.37 -2.30
CA LEU A 963 19.24 -7.25 -1.80
C LEU A 963 19.15 -7.24 -0.28
N SER A 964 19.72 -8.28 0.37
CA SER A 964 19.75 -8.41 1.83
C SER A 964 20.86 -7.56 2.42
N GLU A 965 20.65 -6.99 3.62
CA GLU A 965 21.63 -6.08 4.21
C GLU A 965 22.13 -6.58 5.55
N LEU A 966 23.43 -6.35 5.83
CA LEU A 966 24.08 -6.78 7.03
C LEU A 966 23.77 -5.89 8.21
N HIS A 967 23.52 -6.50 9.37
CA HIS A 967 23.35 -5.87 10.67
C HIS A 967 23.62 -6.92 11.72
N ALA A 968 24.90 -7.15 12.03
CA ALA A 968 25.28 -8.20 12.98
C ALA A 968 24.96 -7.79 14.41
N PRO A 969 24.58 -8.74 15.26
CA PRO A 969 24.46 -10.20 15.01
C PRO A 969 23.11 -10.67 14.49
N PHE A 970 22.14 -9.78 14.39
CA PHE A 970 20.74 -10.06 14.10
C PHE A 970 20.52 -10.68 12.72
N THR A 971 21.31 -10.30 11.72
CA THR A 971 21.21 -10.85 10.38
C THR A 971 22.08 -12.12 10.17
N ARG A 972 22.99 -12.41 11.09
N ARG A 972 23.01 -12.41 11.09
CA ARG A 972 23.87 -13.57 11.02
CA ARG A 972 23.89 -13.57 11.00
C ARG A 972 23.20 -14.83 11.58
C ARG A 972 23.22 -14.82 11.59
N ALA A 973 23.70 -15.99 11.19
CA ALA A 973 23.22 -17.28 11.69
C ALA A 973 23.55 -17.37 13.19
N GLY A 974 22.67 -17.97 13.98
CA GLY A 974 22.91 -18.11 15.41
C GLY A 974 22.09 -17.20 16.30
N TRP A 975 21.59 -16.05 15.77
CA TRP A 975 20.75 -15.15 16.57
C TRP A 975 19.37 -15.76 16.62
N ASP A 976 18.80 -15.99 17.82
CA ASP A 976 17.49 -16.60 17.98
C ASP A 976 17.45 -17.99 17.25
N VAL A 977 16.40 -18.28 16.49
CA VAL A 977 16.27 -19.52 15.75
C VAL A 977 16.80 -19.43 14.31
N LYS A 978 17.48 -18.31 13.95
CA LYS A 978 18.01 -18.08 12.62
C LYS A 978 19.23 -18.99 12.36
N LYS A 979 19.22 -19.74 11.23
CA LYS A 979 20.32 -20.63 10.86
C LYS A 979 21.11 -20.20 9.62
N MET A 980 20.61 -19.22 8.86
CA MET A 980 21.30 -18.76 7.66
C MET A 980 21.79 -17.34 7.83
N ASP A 981 22.92 -16.97 7.20
CA ASP A 981 23.40 -15.60 7.20
C ASP A 981 22.65 -14.89 6.05
N ASP A 982 22.21 -13.65 6.29
CA ASP A 982 21.56 -12.86 5.22
C ASP A 982 22.57 -12.41 4.19
N VAL A 983 23.79 -12.08 4.64
CA VAL A 983 24.87 -11.55 3.82
C VAL A 983 26.12 -12.46 3.91
N LEU A 984 26.76 -12.74 2.74
CA LEU A 984 27.93 -13.61 2.69
C LEU A 984 29.24 -12.83 2.72
N ASP A 985 29.32 -11.74 1.95
CA ASP A 985 30.51 -10.90 1.92
C ASP A 985 30.07 -9.45 1.80
N GLY A 986 30.78 -8.54 2.44
CA GLY A 986 30.45 -7.13 2.40
C GLY A 986 29.18 -6.84 3.17
N THR A 987 28.41 -5.82 2.74
CA THR A 987 27.17 -5.40 3.38
C THR A 987 25.91 -5.96 2.68
N TRP A 988 26.03 -6.39 1.41
CA TRP A 988 24.90 -6.83 0.58
C TRP A 988 25.04 -8.18 -0.10
N SER A 989 23.93 -8.89 -0.27
CA SER A 989 23.83 -10.15 -1.02
C SER A 989 22.46 -10.20 -1.75
N VAL A 990 22.23 -11.22 -2.58
CA VAL A 990 20.94 -11.43 -3.21
C VAL A 990 20.25 -12.49 -2.36
N LYS A 991 19.05 -12.21 -1.84
CA LYS A 991 18.36 -13.17 -1.00
C LYS A 991 17.02 -13.58 -1.57
N VAL A 992 16.75 -14.90 -1.56
CA VAL A 992 15.48 -15.50 -1.92
C VAL A 992 14.92 -16.03 -0.62
N ASN A 993 13.69 -15.62 -0.26
CA ASN A 993 13.04 -16.04 0.96
C ASN A 993 11.85 -16.96 0.67
N GLY A 994 11.95 -18.21 1.13
CA GLY A 994 10.89 -19.23 1.12
C GLY A 994 10.26 -19.62 -0.19
N LEU A 995 10.98 -19.46 -1.32
CA LEU A 995 10.43 -19.84 -2.61
C LEU A 995 10.72 -21.29 -2.98
N THR A 996 10.42 -22.21 -2.06
CA THR A 996 10.64 -23.63 -2.30
C THR A 996 9.45 -24.26 -2.99
N GLN A 997 9.70 -25.39 -3.69
CA GLN A 997 8.74 -26.25 -4.36
C GLN A 997 7.92 -25.55 -5.42
N LYS A 998 8.55 -24.65 -6.18
CA LYS A 998 7.84 -23.96 -7.27
C LYS A 998 7.99 -24.70 -8.61
N GLY A 999 9.03 -25.54 -8.75
CA GLY A 999 9.29 -26.25 -9.99
C GLY A 999 9.49 -25.35 -11.18
N THR A 1000 10.18 -24.20 -11.02
CA THR A 1000 10.38 -23.22 -12.08
C THR A 1000 11.51 -22.23 -11.74
N LEU A 1001 11.94 -21.40 -12.72
CA LEU A 1001 12.99 -20.40 -12.60
C LEU A 1001 12.66 -19.29 -11.58
N VAL A 1002 13.61 -18.97 -10.66
CA VAL A 1002 13.45 -17.95 -9.62
C VAL A 1002 13.98 -16.61 -10.12
N TYR A 1003 15.20 -16.62 -10.66
CA TYR A 1003 15.84 -15.47 -11.28
C TYR A 1003 16.90 -15.93 -12.31
N GLN A 1004 17.22 -15.09 -13.28
CA GLN A 1004 18.17 -15.47 -14.34
C GLN A 1004 18.90 -14.26 -14.86
N THR A 1005 20.07 -14.47 -15.47
CA THR A 1005 20.76 -13.36 -16.16
C THR A 1005 20.02 -13.21 -17.52
N ILE A 1006 20.25 -12.13 -18.24
CA ILE A 1006 19.67 -11.92 -19.58
C ILE A 1006 20.79 -11.36 -20.48
N PRO A 1007 20.77 -11.62 -21.80
CA PRO A 1007 21.87 -11.14 -22.66
C PRO A 1007 22.21 -9.64 -22.56
N GLN A 1008 21.25 -8.73 -22.35
CA GLN A 1008 21.59 -7.29 -22.21
C GLN A 1008 22.38 -7.01 -20.92
N ASN A 1009 22.37 -7.91 -19.93
CA ASN A 1009 23.11 -7.69 -18.68
C ASN A 1009 24.48 -8.32 -18.78
N VAL A 1010 24.52 -9.61 -19.18
CA VAL A 1010 25.72 -10.40 -19.43
C VAL A 1010 25.52 -11.22 -20.71
N LYS A 1011 26.28 -10.89 -21.77
CA LYS A 1011 26.19 -11.57 -23.06
C LYS A 1011 27.22 -12.70 -23.23
N PHE A 1012 26.76 -13.90 -23.51
CA PHE A 1012 27.62 -15.05 -23.74
C PHE A 1012 27.69 -15.26 -25.25
N GLU A 1013 28.87 -15.10 -25.83
CA GLU A 1013 29.03 -15.23 -27.27
C GLU A 1013 28.86 -16.67 -27.73
N ALA A 1014 28.28 -16.84 -28.93
CA ALA A 1014 28.08 -18.17 -29.50
C ALA A 1014 29.42 -18.94 -29.60
N GLY A 1015 29.48 -20.12 -28.97
CA GLY A 1015 30.65 -20.98 -28.99
C GLY A 1015 31.66 -20.72 -27.90
N ALA A 1016 31.72 -19.50 -27.37
CA ALA A 1016 32.67 -19.15 -26.31
C ALA A 1016 32.35 -19.88 -25.00
N LYS A 1017 33.39 -20.16 -24.22
CA LYS A 1017 33.27 -20.86 -22.94
C LYS A 1017 33.47 -19.89 -21.79
N TYR A 1018 32.69 -20.10 -20.72
CA TYR A 1018 32.73 -19.23 -19.55
C TYR A 1018 32.72 -20.04 -18.27
N LYS A 1019 33.44 -19.55 -17.28
CA LYS A 1019 33.48 -20.18 -15.97
C LYS A 1019 32.64 -19.28 -15.05
N VAL A 1020 31.60 -19.84 -14.46
CA VAL A 1020 30.74 -19.09 -13.56
C VAL A 1020 30.90 -19.61 -12.14
N SER A 1021 31.16 -18.72 -11.18
CA SER A 1021 31.29 -19.11 -9.78
C SER A 1021 30.57 -18.12 -8.86
N PHE A 1022 30.16 -18.58 -7.68
CA PHE A 1022 29.55 -17.73 -6.68
C PHE A 1022 29.55 -18.39 -5.30
N ASP A 1023 29.48 -17.55 -4.26
CA ASP A 1023 29.33 -17.98 -2.87
C ASP A 1023 27.81 -18.10 -2.67
N TYR A 1024 27.37 -19.08 -1.86
CA TYR A 1024 25.96 -19.25 -1.62
C TYR A 1024 25.66 -19.86 -0.25
N GLN A 1025 24.42 -19.70 0.21
CA GLN A 1025 23.86 -20.36 1.37
C GLN A 1025 22.49 -20.88 0.96
N SER A 1026 22.21 -22.15 1.24
CA SER A 1026 20.94 -22.77 0.87
C SER A 1026 20.46 -23.56 2.08
N GLY A 1027 19.19 -23.45 2.39
CA GLY A 1027 18.66 -24.03 3.62
C GLY A 1027 18.54 -25.52 3.72
N SER A 1028 18.43 -26.19 2.58
CA SER A 1028 18.26 -27.62 2.48
C SER A 1028 18.96 -28.17 1.26
N ASP A 1029 19.10 -29.51 1.17
CA ASP A 1029 19.67 -30.13 -0.01
C ASP A 1029 18.62 -30.12 -1.13
N ASP A 1030 19.04 -29.72 -2.33
CA ASP A 1030 18.32 -29.82 -3.59
C ASP A 1030 17.02 -29.03 -3.69
N ILE A 1031 16.80 -28.03 -2.84
CA ILE A 1031 15.60 -27.21 -2.93
C ILE A 1031 15.76 -26.17 -4.06
N TYR A 1032 16.99 -25.67 -4.26
CA TYR A 1032 17.34 -24.74 -5.34
C TYR A 1032 18.40 -25.39 -6.23
N ALA A 1033 18.45 -24.97 -7.49
CA ALA A 1033 19.38 -25.54 -8.46
C ALA A 1033 19.90 -24.50 -9.42
N ILE A 1034 21.10 -24.70 -9.97
CA ILE A 1034 21.63 -23.83 -11.00
C ILE A 1034 20.91 -24.20 -12.31
N ALA A 1035 20.36 -23.21 -13.02
CA ALA A 1035 19.69 -23.46 -14.29
C ALA A 1035 20.50 -22.79 -15.42
N VAL A 1036 20.70 -23.48 -16.54
CA VAL A 1036 21.37 -22.91 -17.69
C VAL A 1036 20.44 -23.11 -18.89
N GLY A 1037 20.14 -22.05 -19.61
CA GLY A 1037 19.24 -22.13 -20.75
C GLY A 1037 19.62 -21.19 -21.87
N GLN A 1038 18.84 -21.23 -22.94
CA GLN A 1038 19.03 -20.39 -24.13
C GLN A 1038 17.65 -19.87 -24.50
N GLY A 1039 17.54 -18.57 -24.67
CA GLY A 1039 16.28 -17.95 -25.06
C GLY A 1039 15.30 -17.89 -23.90
N GLU A 1040 14.01 -17.63 -24.22
CA GLU A 1040 12.99 -17.55 -23.21
C GLU A 1040 12.87 -18.86 -22.43
N TYR A 1041 12.83 -18.78 -21.09
CA TYR A 1041 12.70 -19.97 -20.27
C TYR A 1041 11.50 -20.86 -20.68
N SER A 1042 11.83 -22.10 -20.85
CA SER A 1042 10.91 -23.15 -21.20
C SER A 1042 11.29 -24.33 -20.33
N ALA A 1043 10.30 -24.97 -19.68
CA ALA A 1043 10.58 -26.15 -18.87
C ALA A 1043 11.05 -27.27 -19.79
N GLY A 1044 12.10 -27.96 -19.37
CA GLY A 1044 12.66 -29.05 -20.16
C GLY A 1044 13.83 -28.62 -21.01
N SER A 1045 13.89 -27.34 -21.41
CA SER A 1045 15.00 -26.85 -22.22
C SER A 1045 16.15 -26.24 -21.42
N VAL A 1046 16.20 -26.49 -20.10
CA VAL A 1046 17.26 -25.98 -19.24
C VAL A 1046 18.03 -27.11 -18.56
N LYS A 1047 19.29 -26.85 -18.30
CA LYS A 1047 20.16 -27.77 -17.61
C LYS A 1047 20.08 -27.46 -16.12
N LEU A 1048 19.76 -28.44 -15.28
CA LEU A 1048 19.66 -28.22 -13.85
C LEU A 1048 20.72 -28.94 -13.03
N THR A 1049 21.36 -28.23 -12.11
CA THR A 1049 22.31 -28.84 -11.18
C THR A 1049 21.87 -28.49 -9.77
N ASN A 1050 21.32 -29.46 -9.03
CA ASN A 1050 20.89 -29.24 -7.65
C ASN A 1050 22.01 -28.73 -6.78
N LEU A 1051 21.69 -27.79 -5.89
CA LEU A 1051 22.68 -27.23 -5.00
C LEU A 1051 22.54 -27.87 -3.62
N LYS A 1052 23.66 -28.20 -3.01
CA LYS A 1052 23.64 -28.85 -1.71
C LYS A 1052 23.51 -27.83 -0.57
N LYS A 1053 23.01 -28.27 0.58
CA LYS A 1053 22.84 -27.44 1.74
C LYS A 1053 24.12 -26.73 2.15
N ALA A 1054 23.99 -25.45 2.52
CA ALA A 1054 25.07 -24.61 3.02
C ALA A 1054 24.34 -23.67 4.00
N LEU A 1055 23.93 -24.21 5.16
CA LEU A 1055 23.14 -23.47 6.14
C LEU A 1055 23.99 -22.97 7.30
N GLY A 1056 24.43 -21.72 7.22
CA GLY A 1056 25.24 -21.11 8.26
C GLY A 1056 26.71 -21.01 7.92
N GLU A 1057 27.16 -21.81 6.94
CA GLU A 1057 28.52 -21.84 6.43
C GLU A 1057 28.37 -21.67 4.91
N THR A 1058 29.13 -20.74 4.34
CA THR A 1058 29.06 -20.41 2.91
C THR A 1058 29.62 -21.49 1.99
N GLY A 1059 28.80 -21.96 1.08
CA GLY A 1059 29.21 -22.91 0.07
C GLY A 1059 29.74 -22.18 -1.17
N LYS A 1060 30.44 -22.93 -2.03
CA LYS A 1060 30.98 -22.38 -3.28
C LYS A 1060 30.40 -23.19 -4.41
N ALA A 1061 29.99 -22.53 -5.47
CA ALA A 1061 29.47 -23.21 -6.65
C ALA A 1061 30.27 -22.74 -7.86
N GLU A 1062 30.52 -23.64 -8.82
CA GLU A 1062 31.20 -23.28 -10.04
C GLU A 1062 30.89 -24.28 -11.14
N PHE A 1063 30.71 -23.76 -12.33
CA PHE A 1063 30.37 -24.56 -13.49
C PHE A 1063 30.85 -23.87 -14.75
N GLU A 1064 30.77 -24.56 -15.89
CA GLU A 1064 31.13 -23.99 -17.17
C GLU A 1064 29.90 -23.90 -18.06
N LEU A 1065 29.95 -22.98 -19.01
CA LEU A 1065 28.84 -22.71 -19.91
C LEU A 1065 29.40 -22.39 -21.30
N THR A 1066 28.81 -22.97 -22.35
CA THR A 1066 29.18 -22.66 -23.72
C THR A 1066 28.01 -21.84 -24.25
N GLY A 1067 28.30 -20.68 -24.84
CA GLY A 1067 27.26 -19.82 -25.38
C GLY A 1067 26.55 -20.45 -26.55
N GLY A 1068 25.22 -20.35 -26.57
CA GLY A 1068 24.38 -20.86 -27.63
C GLY A 1068 24.52 -20.05 -28.90
N VAL A 1069 24.19 -20.66 -30.06
CA VAL A 1069 24.35 -20.07 -31.40
C VAL A 1069 23.66 -18.74 -31.60
N ASN A 1070 22.59 -18.47 -30.82
CA ASN A 1070 21.82 -17.22 -30.97
C ASN A 1070 22.19 -16.12 -30.01
N GLY A 1071 23.29 -16.26 -29.28
CA GLY A 1071 23.76 -15.26 -28.33
C GLY A 1071 22.86 -15.00 -27.13
N ASP A 1072 21.84 -15.85 -26.94
CA ASP A 1072 20.82 -15.71 -25.92
C ASP A 1072 20.95 -16.65 -24.72
N SER A 1073 22.15 -17.19 -24.47
CA SER A 1073 22.37 -18.06 -23.32
C SER A 1073 22.29 -17.25 -22.04
N TRP A 1074 21.95 -17.92 -20.94
CA TRP A 1074 21.83 -17.30 -19.64
C TRP A 1074 21.96 -18.38 -18.57
N PHE A 1075 22.21 -17.97 -17.32
CA PHE A 1075 22.20 -18.90 -16.18
C PHE A 1075 21.35 -18.25 -15.06
N GLY A 1076 20.87 -19.04 -14.12
CA GLY A 1076 20.07 -18.52 -13.03
C GLY A 1076 19.85 -19.52 -11.93
N ILE A 1077 18.92 -19.17 -11.01
CA ILE A 1077 18.57 -20.01 -9.88
C ILE A 1077 17.15 -20.49 -10.07
N TYR A 1078 16.95 -21.79 -9.83
CA TYR A 1078 15.70 -22.46 -10.09
C TYR A 1078 15.17 -23.12 -8.80
N SER A 1079 13.88 -23.01 -8.55
CA SER A 1079 13.25 -23.66 -7.40
C SER A 1079 12.76 -25.02 -7.89
N THR A 1080 13.31 -26.10 -7.35
CA THR A 1080 12.97 -27.48 -7.75
C THR A 1080 11.60 -27.90 -7.13
N ALA A 1081 11.22 -29.20 -7.17
CA ALA A 1081 10.02 -29.69 -6.51
C ALA A 1081 10.36 -30.34 -5.14
N THR A 1082 11.65 -30.43 -4.77
CA THR A 1082 12.12 -31.03 -3.54
C THR A 1082 11.71 -30.23 -2.32
N ALA A 1083 11.18 -30.94 -1.31
CA ALA A 1083 10.73 -30.35 -0.07
C ALA A 1083 11.90 -29.97 0.83
N PRO A 1084 11.84 -28.84 1.55
CA PRO A 1084 12.94 -28.51 2.45
C PRO A 1084 12.92 -29.39 3.71
N ASP A 1085 14.08 -29.51 4.34
CA ASP A 1085 14.20 -30.20 5.60
C ASP A 1085 14.10 -29.09 6.63
N LEU A 1086 12.98 -29.06 7.35
CA LEU A 1086 12.73 -28.05 8.38
C LEU A 1086 13.41 -28.34 9.72
N GLN A 1087 14.13 -29.48 9.83
CA GLN A 1087 14.90 -29.93 10.99
C GLN A 1087 14.12 -29.90 12.31
N GLY A 1088 12.85 -30.28 12.26
CA GLY A 1088 12.02 -30.30 13.46
C GLY A 1088 11.52 -28.95 13.94
N SER A 1089 11.76 -27.88 13.16
CA SER A 1089 11.30 -26.54 13.52
C SER A 1089 9.79 -26.41 13.33
N THR A 1090 9.15 -25.64 14.20
CA THR A 1090 7.70 -25.44 14.15
C THR A 1090 7.36 -23.95 14.20
N GLY A 1091 6.21 -23.60 13.63
CA GLY A 1091 5.73 -22.24 13.63
C GLY A 1091 6.61 -21.28 12.85
N ASN A 1092 6.88 -20.10 13.42
CA ASN A 1092 7.67 -19.06 12.75
C ASN A 1092 9.12 -19.44 12.53
N ALA A 1093 9.65 -20.40 13.33
CA ALA A 1093 11.01 -20.92 13.20
C ALA A 1093 11.23 -21.63 11.86
N GLN A 1094 10.16 -22.11 11.22
CA GLN A 1094 10.22 -22.73 9.89
C GLN A 1094 10.62 -21.71 8.82
N ASP A 1095 10.15 -20.44 8.98
CA ASP A 1095 10.41 -19.30 8.11
C ASP A 1095 11.66 -18.53 8.51
N PHE A 1096 11.84 -18.24 9.80
CA PHE A 1096 13.00 -17.51 10.30
C PHE A 1096 14.30 -18.34 10.25
N GLY A 1097 14.17 -19.68 10.35
CA GLY A 1097 15.29 -20.60 10.32
C GLY A 1097 16.19 -20.48 9.10
N GLY A 1098 15.61 -20.32 7.92
CA GLY A 1098 16.40 -20.21 6.70
C GLY A 1098 16.42 -21.47 5.85
N TYR A 1099 15.75 -22.55 6.33
CA TYR A 1099 15.60 -23.87 5.68
C TYR A 1099 15.09 -23.76 4.25
N LYS A 1100 14.30 -22.74 3.95
CA LYS A 1100 13.71 -22.57 2.63
C LYS A 1100 14.30 -21.43 1.81
N ASP A 1101 15.39 -20.81 2.28
CA ASP A 1101 15.96 -19.62 1.65
C ASP A 1101 17.20 -19.90 0.77
N PHE A 1102 17.62 -18.90 -0.01
CA PHE A 1102 18.78 -19.00 -0.87
C PHE A 1102 19.48 -17.65 -0.95
N VAL A 1103 20.71 -17.56 -0.43
CA VAL A 1103 21.52 -16.33 -0.51
C VAL A 1103 22.69 -16.54 -1.47
N LEU A 1104 22.95 -15.59 -2.36
CA LEU A 1104 24.01 -15.63 -3.35
C LEU A 1104 24.85 -14.32 -3.26
N ASP A 1105 26.17 -14.46 -3.34
CA ASP A 1105 27.09 -13.33 -3.28
C ASP A 1105 28.37 -13.66 -4.07
N ASN A 1106 29.19 -12.63 -4.33
CA ASN A 1106 30.46 -12.74 -5.03
C ASN A 1106 30.38 -13.54 -6.32
N LEU A 1107 29.53 -13.08 -7.25
CA LEU A 1107 29.36 -13.68 -8.56
C LEU A 1107 30.59 -13.37 -9.40
N LYS A 1108 31.07 -14.36 -10.15
CA LYS A 1108 32.21 -14.18 -11.02
C LYS A 1108 31.96 -14.93 -12.31
N ILE A 1109 32.02 -14.23 -13.42
CA ILE A 1109 31.80 -14.80 -14.74
C ILE A 1109 33.03 -14.48 -15.53
N GLU A 1110 33.74 -15.48 -16.08
CA GLU A 1110 34.91 -15.18 -16.90
C GLU A 1110 35.05 -16.08 -18.08
N ARG A 1111 35.35 -15.48 -19.24
CA ARG A 1111 35.63 -16.17 -20.50
C ARG A 1111 36.89 -17.00 -20.27
N ILE A 1112 36.82 -18.29 -20.55
CA ILE A 1112 37.98 -19.17 -20.39
C ILE A 1112 38.47 -19.67 -21.75
N GLU A 1113 39.73 -20.08 -21.79
CA GLU A 1113 40.32 -20.62 -22.99
C GLU A 1113 39.79 -22.04 -23.17
N SER A 1114 39.39 -22.37 -24.38
CA SER A 1114 38.94 -23.72 -24.70
C SER A 1114 40.03 -24.37 -25.58
N GLN A 1115 40.16 -25.73 -25.55
CA GLN A 1115 41.13 -26.44 -26.39
C GLN A 1115 40.95 -26.08 -27.87
N THR A 1116 42.01 -25.58 -28.51
CA THR A 1116 41.96 -25.15 -29.91
C THR A 1116 41.67 -26.29 -30.84
N ARG A 1117 40.81 -26.03 -31.86
CA ARG A 1117 40.43 -27.03 -32.84
C ARG A 1117 40.72 -26.56 -34.26
N THR A 1118 41.03 -27.49 -35.14
CA THR A 1118 41.25 -27.20 -36.56
C THR A 1118 39.90 -27.27 -37.27
N LYS A 1119 39.83 -26.78 -38.51
CA LYS A 1119 38.62 -26.88 -39.31
C LYS A 1119 38.19 -28.36 -39.49
N ALA A 1120 39.18 -29.26 -39.60
CA ALA A 1120 38.97 -30.69 -39.73
C ALA A 1120 38.26 -31.28 -38.51
N GLU A 1121 38.69 -30.92 -37.28
CA GLU A 1121 38.05 -31.43 -36.08
C GLU A 1121 36.62 -30.94 -35.99
N ALA A 1122 36.39 -29.68 -36.37
CA ALA A 1122 35.06 -29.10 -36.36
C ALA A 1122 34.15 -29.87 -37.35
N GLN A 1123 34.62 -30.11 -38.59
CA GLN A 1123 33.89 -30.87 -39.62
C GLN A 1123 33.61 -32.32 -39.21
N ASP A 1124 34.60 -32.98 -38.59
CA ASP A 1124 34.45 -34.36 -38.14
C ASP A 1124 33.41 -34.45 -37.03
N LYS A 1125 33.38 -33.45 -36.13
CA LYS A 1125 32.41 -33.37 -35.04
C LYS A 1125 30.99 -33.16 -35.63
N VAL A 1126 30.86 -32.42 -36.76
CA VAL A 1126 29.60 -32.29 -37.46
C VAL A 1126 29.10 -33.67 -37.94
N LYS A 1127 29.97 -34.44 -38.63
CA LYS A 1127 29.63 -35.79 -39.10
C LYS A 1127 29.22 -36.69 -37.92
N GLU A 1128 29.95 -36.59 -36.78
CA GLU A 1128 29.66 -37.38 -35.59
C GLU A 1128 28.29 -37.05 -35.01
N ILE A 1129 27.88 -35.77 -35.00
CA ILE A 1129 26.59 -35.34 -34.46
C ILE A 1129 25.49 -35.76 -35.43
N ARG A 1130 25.70 -35.56 -36.73
CA ARG A 1130 24.73 -35.98 -37.74
C ARG A 1130 24.53 -37.50 -37.76
N GLY A 1131 25.57 -38.25 -37.41
CA GLY A 1131 25.50 -39.71 -37.34
C GLY A 1131 24.72 -40.20 -36.14
N LYS A 1132 24.71 -39.43 -35.06
CA LYS A 1132 24.02 -39.80 -33.84
C LYS A 1132 22.54 -39.42 -33.85
N TYR A 1133 22.17 -38.33 -34.56
CA TYR A 1133 20.81 -37.80 -34.47
C TYR A 1133 20.02 -37.61 -35.75
N ASP A 1134 20.64 -37.61 -36.93
CA ASP A 1134 19.90 -37.37 -38.18
C ASP A 1134 18.77 -38.40 -38.39
N SER A 1135 19.01 -39.67 -38.01
CA SER A 1135 18.05 -40.77 -38.15
C SER A 1135 16.82 -40.62 -37.22
N LYS A 1136 17.00 -39.94 -36.07
CA LYS A 1136 15.97 -39.77 -35.04
C LYS A 1136 14.92 -38.65 -35.31
N ARG A 1137 14.68 -38.27 -36.58
CA ARG A 1137 13.72 -37.21 -36.91
C ARG A 1137 12.29 -37.52 -36.44
N ALA A 1138 11.90 -38.81 -36.52
CA ALA A 1138 10.57 -39.28 -36.12
C ALA A 1138 10.41 -39.28 -34.61
N GLU A 1139 11.45 -39.72 -33.89
CA GLU A 1139 11.52 -39.76 -32.42
C GLU A 1139 11.52 -38.36 -31.76
N LEU A 1140 11.59 -37.28 -32.57
CA LEU A 1140 11.69 -35.90 -32.10
C LEU A 1140 10.46 -35.04 -32.43
N SER A 1141 10.26 -33.97 -31.63
CA SER A 1141 9.19 -32.98 -31.84
C SER A 1141 9.47 -32.18 -33.12
N ASP A 1142 8.43 -31.58 -33.73
CA ASP A 1142 8.64 -30.75 -34.92
C ASP A 1142 9.42 -29.45 -34.60
N ALA A 1143 9.48 -29.07 -33.31
CA ALA A 1143 10.21 -27.90 -32.83
C ALA A 1143 11.59 -28.32 -32.28
N ALA A 1144 11.72 -29.55 -31.72
CA ALA A 1144 13.00 -30.06 -31.21
C ALA A 1144 13.96 -30.34 -32.37
N TRP A 1145 13.42 -30.79 -33.51
CA TRP A 1145 14.18 -31.07 -34.73
C TRP A 1145 14.66 -29.75 -35.34
N GLN A 1146 13.81 -28.70 -35.29
CA GLN A 1146 14.16 -27.38 -35.81
C GLN A 1146 15.24 -26.70 -34.98
N GLN A 1147 15.29 -26.96 -33.67
CA GLN A 1147 16.32 -26.43 -32.77
C GLN A 1147 17.68 -27.11 -33.07
N TYR A 1148 17.64 -28.42 -33.38
CA TYR A 1148 18.81 -29.22 -33.73
C TYR A 1148 19.35 -28.76 -35.09
N GLN A 1149 18.47 -28.59 -36.08
CA GLN A 1149 18.86 -28.15 -37.41
C GLN A 1149 19.40 -26.74 -37.39
N ASP A 1150 18.87 -25.88 -36.51
CA ASP A 1150 19.27 -24.48 -36.34
C ASP A 1150 20.72 -24.42 -35.87
N THR A 1151 21.04 -25.13 -34.78
CA THR A 1151 22.37 -25.19 -34.18
C THR A 1151 23.38 -25.73 -35.18
N LEU A 1152 23.04 -26.81 -35.88
CA LEU A 1152 23.86 -27.49 -36.88
C LEU A 1152 24.16 -26.57 -38.04
N VAL A 1153 23.14 -25.88 -38.59
CA VAL A 1153 23.34 -24.93 -39.69
C VAL A 1153 24.24 -23.78 -39.23
N LYS A 1154 24.03 -23.27 -38.01
CA LYS A 1154 24.80 -22.16 -37.50
C LYS A 1154 26.25 -22.53 -37.23
N ALA A 1155 26.50 -23.73 -36.69
CA ALA A 1155 27.87 -24.20 -36.45
C ALA A 1155 28.60 -24.36 -37.79
N ARG A 1156 27.92 -24.82 -38.85
CA ARG A 1156 28.51 -24.96 -40.17
C ARG A 1156 28.87 -23.62 -40.80
N VAL A 1157 28.15 -22.55 -40.45
CA VAL A 1157 28.43 -21.19 -40.95
C VAL A 1157 29.80 -20.72 -40.38
N LEU A 1158 30.11 -21.07 -39.12
CA LEU A 1158 31.38 -20.76 -38.48
C LEU A 1158 32.56 -21.45 -39.18
N ILE A 1159 32.41 -22.76 -39.45
CA ILE A 1159 33.41 -23.61 -40.11
C ILE A 1159 33.70 -23.19 -41.55
N ASN A 1160 32.65 -22.88 -42.31
CA ASN A 1160 32.79 -22.62 -43.74
C ASN A 1160 32.91 -21.19 -44.16
N LYS A 1161 32.93 -20.22 -43.23
CA LYS A 1161 33.10 -18.83 -43.63
C LYS A 1161 34.49 -18.62 -44.26
N ASN A 1162 34.55 -17.79 -45.30
CA ASN A 1162 35.77 -17.36 -45.95
C ASN A 1162 36.56 -16.55 -44.91
N GLY A 1163 37.78 -17.01 -44.61
CA GLY A 1163 38.63 -16.32 -43.65
C GLY A 1163 38.45 -16.78 -42.21
N ALA A 1164 37.74 -17.90 -41.98
CA ALA A 1164 37.56 -18.40 -40.62
C ALA A 1164 38.91 -18.73 -39.98
N THR A 1165 39.01 -18.56 -38.65
CA THR A 1165 40.25 -18.77 -37.88
C THR A 1165 40.07 -19.91 -36.87
N ALA A 1166 41.11 -20.29 -36.13
CA ALA A 1166 41.04 -21.31 -35.09
C ALA A 1166 39.96 -20.99 -34.06
N GLU A 1167 39.66 -19.69 -33.83
CA GLU A 1167 38.61 -19.31 -32.89
C GLU A 1167 37.24 -19.75 -33.36
N ASP A 1168 36.96 -19.56 -34.66
CA ASP A 1168 35.72 -19.96 -35.32
C ASP A 1168 35.56 -21.49 -35.31
N PHE A 1169 36.66 -22.22 -35.54
CA PHE A 1169 36.63 -23.68 -35.55
C PHE A 1169 36.44 -24.24 -34.14
N THR A 1170 37.03 -23.59 -33.14
CA THR A 1170 36.92 -23.99 -31.73
C THR A 1170 35.51 -23.70 -31.26
N LYS A 1171 34.93 -22.55 -31.65
CA LYS A 1171 33.56 -22.19 -31.32
C LYS A 1171 32.58 -23.18 -31.96
N ALA A 1172 32.73 -23.48 -33.26
CA ALA A 1172 31.88 -24.44 -33.95
C ALA A 1172 31.94 -25.82 -33.29
N TYR A 1173 33.13 -26.27 -32.88
CA TYR A 1173 33.30 -27.53 -32.20
C TYR A 1173 32.62 -27.53 -30.80
N ASP A 1174 32.84 -26.48 -29.99
CA ASP A 1174 32.25 -26.37 -28.66
C ASP A 1174 30.73 -26.25 -28.69
N ILE A 1175 30.17 -25.64 -29.74
CA ILE A 1175 28.73 -25.54 -29.94
C ILE A 1175 28.18 -26.96 -30.15
N LEU A 1176 28.83 -27.76 -31.02
CA LEU A 1176 28.38 -29.12 -31.33
C LEU A 1176 28.49 -30.05 -30.13
N VAL A 1177 29.48 -29.84 -29.28
CA VAL A 1177 29.65 -30.65 -28.08
C VAL A 1177 28.52 -30.37 -27.11
N ALA A 1178 28.05 -29.11 -27.00
CA ALA A 1178 26.94 -28.70 -26.14
C ALA A 1178 25.61 -29.21 -26.71
N LEU A 1179 25.47 -29.20 -28.05
CA LEU A 1179 24.29 -29.73 -28.75
C LEU A 1179 24.23 -31.24 -28.44
N ASP A 1180 25.37 -31.94 -28.49
CA ASP A 1180 25.48 -33.35 -28.18
C ASP A 1180 24.96 -33.64 -26.76
N GLU A 1181 25.50 -32.97 -25.72
CA GLU A 1181 25.09 -33.16 -24.31
C GLU A 1181 23.60 -32.82 -24.05
N TYR A 1182 22.97 -32.08 -24.97
CA TYR A 1182 21.59 -31.67 -24.87
C TYR A 1182 20.68 -32.72 -25.49
N MET A 1183 20.93 -33.12 -26.75
CA MET A 1183 20.14 -34.13 -27.44
C MET A 1183 20.20 -35.49 -26.69
N LYS A 1184 21.34 -35.77 -26.01
CA LYS A 1184 21.53 -37.00 -25.25
C LYS A 1184 20.64 -36.97 -24.00
N LEU A 1185 20.57 -35.83 -23.30
CA LEU A 1185 19.73 -35.72 -22.11
C LEU A 1185 18.24 -35.71 -22.46
N LYS A 1186 17.88 -35.17 -23.64
CA LYS A 1186 16.49 -35.15 -24.12
C LYS A 1186 15.99 -36.55 -24.50
N ASP A 1187 16.92 -37.43 -24.93
CA ASP A 1187 16.62 -38.80 -25.30
C ASP A 1187 16.34 -39.60 -24.03
N LEU A 1188 17.17 -39.42 -22.99
CA LEU A 1188 16.98 -40.07 -21.69
C LEU A 1188 15.64 -39.65 -21.04
N ASP A 1189 15.16 -38.42 -21.34
CA ASP A 1189 13.89 -37.89 -20.83
C ASP A 1189 12.71 -38.64 -21.47
N ARG A 1190 12.70 -38.77 -22.82
CA ARG A 1190 11.62 -39.50 -23.49
C ARG A 1190 11.73 -41.03 -23.31
N LYS A 1191 12.93 -41.54 -22.97
CA LYS A 1191 13.11 -42.95 -22.66
C LYS A 1191 12.58 -43.25 -21.24
N LEU A 1192 12.62 -42.25 -20.32
CA LEU A 1192 12.10 -42.37 -18.97
C LEU A 1192 10.57 -42.34 -19.02
N LEU A 1193 9.98 -41.51 -19.91
CA LEU A 1193 8.53 -41.47 -20.08
C LEU A 1193 8.01 -42.76 -20.75
N GLU A 1194 8.85 -43.44 -21.55
CA GLU A 1194 8.52 -44.69 -22.22
C GLU A 1194 8.62 -45.84 -21.20
N ALA A 1195 9.64 -45.82 -20.32
CA ALA A 1195 9.84 -46.87 -19.30
C ALA A 1195 8.90 -46.73 -18.09
N ALA A 1196 8.24 -45.57 -17.92
CA ALA A 1196 7.26 -45.36 -16.84
C ALA A 1196 5.82 -45.68 -17.30
N TRP A 1197 5.58 -45.67 -18.63
CA TRP A 1197 4.29 -45.99 -19.21
C TRP A 1197 4.12 -47.51 -19.33
N VAL A 1198 5.14 -48.20 -19.88
CA VAL A 1198 5.08 -49.65 -20.01
C VAL A 1198 5.53 -50.39 -18.71
N GLY A 1199 6.18 -49.68 -17.80
CA GLY A 1199 6.56 -50.22 -16.51
C GLY A 1199 7.86 -50.98 -16.38
N HIS A 1200 8.86 -50.69 -17.22
CA HIS A 1200 10.17 -51.36 -17.11
C HIS A 1200 10.89 -50.69 -15.93
N ASP A 1201 10.65 -51.23 -14.73
CA ASP A 1201 11.12 -50.75 -13.42
C ASP A 1201 12.63 -50.52 -13.28
N ASP A 1202 13.46 -51.41 -13.85
CA ASP A 1202 14.91 -51.26 -13.71
C ASP A 1202 15.49 -50.21 -14.67
N GLU A 1203 14.85 -50.00 -15.84
CA GLU A 1203 15.29 -48.97 -16.79
C GLU A 1203 15.10 -47.58 -16.17
N VAL A 1204 14.01 -47.39 -15.43
CA VAL A 1204 13.66 -46.15 -14.74
C VAL A 1204 14.71 -45.77 -13.69
N ARG A 1205 15.23 -46.75 -12.93
CA ARG A 1205 16.23 -46.45 -11.90
C ARG A 1205 17.62 -46.10 -12.49
N ILE A 1206 17.99 -46.70 -13.62
CA ILE A 1206 19.29 -46.42 -14.25
C ILE A 1206 19.28 -45.08 -15.01
N LEU A 1207 18.16 -44.77 -15.68
CA LEU A 1207 17.98 -43.56 -16.48
C LEU A 1207 18.14 -42.28 -15.66
N MET A 1208 17.62 -42.26 -14.42
CA MET A 1208 17.75 -41.08 -13.56
C MET A 1208 19.18 -40.89 -13.05
N ALA A 1209 19.93 -42.00 -12.89
CA ALA A 1209 21.33 -41.94 -12.48
C ALA A 1209 22.24 -41.50 -13.66
N ASN A 1210 21.80 -41.78 -14.91
CA ASN A 1210 22.48 -41.39 -16.16
C ASN A 1210 22.22 -39.91 -16.55
N GLY A 1211 21.24 -39.25 -15.93
CA GLY A 1211 20.96 -37.86 -16.21
C GLY A 1211 19.52 -37.45 -16.50
N ALA A 1212 18.62 -38.43 -16.84
CA ALA A 1212 17.21 -38.15 -17.16
C ALA A 1212 16.48 -37.33 -16.09
N ASP A 1213 15.62 -36.40 -16.54
CA ASP A 1213 14.87 -35.54 -15.64
C ASP A 1213 13.67 -36.29 -15.07
N VAL A 1214 13.64 -36.44 -13.72
CA VAL A 1214 12.56 -37.12 -13.00
C VAL A 1214 11.18 -36.46 -13.30
N ASN A 1215 11.18 -35.16 -13.66
CA ASN A 1215 10.00 -34.39 -13.97
C ASN A 1215 9.92 -34.09 -15.47
N ALA A 1216 10.34 -35.04 -16.33
CA ALA A 1216 10.27 -34.85 -17.78
C ALA A 1216 8.81 -34.73 -18.20
N ARG A 1217 8.47 -33.77 -19.05
CA ARG A 1217 7.09 -33.59 -19.46
C ARG A 1217 6.88 -33.93 -20.92
N ASP A 1218 5.77 -34.59 -21.26
CA ASP A 1218 5.48 -34.89 -22.66
C ASP A 1218 4.70 -33.71 -23.31
N MET A 1219 4.15 -33.87 -24.53
CA MET A 1219 3.43 -32.78 -25.18
C MET A 1219 2.14 -32.34 -24.44
N TYR A 1220 1.68 -33.13 -23.46
CA TYR A 1220 0.50 -32.77 -22.67
C TYR A 1220 0.83 -32.32 -21.24
N GLY A 1221 2.11 -32.08 -20.94
CA GLY A 1221 2.57 -31.68 -19.62
C GLY A 1221 2.56 -32.81 -18.61
N GLN A 1222 2.57 -34.06 -19.10
CA GLN A 1222 2.52 -35.24 -18.23
C GLN A 1222 3.91 -35.75 -17.87
N THR A 1223 4.17 -35.89 -16.57
CA THR A 1223 5.43 -36.36 -16.03
C THR A 1223 5.46 -37.90 -15.92
N PRO A 1224 6.62 -38.57 -15.71
CA PRO A 1224 6.62 -40.04 -15.56
C PRO A 1224 5.71 -40.52 -14.42
N LEU A 1225 5.55 -39.70 -13.36
CA LEU A 1225 4.65 -39.98 -12.24
C LEU A 1225 3.18 -40.01 -12.69
N HIS A 1226 2.79 -39.15 -13.67
CA HIS A 1226 1.43 -39.14 -14.25
C HIS A 1226 1.15 -40.47 -15.00
N LEU A 1227 2.21 -41.10 -15.55
CA LEU A 1227 2.11 -42.36 -16.30
C LEU A 1227 2.21 -43.58 -15.36
N ALA A 1228 2.95 -43.45 -14.24
CA ALA A 1228 3.11 -44.51 -13.23
C ALA A 1228 1.93 -44.58 -12.23
N ALA A 1229 1.01 -43.62 -12.27
CA ALA A 1229 -0.17 -43.64 -11.42
C ALA A 1229 -1.35 -44.19 -12.24
N PHE A 1230 -1.48 -43.74 -13.51
CA PHE A 1230 -2.52 -44.20 -14.44
C PHE A 1230 -2.32 -45.69 -14.84
N ARG A 1231 -1.08 -46.22 -14.72
CA ARG A 1231 -0.81 -47.62 -15.08
C ARG A 1231 -0.52 -48.54 -13.87
N GLY A 1232 -0.49 -48.00 -12.66
CA GLY A 1232 -0.27 -48.78 -11.45
C GLY A 1232 1.12 -49.36 -11.29
N HIS A 1233 2.07 -48.54 -10.83
CA HIS A 1233 3.45 -48.97 -10.63
C HIS A 1233 3.96 -48.46 -9.29
N LEU A 1234 3.63 -49.15 -8.19
CA LEU A 1234 3.98 -48.80 -6.81
C LEU A 1234 5.47 -48.51 -6.55
N GLU A 1235 6.35 -49.36 -7.06
CA GLU A 1235 7.80 -49.23 -6.88
C GLU A 1235 8.35 -48.05 -7.68
N ILE A 1236 7.85 -47.86 -8.92
CA ILE A 1236 8.26 -46.74 -9.77
C ILE A 1236 7.95 -45.41 -9.06
N VAL A 1237 6.69 -45.21 -8.64
CA VAL A 1237 6.20 -44.02 -7.94
C VAL A 1237 7.06 -43.64 -6.72
N GLU A 1238 7.40 -44.61 -5.85
CA GLU A 1238 8.19 -44.36 -4.64
C GLU A 1238 9.62 -43.90 -4.93
N VAL A 1239 10.30 -44.57 -5.86
CA VAL A 1239 11.67 -44.23 -6.26
C VAL A 1239 11.68 -42.86 -6.93
N LEU A 1240 10.65 -42.56 -7.76
CA LEU A 1240 10.44 -41.29 -8.45
C LEU A 1240 10.30 -40.17 -7.40
N LEU A 1241 9.47 -40.38 -6.37
CA LEU A 1241 9.21 -39.43 -5.29
C LEU A 1241 10.47 -39.15 -4.45
N LYS A 1242 11.31 -40.18 -4.21
CA LYS A 1242 12.58 -40.07 -3.47
C LYS A 1242 13.62 -39.29 -4.30
N THR A 1243 13.61 -39.49 -5.63
CA THR A 1243 14.49 -38.84 -6.60
C THR A 1243 14.23 -37.32 -6.65
N GLY A 1244 12.96 -36.94 -6.58
CA GLY A 1244 12.58 -35.53 -6.62
C GLY A 1244 11.40 -35.24 -7.51
N ALA A 1245 10.56 -36.26 -7.80
CA ALA A 1245 9.39 -36.06 -8.64
C ALA A 1245 8.34 -35.17 -7.96
N ASP A 1246 7.70 -34.33 -8.78
CA ASP A 1246 6.68 -33.41 -8.31
C ASP A 1246 5.41 -34.23 -8.11
N VAL A 1247 5.06 -34.49 -6.84
CA VAL A 1247 3.88 -35.23 -6.46
C VAL A 1247 2.59 -34.51 -6.91
N ASN A 1248 2.63 -33.15 -6.95
CA ASN A 1248 1.54 -32.27 -7.37
C ASN A 1248 1.77 -31.69 -8.76
N ALA A 1249 2.36 -32.49 -9.66
CA ALA A 1249 2.62 -32.05 -11.01
C ALA A 1249 1.29 -31.95 -11.74
N GLN A 1250 1.03 -30.79 -12.37
CA GLN A 1250 -0.21 -30.60 -13.10
C GLN A 1250 0.09 -30.73 -14.58
N ASP A 1251 -0.76 -31.45 -15.34
CA ASP A 1251 -0.58 -31.55 -16.77
C ASP A 1251 -1.22 -30.29 -17.47
N VAL A 1252 -1.42 -30.31 -18.79
CA VAL A 1252 -2.01 -29.20 -19.51
C VAL A 1252 -3.45 -28.89 -18.99
N THR A 1253 -4.16 -29.91 -18.47
CA THR A 1253 -5.51 -29.77 -17.93
C THR A 1253 -5.55 -29.63 -16.39
N GLY A 1254 -4.42 -29.35 -15.75
CA GLY A 1254 -4.36 -29.22 -14.29
C GLY A 1254 -4.51 -30.51 -13.52
N THR A 1255 -4.48 -31.66 -14.21
CA THR A 1255 -4.64 -32.98 -13.61
C THR A 1255 -3.36 -33.47 -12.94
N THR A 1256 -3.43 -33.76 -11.63
CA THR A 1256 -2.30 -34.28 -10.86
C THR A 1256 -2.26 -35.83 -10.90
N PRO A 1257 -1.16 -36.50 -10.48
CA PRO A 1257 -1.15 -37.97 -10.49
C PRO A 1257 -2.21 -38.57 -9.55
N LEU A 1258 -2.52 -37.88 -8.43
CA LEU A 1258 -3.56 -38.28 -7.47
C LEU A 1258 -4.93 -38.32 -8.14
N HIS A 1259 -5.21 -37.37 -9.07
CA HIS A 1259 -6.46 -37.32 -9.84
C HIS A 1259 -6.60 -38.61 -10.64
N LEU A 1260 -5.51 -39.05 -11.29
CA LEU A 1260 -5.45 -40.26 -12.13
C LEU A 1260 -5.52 -41.55 -11.29
N ALA A 1261 -4.96 -41.54 -10.07
CA ALA A 1261 -5.00 -42.72 -9.21
C ALA A 1261 -6.45 -42.95 -8.74
N ALA A 1262 -7.14 -41.86 -8.34
CA ALA A 1262 -8.53 -41.86 -7.88
C ALA A 1262 -9.50 -42.16 -9.03
N ALA A 1263 -9.20 -41.66 -10.24
CA ALA A 1263 -10.05 -41.91 -11.40
C ALA A 1263 -9.89 -43.29 -12.00
N VAL A 1264 -8.84 -44.06 -11.61
CA VAL A 1264 -8.64 -45.40 -12.17
C VAL A 1264 -8.90 -46.51 -11.13
N GLY A 1265 -8.22 -46.46 -9.98
CA GLY A 1265 -8.43 -47.46 -8.94
C GLY A 1265 -7.21 -48.16 -8.39
N HIS A 1266 -6.21 -47.39 -7.91
CA HIS A 1266 -4.99 -47.93 -7.31
C HIS A 1266 -4.82 -47.35 -5.88
N LEU A 1267 -5.24 -48.10 -4.85
CA LEU A 1267 -5.18 -47.64 -3.45
C LEU A 1267 -3.74 -47.60 -2.90
N ASP A 1268 -2.87 -48.46 -3.43
CA ASP A 1268 -1.45 -48.52 -3.04
C ASP A 1268 -0.74 -47.19 -3.39
N ILE A 1269 -0.99 -46.69 -4.61
CA ILE A 1269 -0.46 -45.44 -5.13
C ILE A 1269 -0.99 -44.25 -4.32
N VAL A 1270 -2.31 -44.25 -4.00
CA VAL A 1270 -2.96 -43.17 -3.24
C VAL A 1270 -2.33 -42.99 -1.85
N GLU A 1271 -2.02 -44.09 -1.15
CA GLU A 1271 -1.41 -43.99 0.18
C GLU A 1271 0.01 -43.42 0.09
N VAL A 1272 0.75 -43.78 -0.96
CA VAL A 1272 2.12 -43.32 -1.21
C VAL A 1272 2.12 -41.82 -1.54
N LEU A 1273 1.24 -41.41 -2.48
CA LEU A 1273 1.10 -40.03 -2.91
C LEU A 1273 0.71 -39.12 -1.74
N LEU A 1274 -0.32 -39.51 -0.95
CA LEU A 1274 -0.78 -38.73 0.21
C LEU A 1274 0.31 -38.60 1.29
N LYS A 1275 1.16 -39.64 1.45
CA LYS A 1275 2.27 -39.65 2.41
C LYS A 1275 3.37 -38.69 1.93
N ALA A 1276 3.65 -38.69 0.60
CA ALA A 1276 4.65 -37.84 -0.06
C ALA A 1276 4.27 -36.34 -0.04
N GLY A 1277 2.98 -36.05 0.02
CA GLY A 1277 2.51 -34.68 0.09
C GLY A 1277 1.56 -34.28 -1.02
N ALA A 1278 0.79 -35.25 -1.57
CA ALA A 1278 -0.18 -34.93 -2.61
C ALA A 1278 -1.29 -34.06 -2.05
N ASP A 1279 -1.70 -33.03 -2.79
CA ASP A 1279 -2.78 -32.12 -2.40
C ASP A 1279 -4.08 -32.87 -2.66
N VAL A 1280 -4.79 -33.23 -1.57
CA VAL A 1280 -6.03 -34.01 -1.64
C VAL A 1280 -7.20 -33.21 -2.27
N ASN A 1281 -7.14 -31.86 -2.20
CA ASN A 1281 -8.17 -30.96 -2.77
C ASN A 1281 -7.67 -30.24 -4.03
N ALA A 1282 -6.75 -30.87 -4.78
CA ALA A 1282 -6.21 -30.28 -6.00
C ALA A 1282 -7.31 -30.25 -7.05
N GLN A 1283 -7.50 -29.11 -7.71
CA GLN A 1283 -8.56 -28.99 -8.70
C GLN A 1283 -8.04 -28.96 -10.13
N ASP A 1284 -8.61 -29.79 -11.01
CA ASP A 1284 -8.22 -29.79 -12.41
C ASP A 1284 -8.90 -28.60 -13.17
N TRP A 1285 -8.81 -28.57 -14.50
CA TRP A 1285 -9.36 -27.47 -15.30
C TRP A 1285 -10.88 -27.35 -15.20
N HIS A 1286 -11.60 -28.42 -14.81
CA HIS A 1286 -13.05 -28.32 -14.63
C HIS A 1286 -13.47 -28.21 -13.16
N GLY A 1287 -12.54 -27.85 -12.28
CA GLY A 1287 -12.81 -27.74 -10.85
C GLY A 1287 -12.93 -29.06 -10.13
N GLU A 1288 -12.67 -30.19 -10.83
CA GLU A 1288 -12.78 -31.52 -10.24
C GLU A 1288 -11.61 -31.85 -9.34
N THR A 1289 -11.92 -32.23 -8.10
CA THR A 1289 -10.93 -32.70 -7.14
C THR A 1289 -10.79 -34.24 -7.30
N PRO A 1290 -9.78 -34.90 -6.69
CA PRO A 1290 -9.70 -36.37 -6.82
C PRO A 1290 -10.94 -37.05 -6.19
N LEU A 1291 -11.55 -36.43 -5.13
CA LEU A 1291 -12.77 -36.93 -4.47
C LEU A 1291 -13.97 -36.93 -5.44
N HIS A 1292 -14.03 -35.93 -6.32
CA HIS A 1292 -15.05 -35.79 -7.36
C HIS A 1292 -14.94 -36.95 -8.33
N LEU A 1293 -13.70 -37.25 -8.77
CA LEU A 1293 -13.40 -38.28 -9.76
C LEU A 1293 -13.56 -39.69 -9.20
N ALA A 1294 -13.29 -39.88 -7.89
CA ALA A 1294 -13.43 -41.19 -7.27
C ALA A 1294 -14.92 -41.57 -7.18
N ALA A 1295 -15.77 -40.61 -6.76
CA ALA A 1295 -17.23 -40.79 -6.63
C ALA A 1295 -17.94 -40.93 -7.97
N HIS A 1296 -17.45 -40.25 -9.01
CA HIS A 1296 -18.04 -40.30 -10.34
C HIS A 1296 -17.76 -41.63 -11.03
N ARG A 1297 -16.57 -42.19 -10.82
CA ARG A 1297 -16.17 -43.44 -11.46
C ARG A 1297 -16.64 -44.69 -10.74
N GLY A 1298 -16.88 -44.60 -9.43
CA GLY A 1298 -17.34 -45.72 -8.65
C GLY A 1298 -16.23 -46.41 -7.88
N HIS A 1299 -15.70 -45.75 -6.84
CA HIS A 1299 -14.63 -46.31 -6.01
C HIS A 1299 -14.91 -46.02 -4.53
N LEU A 1300 -15.65 -46.92 -3.86
CA LEU A 1300 -16.00 -46.73 -2.45
C LEU A 1300 -14.80 -46.67 -1.51
N GLU A 1301 -13.81 -47.57 -1.67
CA GLU A 1301 -12.61 -47.56 -0.82
C GLU A 1301 -11.82 -46.25 -0.97
N PHE A 1302 -11.88 -45.62 -2.15
CA PHE A 1302 -11.21 -44.37 -2.48
C PHE A 1302 -11.82 -43.19 -1.77
N VAL A 1303 -13.17 -43.06 -1.85
CA VAL A 1303 -13.90 -41.97 -1.21
C VAL A 1303 -13.64 -41.95 0.30
N GLU A 1304 -13.54 -43.13 0.95
CA GLU A 1304 -13.24 -43.23 2.38
C GLU A 1304 -11.81 -42.76 2.71
N VAL A 1305 -10.81 -43.22 1.92
CA VAL A 1305 -9.39 -42.84 2.11
C VAL A 1305 -9.19 -41.33 1.89
N LEU A 1306 -9.77 -40.80 0.81
CA LEU A 1306 -9.71 -39.38 0.48
C LEU A 1306 -10.38 -38.56 1.59
N LEU A 1307 -11.61 -38.93 2.01
CA LEU A 1307 -12.35 -38.26 3.09
C LEU A 1307 -11.57 -38.27 4.41
N LYS A 1308 -10.88 -39.39 4.72
CA LYS A 1308 -10.07 -39.54 5.93
C LYS A 1308 -8.84 -38.61 5.86
N HIS A 1309 -8.24 -38.51 4.66
CA HIS A 1309 -7.07 -37.66 4.46
C HIS A 1309 -7.37 -36.15 4.32
N GLY A 1310 -8.64 -35.77 4.37
CA GLY A 1310 -9.00 -34.36 4.34
C GLY A 1310 -9.68 -33.85 3.07
N ALA A 1311 -10.30 -34.73 2.29
CA ALA A 1311 -10.99 -34.29 1.07
C ALA A 1311 -12.22 -33.46 1.43
N ASP A 1312 -12.34 -32.26 0.85
CA ASP A 1312 -13.49 -31.38 1.08
C ASP A 1312 -14.71 -31.99 0.42
N VAL A 1313 -15.66 -32.47 1.22
CA VAL A 1313 -16.86 -33.14 0.72
C VAL A 1313 -17.85 -32.16 0.02
N ASN A 1314 -17.77 -30.86 0.35
CA ASN A 1314 -18.63 -29.85 -0.26
C ASN A 1314 -17.89 -28.96 -1.27
N ALA A 1315 -16.87 -29.52 -1.94
CA ALA A 1315 -16.09 -28.81 -2.95
C ALA A 1315 -16.89 -28.82 -4.23
N GLN A 1316 -17.08 -27.65 -4.83
CA GLN A 1316 -17.88 -27.56 -6.05
C GLN A 1316 -17.04 -27.49 -7.30
N ASP A 1317 -17.40 -28.28 -8.31
CA ASP A 1317 -16.71 -28.23 -9.60
C ASP A 1317 -17.23 -27.02 -10.41
N CYS A 1318 -16.82 -26.88 -11.69
CA CYS A 1318 -17.26 -25.75 -12.52
C CYS A 1318 -18.76 -25.77 -12.83
N PHE A 1319 -19.38 -26.95 -12.81
CA PHE A 1319 -20.83 -27.06 -13.00
C PHE A 1319 -21.60 -27.05 -11.65
N GLY A 1320 -21.01 -26.46 -10.62
CA GLY A 1320 -21.60 -26.32 -9.29
C GLY A 1320 -21.76 -27.60 -8.47
N LYS A 1321 -21.63 -28.77 -9.12
CA LYS A 1321 -21.78 -30.09 -8.52
C LYS A 1321 -20.67 -30.42 -7.51
N THR A 1322 -21.07 -30.98 -6.37
CA THR A 1322 -20.14 -31.47 -5.34
C THR A 1322 -19.84 -32.98 -5.62
N PRO A 1323 -18.88 -33.64 -4.91
CA PRO A 1323 -18.65 -35.07 -5.17
C PRO A 1323 -19.90 -35.93 -4.95
N PHE A 1324 -20.80 -35.50 -4.03
CA PHE A 1324 -22.08 -36.15 -3.75
C PHE A 1324 -23.01 -36.14 -4.98
N ASP A 1325 -23.15 -34.97 -5.65
CA ASP A 1325 -23.99 -34.83 -6.83
C ASP A 1325 -23.50 -35.65 -8.01
N LEU A 1326 -22.16 -35.83 -8.13
CA LEU A 1326 -21.59 -36.63 -9.22
C LEU A 1326 -21.91 -38.13 -9.09
N ALA A 1327 -22.10 -38.61 -7.85
CA ALA A 1327 -22.44 -40.00 -7.56
C ALA A 1327 -23.89 -40.27 -7.95
N ILE A 1328 -24.80 -39.32 -7.67
CA ILE A 1328 -26.23 -39.41 -7.97
C ILE A 1328 -26.50 -39.48 -9.47
N ASP A 1329 -25.75 -38.70 -10.26
CA ASP A 1329 -25.93 -38.68 -11.71
C ASP A 1329 -25.37 -39.94 -12.41
N ASN A 1330 -24.50 -40.71 -11.74
CA ASN A 1330 -23.89 -41.90 -12.33
C ASN A 1330 -24.43 -43.24 -11.82
N GLY A 1331 -25.30 -43.22 -10.81
CA GLY A 1331 -25.86 -44.44 -10.25
C GLY A 1331 -25.01 -45.06 -9.17
N ASN A 1332 -24.51 -44.23 -8.25
CA ASN A 1332 -23.69 -44.70 -7.15
C ASN A 1332 -24.32 -44.28 -5.83
N GLU A 1333 -25.52 -44.83 -5.55
CA GLU A 1333 -26.28 -44.53 -4.33
C GLU A 1333 -25.52 -44.93 -3.06
N ASP A 1334 -24.70 -45.98 -3.13
CA ASP A 1334 -23.87 -46.44 -2.01
C ASP A 1334 -22.76 -45.43 -1.68
N ILE A 1335 -22.23 -44.73 -2.69
CA ILE A 1335 -21.22 -43.71 -2.51
C ILE A 1335 -21.89 -42.44 -1.96
N ALA A 1336 -23.02 -42.05 -2.57
CA ALA A 1336 -23.81 -40.89 -2.20
C ALA A 1336 -24.16 -40.83 -0.72
N GLU A 1337 -24.57 -41.97 -0.12
CA GLU A 1337 -24.93 -41.99 1.30
C GLU A 1337 -23.71 -41.85 2.22
N VAL A 1338 -22.52 -42.25 1.76
CA VAL A 1338 -21.29 -42.12 2.55
C VAL A 1338 -20.90 -40.65 2.63
N LEU A 1339 -21.00 -39.93 1.50
CA LEU A 1339 -20.68 -38.51 1.41
C LEU A 1339 -21.72 -37.64 2.12
N GLN A 1340 -23.00 -38.09 2.16
CA GLN A 1340 -24.07 -37.38 2.84
C GLN A 1340 -23.86 -37.38 4.36
N LYS A 1341 -23.41 -38.52 4.91
CA LYS A 1341 -23.12 -38.66 6.34
C LYS A 1341 -21.87 -37.85 6.74
N ALA A 1342 -20.91 -37.70 5.81
CA ALA A 1342 -19.69 -36.93 6.02
C ALA A 1342 -19.95 -35.43 5.99
N ALA A 1343 -20.96 -34.98 5.20
CA ALA A 1343 -21.32 -33.57 5.07
C ALA A 1343 -22.04 -33.02 6.31
N LYS A 1344 -22.78 -33.88 7.03
CA LYS A 1344 -23.51 -33.46 8.22
C LYS A 1344 -22.92 -34.01 9.52
N LEU A 1345 -21.62 -34.33 9.53
CA LEU A 1345 -20.96 -34.85 10.72
C LEU A 1345 -20.42 -33.70 11.57
CBH 1Y6 B 1 0.63 -40.90 -24.61
OAF 1Y6 B 1 0.78 -39.80 -25.12
CBJ 1Y6 B 1 1.82 -41.68 -24.17
CAP 1Y6 B 1 2.28 -41.58 -22.87
CAN 1Y6 B 1 3.43 -42.24 -22.45
CBI 1Y6 B 1 4.09 -43.01 -23.36
FAM 1Y6 B 1 5.23 -43.65 -22.97
CAO 1Y6 B 1 3.67 -43.17 -24.65
CAQ 1Y6 B 1 2.53 -42.50 -25.06
N PRO B 2 -0.59 -41.42 -24.43
CA PRO B 2 -1.80 -40.68 -24.81
C PRO B 2 -2.17 -39.60 -23.80
N HPE B 3 -3.14 -38.74 -24.16
CA HPE B 3 -3.65 -37.74 -23.23
C HPE B 3 -4.59 -38.34 -22.18
O HPE B 3 -5.73 -38.67 -22.49
CB HPE B 3 -4.32 -36.59 -23.97
CG HPE B 3 -4.12 -35.26 -23.25
CD HPE B 3 -5.31 -34.29 -23.29
CE1 HPE B 3 -4.93 -32.93 -22.70
CE2 HPE B 3 -5.88 -34.11 -24.69
CZ1 HPE B 3 -5.42 -31.75 -23.54
CZ2 HPE B 3 -7.11 -33.20 -24.71
CH HPE B 3 -6.88 -31.90 -23.94
N LEU B 4 -4.08 -38.47 -20.95
CA LEU B 4 -4.78 -39.23 -19.91
C LEU B 4 -5.96 -38.49 -19.27
N AIB B 5 -6.11 -37.19 -19.55
CA AIB B 5 -7.07 -36.30 -18.90
C AIB B 5 -8.52 -36.80 -19.09
O AIB B 5 -9.29 -36.87 -18.14
CB1 AIB B 5 -6.75 -36.22 -17.40
CB2 AIB B 5 -6.96 -34.91 -19.52
N LEU B 6 -8.87 -37.12 -20.35
CA LEU B 6 -10.22 -37.55 -20.69
C LEU B 6 -10.40 -39.07 -20.63
N LEU B 7 -9.30 -39.83 -20.59
CA LEU B 7 -9.32 -41.25 -20.29
C LEU B 7 -9.72 -41.50 -18.83
N AIB B 8 -9.17 -40.67 -17.92
CA AIB B 8 -9.48 -40.71 -16.49
C AIB B 8 -10.98 -40.43 -16.23
O AIB B 8 -11.62 -41.14 -15.48
CB1 AIB B 8 -9.10 -42.07 -15.90
CB2 AIB B 8 -8.69 -39.60 -15.78
N AIB B 9 -11.49 -39.35 -16.85
CA AIB B 9 -12.88 -38.88 -16.72
C AIB B 9 -13.86 -40.04 -17.01
O AIB B 9 -14.46 -40.58 -16.09
CB1 AIB B 9 -13.10 -38.36 -15.29
CB2 AIB B 9 -13.10 -37.75 -17.73
N BAL B 10 -13.96 -40.45 -18.28
CB BAL B 10 -13.86 -41.85 -18.65
CA BAL B 10 -15.15 -42.62 -18.45
C BAL B 10 -14.96 -44.06 -18.84
O BAL B 10 -14.93 -44.95 -17.99
C19 KQ9 B 11 -13.59 -45.08 -20.69
C20 KQ9 B 11 -14.20 -46.49 -20.75
C21 KQ9 B 11 -14.26 -48.17 -22.56
C22 KQ9 B 11 -16.25 -46.96 -22.02
C23 KQ9 B 11 -12.19 -45.19 -20.03
N7 KQ9 B 11 -14.70 -44.28 -20.14
C25 KQ9 B 11 -12.87 -44.72 -22.01
C24 KQ9 B 11 -11.60 -44.41 -21.22
N8 KQ9 B 11 -14.80 -46.90 -22.09
MN MN C . -30.53 26.48 15.29
MN MN D . 16.03 -7.34 3.71
MN MN E . 6.90 6.67 -19.27
MN MN F . 28.36 -8.71 -1.10
C1 MPD G . 26.25 6.06 -33.45
C2 MPD G . 25.51 4.97 -32.70
O2 MPD G . 24.32 4.63 -33.43
CM MPD G . 25.05 5.48 -31.34
C3 MPD G . 26.45 3.71 -32.53
C4 MPD G . 25.81 2.48 -31.83
O4 MPD G . 25.05 1.69 -32.77
C5 MPD G . 26.88 1.63 -31.21
C1 MPD H . 6.58 22.61 15.14
C2 MPD H . 5.37 23.49 14.87
O2 MPD H . 5.20 23.48 13.45
CM MPD H . 5.65 24.94 15.25
C3 MPD H . 4.02 23.03 15.58
C4 MPD H . 3.99 21.75 16.47
O4 MPD H . 4.38 22.07 17.81
C5 MPD H . 2.62 21.11 16.50
C1 MPD I . -18.95 11.66 -26.98
C2 MPD I . -19.12 10.53 -25.97
O2 MPD I . -17.99 10.60 -25.09
CM MPD I . -19.01 9.18 -26.64
C3 MPD I . -20.45 10.69 -25.14
C4 MPD I . -21.75 9.93 -25.60
O4 MPD I . -21.91 8.73 -24.83
C5 MPD I . -23.01 10.77 -25.50
C1 MPD J . 24.46 4.52 -4.45
C2 MPD J . 24.29 3.01 -4.53
O2 MPD J . 25.01 2.57 -5.70
CM MPD J . 22.84 2.64 -4.74
C3 MPD J . 24.88 2.28 -3.27
C4 MPD J . 24.06 2.32 -1.94
O4 MPD J . 23.91 1.02 -1.35
C5 MPD J . 24.65 3.27 -0.93
O1 MES K . 36.25 -5.49 -1.85
C2 MES K . 35.75 -6.77 -2.29
C3 MES K . 35.06 -6.66 -3.62
N4 MES K . 33.95 -5.66 -3.55
C5 MES K . 34.46 -4.34 -3.04
C6 MES K . 35.18 -4.54 -1.73
C7 MES K . 33.24 -5.56 -4.88
C8 MES K . 32.38 -4.34 -5.09
S MES K . 31.00 -4.79 -6.12
O1S MES K . 31.47 -5.80 -7.03
O2S MES K . 30.58 -3.57 -6.80
O3S MES K . 29.98 -5.30 -5.21
CL CL L . -28.69 6.58 -13.96
CL CL M . -15.85 -24.46 -18.33
CL CL N . -33.82 1.41 -7.63
CL CL O . 25.17 -1.76 -11.45
CL CL P . 9.06 -11.63 -27.96
#